data_2LXF
#
_entry.id   2LXF
#
_entity_poly.entity_id   1
_entity_poly.type   'polypeptide(L)'
_entity_poly.pdbx_seq_one_letter_code
;MAHHHHHHMGTLEAQTQGPGSMQGSMPSSSEDVTTLCYRVTGKVQGVFFRKYTKKEADALSLVGYVTNNEDGSVSGVVQG
PKEQVDAFVKYLHKGSPKSVVKKVSIHASSRVDADGFEIRR
;
_entity_poly.pdbx_strand_id   A
#
# COMPACT_ATOMS: atom_id res chain seq x y z
N MET A 1 -25.82 49.22 -50.62
CA MET A 1 -26.64 48.10 -50.08
C MET A 1 -26.13 47.68 -48.70
N ALA A 2 -26.83 48.11 -47.66
CA ALA A 2 -26.50 47.72 -46.30
C ALA A 2 -27.09 46.35 -46.01
N HIS A 3 -26.26 45.42 -45.54
CA HIS A 3 -26.69 44.07 -45.27
C HIS A 3 -25.85 43.45 -44.16
N HIS A 4 -26.50 43.06 -43.07
CA HIS A 4 -25.81 42.43 -41.94
C HIS A 4 -26.35 41.02 -41.73
N HIS A 5 -25.53 40.16 -41.13
CA HIS A 5 -25.91 38.76 -40.94
C HIS A 5 -26.00 38.43 -39.45
N HIS A 6 -26.89 37.51 -39.09
CA HIS A 6 -27.13 37.13 -37.70
C HIS A 6 -26.24 35.98 -37.27
N HIS A 7 -26.34 35.60 -35.99
CA HIS A 7 -25.58 34.47 -35.44
C HIS A 7 -26.32 33.92 -34.22
N HIS A 8 -26.28 32.60 -34.05
CA HIS A 8 -26.97 31.95 -32.94
C HIS A 8 -26.43 30.54 -32.71
N MET A 9 -26.45 30.10 -31.46
CA MET A 9 -26.02 28.75 -31.09
C MET A 9 -26.90 28.21 -29.96
N GLY A 10 -26.70 26.94 -29.60
CA GLY A 10 -27.44 26.33 -28.51
C GLY A 10 -26.56 25.99 -27.34
N THR A 11 -27.02 25.07 -26.48
CA THR A 11 -26.28 24.67 -25.29
C THR A 11 -26.32 23.15 -25.10
N LEU A 12 -25.70 22.66 -24.03
CA LEU A 12 -25.62 21.22 -23.76
C LEU A 12 -26.21 20.89 -22.39
N GLU A 13 -27.24 20.06 -22.38
CA GLU A 13 -27.87 19.61 -21.14
C GLU A 13 -27.11 18.39 -20.60
N ALA A 14 -26.31 18.61 -19.55
CA ALA A 14 -25.46 17.56 -18.99
C ALA A 14 -26.23 16.61 -18.09
N GLN A 15 -25.53 15.64 -17.51
CA GLN A 15 -26.13 14.62 -16.65
C GLN A 15 -25.41 14.54 -15.31
N THR A 16 -26.15 14.17 -14.27
CA THR A 16 -25.57 13.94 -12.95
C THR A 16 -25.33 12.45 -12.74
N GLN A 17 -24.06 12.05 -12.69
CA GLN A 17 -23.70 10.63 -12.57
C GLN A 17 -23.98 10.11 -11.15
N GLY A 18 -24.84 9.11 -11.05
CA GLY A 18 -25.21 8.56 -9.75
C GLY A 18 -24.15 7.65 -9.16
N PRO A 19 -24.36 7.15 -7.93
CA PRO A 19 -23.43 6.25 -7.25
C PRO A 19 -23.81 4.78 -7.42
N GLY A 20 -23.35 3.95 -6.48
CA GLY A 20 -23.64 2.54 -6.49
C GLY A 20 -23.62 1.97 -5.09
N SER A 21 -23.87 0.68 -4.93
CA SER A 21 -23.89 0.06 -3.61
C SER A 21 -23.51 -1.43 -3.69
N MET A 22 -22.34 -1.74 -3.18
CA MET A 22 -21.87 -3.13 -3.03
C MET A 22 -21.04 -3.22 -1.74
N GLN A 23 -20.38 -4.35 -1.52
CA GLN A 23 -19.46 -4.49 -0.38
C GLN A 23 -18.83 -5.88 -0.38
N GLY A 24 -17.59 -5.97 0.08
CA GLY A 24 -16.89 -7.25 0.17
C GLY A 24 -15.81 -7.22 1.23
N SER A 25 -15.98 -8.02 2.28
CA SER A 25 -15.04 -8.04 3.39
C SER A 25 -14.96 -9.43 4.02
N MET A 26 -13.75 -9.99 4.07
CA MET A 26 -13.49 -11.26 4.73
C MET A 26 -12.18 -11.19 5.52
N PRO A 27 -12.21 -11.42 6.83
CA PRO A 27 -10.99 -11.53 7.63
C PRO A 27 -10.34 -12.89 7.43
N SER A 28 -9.25 -12.90 6.69
CA SER A 28 -8.54 -14.14 6.37
C SER A 28 -7.22 -14.22 7.14
N SER A 29 -6.58 -15.38 7.05
CA SER A 29 -5.28 -15.58 7.68
C SER A 29 -4.27 -16.04 6.63
N SER A 30 -4.71 -16.17 5.39
CA SER A 30 -3.88 -16.63 4.29
C SER A 30 -2.76 -15.62 3.99
N GLU A 31 -1.58 -16.14 3.67
CA GLU A 31 -0.41 -15.31 3.37
C GLU A 31 -0.72 -14.22 2.33
N ASP A 32 -1.71 -14.48 1.48
CA ASP A 32 -2.02 -13.60 0.36
C ASP A 32 -2.61 -12.25 0.80
N VAL A 33 -3.21 -12.22 2.00
CA VAL A 33 -3.86 -10.98 2.47
C VAL A 33 -2.82 -9.87 2.66
N THR A 34 -2.84 -8.92 1.75
CA THR A 34 -1.86 -7.84 1.68
C THR A 34 -2.42 -6.56 2.31
N THR A 35 -1.51 -5.70 2.77
CA THR A 35 -1.89 -4.41 3.36
C THR A 35 -0.81 -3.36 3.10
N LEU A 36 -1.23 -2.19 2.64
CA LEU A 36 -0.33 -1.05 2.48
C LEU A 36 -1.07 0.24 2.81
N CYS A 37 -0.36 1.20 3.39
CA CYS A 37 -0.93 2.50 3.72
C CYS A 37 -0.85 3.43 2.52
N TYR A 38 -1.93 4.18 2.29
CA TYR A 38 -2.02 5.09 1.15
C TYR A 38 -2.02 6.54 1.62
N ARG A 39 -1.39 7.40 0.84
CA ARG A 39 -1.41 8.84 1.07
C ARG A 39 -1.16 9.57 -0.25
N VAL A 40 -2.18 10.24 -0.74
CA VAL A 40 -2.08 10.96 -2.01
C VAL A 40 -2.22 12.46 -1.78
N THR A 41 -1.50 13.23 -2.58
CA THR A 41 -1.57 14.68 -2.53
C THR A 41 -2.39 15.17 -3.72
N GLY A 42 -3.14 16.26 -3.54
CA GLY A 42 -4.03 16.71 -4.61
C GLY A 42 -4.03 18.21 -4.78
N LYS A 43 -4.53 18.64 -5.94
CA LYS A 43 -4.69 20.05 -6.25
C LYS A 43 -5.78 20.65 -5.36
N VAL A 44 -5.63 21.92 -5.01
CA VAL A 44 -6.63 22.60 -4.19
C VAL A 44 -7.78 23.06 -5.07
N GLN A 45 -8.63 22.11 -5.43
CA GLN A 45 -9.72 22.35 -6.37
C GLN A 45 -11.00 21.65 -5.89
N GLY A 46 -10.88 20.36 -5.61
CA GLY A 46 -12.01 19.58 -5.15
C GLY A 46 -11.58 18.36 -4.36
N VAL A 47 -12.43 17.88 -3.46
CA VAL A 47 -12.10 16.75 -2.61
C VAL A 47 -12.24 15.41 -3.35
N PHE A 48 -11.78 14.36 -2.70
CA PHE A 48 -11.77 13.01 -3.28
C PHE A 48 -13.18 12.40 -3.23
N PHE A 49 -13.66 11.93 -4.38
CA PHE A 49 -15.02 11.36 -4.48
C PHE A 49 -15.14 10.04 -3.74
N ARG A 50 -15.62 10.09 -2.50
CA ARG A 50 -15.96 8.89 -1.73
C ARG A 50 -16.88 7.97 -2.55
N LYS A 51 -17.66 8.58 -3.44
CA LYS A 51 -18.53 7.84 -4.35
C LYS A 51 -17.72 6.75 -5.09
N TYR A 52 -16.84 7.20 -5.98
CA TYR A 52 -16.07 6.30 -6.83
C TYR A 52 -15.05 5.50 -6.02
N THR A 53 -14.55 6.10 -4.94
CA THR A 53 -13.59 5.44 -4.07
C THR A 53 -14.22 4.21 -3.40
N LYS A 54 -15.39 4.40 -2.79
CA LYS A 54 -16.05 3.31 -2.09
C LYS A 54 -16.59 2.30 -3.10
N LYS A 55 -17.08 2.77 -4.25
CA LYS A 55 -17.51 1.87 -5.32
C LYS A 55 -16.36 0.96 -5.74
N GLU A 56 -15.17 1.55 -5.85
CA GLU A 56 -13.96 0.80 -6.22
C GLU A 56 -13.68 -0.28 -5.17
N ALA A 57 -13.61 0.16 -3.91
CA ALA A 57 -13.32 -0.76 -2.81
C ALA A 57 -14.38 -1.85 -2.70
N ASP A 58 -15.64 -1.48 -2.85
CA ASP A 58 -16.75 -2.43 -2.73
C ASP A 58 -16.72 -3.44 -3.86
N ALA A 59 -16.37 -2.97 -5.06
CA ALA A 59 -16.33 -3.82 -6.25
C ALA A 59 -15.17 -4.82 -6.16
N LEU A 60 -14.00 -4.33 -5.81
CA LEU A 60 -12.79 -5.16 -5.75
C LEU A 60 -12.62 -5.80 -4.37
N SER A 61 -13.50 -5.46 -3.43
CA SER A 61 -13.54 -6.09 -2.12
C SER A 61 -12.30 -5.73 -1.28
N LEU A 62 -11.91 -4.45 -1.32
CA LEU A 62 -10.85 -3.95 -0.45
C LEU A 62 -11.42 -3.51 0.89
N VAL A 63 -10.65 -3.74 1.95
CA VAL A 63 -11.01 -3.26 3.28
C VAL A 63 -9.91 -2.35 3.80
N GLY A 64 -10.23 -1.56 4.81
CA GLY A 64 -9.27 -0.61 5.36
C GLY A 64 -9.94 0.65 5.81
N TYR A 65 -9.35 1.81 5.48
CA TYR A 65 -9.92 3.09 5.88
C TYR A 65 -9.28 4.25 5.13
N VAL A 66 -10.06 5.30 4.87
CA VAL A 66 -9.57 6.48 4.14
C VAL A 66 -10.11 7.76 4.79
N THR A 67 -9.29 8.82 4.77
CA THR A 67 -9.67 10.14 5.26
C THR A 67 -8.81 11.22 4.62
N ASN A 68 -9.28 12.46 4.68
CA ASN A 68 -8.49 13.61 4.23
C ASN A 68 -7.77 14.21 5.43
N ASN A 69 -6.65 14.88 5.18
CA ASN A 69 -5.85 15.45 6.26
C ASN A 69 -5.77 16.97 6.13
N GLU A 70 -5.46 17.63 7.25
CA GLU A 70 -5.28 19.07 7.27
C GLU A 70 -4.07 19.46 6.41
N ASP A 71 -3.19 18.49 6.19
CA ASP A 71 -2.05 18.66 5.30
C ASP A 71 -2.52 18.87 3.86
N GLY A 72 -3.76 18.46 3.60
CA GLY A 72 -4.33 18.56 2.28
C GLY A 72 -4.45 17.20 1.62
N SER A 73 -3.47 16.35 1.90
CA SER A 73 -3.40 15.02 1.31
C SER A 73 -4.51 14.11 1.86
N VAL A 74 -4.91 13.13 1.05
CA VAL A 74 -5.87 12.11 1.44
C VAL A 74 -5.13 10.82 1.77
N SER A 75 -5.24 10.35 3.01
CA SER A 75 -4.49 9.20 3.46
C SER A 75 -5.42 8.08 3.93
N GLY A 76 -4.85 6.92 4.21
CA GLY A 76 -5.62 5.78 4.65
C GLY A 76 -4.83 4.49 4.53
N VAL A 77 -5.52 3.35 4.60
CA VAL A 77 -4.88 2.05 4.46
C VAL A 77 -5.78 1.12 3.63
N VAL A 78 -5.15 0.36 2.71
CA VAL A 78 -5.85 -0.64 1.90
C VAL A 78 -5.37 -2.03 2.28
N GLN A 79 -6.33 -2.96 2.40
CA GLN A 79 -6.05 -4.35 2.73
C GLN A 79 -6.87 -5.26 1.82
N GLY A 80 -6.34 -6.43 1.51
CA GLY A 80 -7.05 -7.40 0.69
C GLY A 80 -6.10 -8.22 -0.15
N PRO A 81 -6.60 -9.02 -1.10
CA PRO A 81 -5.73 -9.77 -2.01
C PRO A 81 -4.75 -8.84 -2.72
N LYS A 82 -3.53 -9.34 -2.91
CA LYS A 82 -2.45 -8.57 -3.53
C LYS A 82 -2.95 -7.81 -4.75
N GLU A 83 -3.61 -8.51 -5.66
CA GLU A 83 -3.97 -7.95 -6.96
C GLU A 83 -5.08 -6.90 -6.84
N GLN A 84 -5.97 -7.07 -5.87
CA GLN A 84 -7.05 -6.10 -5.65
C GLN A 84 -6.49 -4.83 -5.01
N VAL A 85 -5.54 -4.98 -4.10
CA VAL A 85 -4.80 -3.83 -3.57
C VAL A 85 -4.13 -3.10 -4.74
N ASP A 86 -3.58 -3.89 -5.66
CA ASP A 86 -3.02 -3.36 -6.91
C ASP A 86 -4.09 -2.59 -7.67
N ALA A 87 -5.29 -3.18 -7.78
CA ALA A 87 -6.39 -2.53 -8.48
C ALA A 87 -6.69 -1.17 -7.87
N PHE A 88 -6.62 -1.10 -6.54
CA PHE A 88 -6.92 0.12 -5.82
C PHE A 88 -5.83 1.18 -6.05
N VAL A 89 -4.56 0.76 -6.03
CA VAL A 89 -3.46 1.71 -6.27
C VAL A 89 -3.48 2.20 -7.71
N LYS A 90 -3.87 1.33 -8.64
CA LYS A 90 -4.02 1.71 -10.04
C LYS A 90 -5.14 2.73 -10.17
N TYR A 91 -6.20 2.52 -9.40
CA TYR A 91 -7.28 3.50 -9.27
C TYR A 91 -6.74 4.80 -8.68
N LEU A 92 -5.89 4.66 -7.67
CA LEU A 92 -5.30 5.81 -6.97
C LEU A 92 -4.43 6.63 -7.93
N HIS A 93 -3.81 5.95 -8.90
CA HIS A 93 -3.00 6.62 -9.92
C HIS A 93 -3.89 7.53 -10.80
N LYS A 94 -5.15 7.13 -10.94
CA LYS A 94 -6.13 7.93 -11.68
C LYS A 94 -6.75 8.97 -10.74
N GLY A 95 -6.94 8.59 -9.49
CA GLY A 95 -7.59 9.43 -8.51
C GLY A 95 -9.05 9.69 -8.88
N SER A 96 -9.64 10.71 -8.27
CA SER A 96 -10.99 11.11 -8.63
C SER A 96 -10.93 11.97 -9.88
N PRO A 97 -11.90 11.81 -10.82
CA PRO A 97 -11.88 12.49 -12.13
C PRO A 97 -11.61 14.00 -12.04
N LYS A 98 -12.12 14.63 -10.98
CA LYS A 98 -12.02 16.09 -10.85
C LYS A 98 -11.02 16.50 -9.76
N SER A 99 -10.20 15.55 -9.32
CA SER A 99 -9.15 15.84 -8.35
C SER A 99 -7.78 15.62 -9.00
N VAL A 100 -7.12 16.69 -9.37
CA VAL A 100 -5.80 16.62 -9.99
C VAL A 100 -4.76 16.17 -8.95
N VAL A 101 -4.44 14.89 -8.96
CA VAL A 101 -3.48 14.32 -8.03
C VAL A 101 -2.07 14.84 -8.31
N LYS A 102 -1.39 15.28 -7.26
CA LYS A 102 -0.04 15.82 -7.36
C LYS A 102 0.98 14.69 -7.33
N LYS A 103 0.95 13.90 -6.26
CA LYS A 103 1.89 12.79 -6.06
C LYS A 103 1.25 11.74 -5.16
N VAL A 104 1.43 10.46 -5.52
CA VAL A 104 0.91 9.36 -4.72
C VAL A 104 2.03 8.76 -3.87
N SER A 105 1.71 8.39 -2.64
CA SER A 105 2.69 7.84 -1.71
C SER A 105 2.09 6.66 -0.95
N ILE A 106 2.72 5.51 -1.07
CA ILE A 106 2.25 4.28 -0.44
C ILE A 106 3.24 3.86 0.64
N HIS A 107 2.83 3.02 1.58
CA HIS A 107 3.73 2.57 2.65
C HIS A 107 3.52 1.09 2.94
N ALA A 108 4.62 0.43 3.27
CA ALA A 108 4.69 -1.03 3.41
C ALA A 108 3.95 -1.59 4.63
N SER A 109 3.20 -0.75 5.35
CA SER A 109 2.68 -1.13 6.67
C SER A 109 1.81 -2.37 6.60
N SER A 110 2.11 -3.32 7.48
CA SER A 110 1.48 -4.63 7.51
C SER A 110 0.02 -4.54 7.95
N ARG A 111 -0.65 -5.70 7.97
CA ARG A 111 -2.07 -5.83 8.27
C ARG A 111 -2.51 -4.97 9.45
N VAL A 112 -3.57 -4.22 9.22
CA VAL A 112 -4.23 -3.42 10.25
C VAL A 112 -5.71 -3.82 10.32
N ASP A 113 -6.45 -3.25 11.24
CA ASP A 113 -7.88 -3.55 11.35
C ASP A 113 -8.70 -2.45 10.67
N ALA A 114 -9.50 -2.85 9.68
CA ALA A 114 -10.29 -1.91 8.86
C ALA A 114 -11.20 -1.02 9.72
N ASP A 115 -11.49 0.17 9.23
CA ASP A 115 -12.28 1.15 9.98
C ASP A 115 -13.35 1.82 9.10
N GLY A 116 -13.00 2.11 7.84
CA GLY A 116 -13.99 2.69 6.92
C GLY A 116 -13.38 3.70 5.94
N PHE A 117 -13.86 3.68 4.70
CA PHE A 117 -13.40 4.62 3.70
C PHE A 117 -14.32 5.85 3.68
N GLU A 118 -13.82 7.00 4.11
CA GLU A 118 -14.61 8.22 4.08
C GLU A 118 -13.72 9.45 4.20
N ILE A 119 -13.77 10.32 3.19
CA ILE A 119 -12.96 11.54 3.19
C ILE A 119 -13.40 12.46 4.34
N ARG A 120 -12.82 12.22 5.50
CA ARG A 120 -13.07 13.02 6.69
C ARG A 120 -12.30 14.33 6.62
N ARG A 121 -12.96 15.40 7.03
CA ARG A 121 -12.44 16.75 6.88
C ARG A 121 -12.66 17.53 8.17
N MET A 1 60.47 -32.69 45.42
CA MET A 1 60.59 -33.31 44.09
C MET A 1 59.35 -34.13 43.76
N ALA A 2 58.38 -33.51 43.11
CA ALA A 2 57.13 -34.17 42.76
C ALA A 2 57.28 -34.94 41.45
N HIS A 3 58.22 -35.88 41.44
CA HIS A 3 58.49 -36.68 40.25
C HIS A 3 57.26 -37.54 39.91
N HIS A 4 56.44 -37.03 39.00
CA HIS A 4 55.22 -37.72 38.57
C HIS A 4 55.49 -38.54 37.32
N HIS A 5 54.55 -39.41 36.98
CA HIS A 5 54.67 -40.27 35.80
C HIS A 5 53.31 -40.39 35.12
N HIS A 6 53.34 -40.34 33.79
CA HIS A 6 52.12 -40.44 32.99
C HIS A 6 51.43 -41.78 33.24
N HIS A 7 50.22 -41.73 33.78
CA HIS A 7 49.52 -42.94 34.24
C HIS A 7 48.35 -43.32 33.34
N HIS A 8 48.25 -42.68 32.17
CA HIS A 8 47.26 -43.08 31.18
C HIS A 8 47.78 -44.28 30.40
N MET A 9 47.25 -45.46 30.72
CA MET A 9 47.67 -46.69 30.05
C MET A 9 47.23 -46.68 28.59
N GLY A 10 45.91 -46.60 28.36
CA GLY A 10 45.41 -46.56 27.00
C GLY A 10 43.89 -46.36 26.94
N THR A 11 43.44 -45.71 25.87
CA THR A 11 42.03 -45.56 25.57
C THR A 11 41.81 -45.62 24.06
N LEU A 12 41.09 -46.65 23.62
CA LEU A 12 40.77 -46.82 22.21
C LEU A 12 39.31 -46.39 21.97
N GLU A 13 39.14 -45.18 21.45
CA GLU A 13 37.82 -44.62 21.24
C GLU A 13 37.74 -43.92 19.87
N ALA A 14 36.62 -44.11 19.19
CA ALA A 14 36.37 -43.50 17.89
C ALA A 14 34.86 -43.49 17.62
N GLN A 15 34.47 -43.21 16.37
CA GLN A 15 33.07 -43.27 15.97
C GLN A 15 32.99 -43.62 14.49
N THR A 16 31.75 -43.62 13.97
CA THR A 16 31.52 -43.88 12.56
C THR A 16 30.30 -43.09 12.08
N GLN A 17 30.06 -43.08 10.77
CA GLN A 17 28.96 -42.33 10.18
C GLN A 17 27.95 -43.28 9.53
N GLY A 18 26.85 -42.72 9.05
CA GLY A 18 25.84 -43.49 8.35
C GLY A 18 25.46 -42.83 7.04
N PRO A 19 24.70 -43.54 6.16
CA PRO A 19 24.32 -43.01 4.85
C PRO A 19 23.38 -41.80 4.95
N GLY A 20 22.40 -41.89 5.84
CA GLY A 20 21.41 -40.83 5.97
C GLY A 20 20.41 -40.86 4.83
N SER A 21 20.85 -40.44 3.64
CA SER A 21 20.04 -40.44 2.41
C SER A 21 18.64 -39.84 2.62
N MET A 22 18.49 -38.99 3.63
CA MET A 22 17.21 -38.35 3.93
C MET A 22 17.04 -37.11 3.05
N GLN A 23 15.90 -37.04 2.36
CA GLN A 23 15.56 -35.91 1.51
C GLN A 23 14.06 -35.71 1.45
N GLY A 24 13.62 -34.47 1.27
CA GLY A 24 12.21 -34.18 1.15
C GLY A 24 11.74 -33.16 2.17
N SER A 25 11.79 -31.88 1.79
CA SER A 25 11.26 -30.81 2.62
C SER A 25 10.71 -29.70 1.74
N MET A 26 9.43 -29.38 1.92
CA MET A 26 8.75 -28.36 1.12
C MET A 26 8.65 -27.05 1.90
N PRO A 27 8.70 -25.90 1.20
CA PRO A 27 8.61 -24.57 1.82
C PRO A 27 7.16 -24.14 2.09
N SER A 28 7.00 -22.88 2.48
CA SER A 28 5.69 -22.33 2.78
C SER A 28 5.58 -20.91 2.21
N SER A 29 4.35 -20.48 1.90
CA SER A 29 4.10 -19.13 1.43
C SER A 29 4.30 -18.14 2.57
N SER A 30 4.54 -16.87 2.23
CA SER A 30 4.85 -15.84 3.23
C SER A 30 3.61 -15.01 3.56
N GLU A 31 2.99 -14.44 2.52
CA GLU A 31 1.89 -13.50 2.69
C GLU A 31 0.78 -13.79 1.67
N ASP A 32 -0.37 -14.24 2.15
CA ASP A 32 -1.54 -14.46 1.29
C ASP A 32 -2.32 -13.16 1.15
N VAL A 33 -2.28 -12.35 2.20
CA VAL A 33 -2.96 -11.06 2.21
C VAL A 33 -1.97 -9.93 1.94
N THR A 34 -2.45 -8.86 1.32
CA THR A 34 -1.65 -7.68 1.08
C THR A 34 -2.28 -6.48 1.79
N THR A 35 -1.44 -5.65 2.39
CA THR A 35 -1.90 -4.45 3.08
C THR A 35 -0.89 -3.33 2.87
N LEU A 36 -1.39 -2.15 2.52
CA LEU A 36 -0.55 -0.99 2.28
C LEU A 36 -1.24 0.27 2.81
N CYS A 37 -0.50 1.10 3.51
CA CYS A 37 -1.02 2.37 3.99
C CYS A 37 -0.83 3.43 2.91
N TYR A 38 -1.87 4.22 2.66
CA TYR A 38 -1.86 5.20 1.59
C TYR A 38 -1.86 6.62 2.13
N ARG A 39 -1.20 7.49 1.40
CA ARG A 39 -1.25 8.93 1.66
C ARG A 39 -0.99 9.66 0.35
N VAL A 40 -2.01 10.31 -0.20
CA VAL A 40 -1.88 10.98 -1.49
C VAL A 40 -2.17 12.47 -1.35
N THR A 41 -1.52 13.27 -2.18
CA THR A 41 -1.72 14.70 -2.20
C THR A 41 -2.63 15.08 -3.38
N GLY A 42 -3.42 16.14 -3.23
CA GLY A 42 -4.36 16.52 -4.27
C GLY A 42 -4.12 17.93 -4.78
N LYS A 43 -4.39 18.13 -6.08
CA LYS A 43 -4.23 19.44 -6.71
C LYS A 43 -5.23 20.43 -6.10
N VAL A 44 -6.41 19.92 -5.77
CA VAL A 44 -7.47 20.71 -5.13
C VAL A 44 -7.85 20.06 -3.81
N GLN A 45 -8.60 20.78 -2.98
CA GLN A 45 -9.05 20.24 -1.69
C GLN A 45 -10.07 19.11 -1.91
N GLY A 46 -10.76 19.14 -3.04
CA GLY A 46 -11.66 18.06 -3.41
C GLY A 46 -10.91 16.91 -4.05
N VAL A 47 -9.95 16.37 -3.31
CA VAL A 47 -9.04 15.33 -3.82
C VAL A 47 -9.79 14.06 -4.22
N PHE A 48 -10.64 13.59 -3.31
CA PHE A 48 -11.34 12.31 -3.49
C PHE A 48 -12.84 12.48 -3.32
N PHE A 49 -13.60 11.79 -4.15
CA PHE A 49 -15.05 11.74 -4.02
C PHE A 49 -15.44 10.45 -3.31
N ARG A 50 -16.04 10.59 -2.12
CA ARG A 50 -16.41 9.46 -1.26
C ARG A 50 -17.17 8.40 -2.04
N LYS A 51 -18.07 8.85 -2.91
CA LYS A 51 -18.91 7.95 -3.69
C LYS A 51 -18.07 7.08 -4.63
N TYR A 52 -17.04 7.69 -5.22
CA TYR A 52 -16.13 6.96 -6.12
C TYR A 52 -15.21 6.05 -5.31
N THR A 53 -14.77 6.53 -4.16
CA THR A 53 -13.92 5.74 -3.28
C THR A 53 -14.65 4.47 -2.85
N LYS A 54 -15.90 4.63 -2.42
CA LYS A 54 -16.72 3.50 -2.01
C LYS A 54 -17.03 2.59 -3.19
N LYS A 55 -17.34 3.18 -4.35
CA LYS A 55 -17.61 2.40 -5.55
C LYS A 55 -16.47 1.43 -5.84
N GLU A 56 -15.26 1.99 -5.87
CA GLU A 56 -14.06 1.21 -6.18
C GLU A 56 -13.83 0.14 -5.12
N ALA A 57 -13.85 0.57 -3.86
CA ALA A 57 -13.57 -0.32 -2.74
C ALA A 57 -14.60 -1.45 -2.66
N ASP A 58 -15.87 -1.13 -2.89
CA ASP A 58 -16.94 -2.13 -2.83
C ASP A 58 -16.81 -3.12 -3.97
N ALA A 59 -16.58 -2.60 -5.17
CA ALA A 59 -16.50 -3.41 -6.38
C ALA A 59 -15.36 -4.43 -6.29
N LEU A 60 -14.17 -3.94 -5.94
CA LEU A 60 -12.99 -4.79 -5.85
C LEU A 60 -12.88 -5.44 -4.47
N SER A 61 -13.69 -4.97 -3.53
CA SER A 61 -13.80 -5.56 -2.19
C SER A 61 -12.51 -5.36 -1.38
N LEU A 62 -12.05 -4.10 -1.31
CA LEU A 62 -10.94 -3.73 -0.45
C LEU A 62 -11.48 -3.30 0.91
N VAL A 63 -10.83 -3.76 1.97
CA VAL A 63 -11.17 -3.34 3.32
C VAL A 63 -10.06 -2.47 3.89
N GLY A 64 -10.38 -1.67 4.89
CA GLY A 64 -9.41 -0.77 5.47
C GLY A 64 -10.07 0.51 5.91
N TYR A 65 -9.47 1.66 5.59
CA TYR A 65 -10.06 2.95 5.93
C TYR A 65 -9.37 4.09 5.18
N VAL A 66 -10.12 5.16 4.93
CA VAL A 66 -9.59 6.34 4.22
C VAL A 66 -10.10 7.62 4.87
N THR A 67 -9.24 8.64 4.91
CA THR A 67 -9.56 9.93 5.51
C THR A 67 -8.69 11.04 4.89
N ASN A 68 -9.12 12.29 5.07
CA ASN A 68 -8.42 13.46 4.50
C ASN A 68 -7.52 14.12 5.55
N ASN A 69 -6.48 14.82 5.07
CA ASN A 69 -5.52 15.49 5.94
C ASN A 69 -5.56 16.99 5.72
N GLU A 70 -5.03 17.74 6.70
CA GLU A 70 -5.01 19.21 6.65
C GLU A 70 -4.38 19.71 5.35
N ASP A 71 -3.27 19.10 4.95
CA ASP A 71 -2.47 19.54 3.81
C ASP A 71 -3.16 19.26 2.47
N GLY A 72 -4.45 18.94 2.50
CA GLY A 72 -5.16 18.60 1.28
C GLY A 72 -4.74 17.24 0.77
N SER A 73 -4.43 16.35 1.70
CA SER A 73 -4.00 15.00 1.38
C SER A 73 -5.09 13.98 1.75
N VAL A 74 -4.91 12.74 1.36
CA VAL A 74 -5.83 11.66 1.71
C VAL A 74 -5.02 10.46 2.19
N SER A 75 -5.18 10.11 3.45
CA SER A 75 -4.44 9.02 4.07
C SER A 75 -5.38 7.86 4.40
N GLY A 76 -4.81 6.68 4.63
CA GLY A 76 -5.62 5.53 4.99
C GLY A 76 -4.85 4.22 4.87
N VAL A 77 -5.58 3.11 4.91
CA VAL A 77 -4.99 1.78 4.79
C VAL A 77 -5.86 0.91 3.89
N VAL A 78 -5.22 0.15 3.00
CA VAL A 78 -5.93 -0.79 2.13
C VAL A 78 -5.50 -2.22 2.47
N GLN A 79 -6.46 -3.12 2.48
CA GLN A 79 -6.21 -4.52 2.85
C GLN A 79 -6.99 -5.45 1.91
N GLY A 80 -6.33 -6.48 1.42
CA GLY A 80 -6.97 -7.44 0.54
C GLY A 80 -5.95 -8.21 -0.27
N PRO A 81 -6.38 -9.00 -1.27
CA PRO A 81 -5.45 -9.71 -2.15
C PRO A 81 -4.61 -8.75 -3.00
N LYS A 82 -3.37 -9.13 -3.27
CA LYS A 82 -2.43 -8.30 -4.04
C LYS A 82 -3.09 -7.72 -5.28
N GLU A 83 -3.79 -8.57 -6.03
CA GLU A 83 -4.42 -8.16 -7.28
C GLU A 83 -5.41 -7.01 -7.06
N GLN A 84 -6.23 -7.10 -6.01
CA GLN A 84 -7.22 -6.06 -5.71
C GLN A 84 -6.54 -4.82 -5.14
N VAL A 85 -5.51 -5.01 -4.33
CA VAL A 85 -4.72 -3.90 -3.81
C VAL A 85 -4.04 -3.18 -4.98
N ASP A 86 -3.65 -3.96 -5.98
CA ASP A 86 -3.07 -3.44 -7.21
C ASP A 86 -4.12 -2.64 -7.98
N ALA A 87 -5.35 -3.15 -7.99
CA ALA A 87 -6.47 -2.43 -8.59
C ALA A 87 -6.66 -1.08 -7.90
N PHE A 88 -6.55 -1.10 -6.57
CA PHE A 88 -6.77 0.09 -5.75
C PHE A 88 -5.68 1.13 -6.03
N VAL A 89 -4.42 0.71 -5.97
CA VAL A 89 -3.30 1.60 -6.23
C VAL A 89 -3.36 2.12 -7.67
N LYS A 90 -3.82 1.25 -8.57
CA LYS A 90 -3.99 1.60 -9.98
C LYS A 90 -4.96 2.76 -10.10
N TYR A 91 -6.07 2.65 -9.38
CA TYR A 91 -7.08 3.71 -9.31
C TYR A 91 -6.49 4.94 -8.64
N LEU A 92 -5.69 4.74 -7.61
CA LEU A 92 -5.11 5.83 -6.83
C LEU A 92 -4.24 6.70 -7.72
N HIS A 93 -3.48 6.07 -8.61
CA HIS A 93 -2.61 6.80 -9.54
C HIS A 93 -3.44 7.74 -10.42
N LYS A 94 -4.69 7.36 -10.64
CA LYS A 94 -5.63 8.17 -11.40
C LYS A 94 -6.26 9.21 -10.49
N GLY A 95 -6.52 8.80 -9.24
CA GLY A 95 -7.30 9.60 -8.33
C GLY A 95 -8.78 9.48 -8.66
N SER A 96 -9.61 10.36 -8.14
CA SER A 96 -10.99 10.41 -8.56
C SER A 96 -11.05 10.98 -9.99
N PRO A 97 -11.84 10.35 -10.87
CA PRO A 97 -11.82 10.64 -12.31
C PRO A 97 -11.89 12.14 -12.67
N LYS A 98 -12.42 12.96 -11.77
CA LYS A 98 -12.61 14.40 -12.07
C LYS A 98 -11.78 15.29 -11.13
N SER A 99 -10.90 14.67 -10.37
CA SER A 99 -10.01 15.40 -9.48
C SER A 99 -8.61 14.77 -9.48
N VAL A 100 -7.66 15.47 -10.10
CA VAL A 100 -6.30 14.95 -10.27
C VAL A 100 -5.49 15.05 -8.98
N VAL A 101 -4.72 14.00 -8.69
CA VAL A 101 -3.85 13.97 -7.51
C VAL A 101 -2.46 14.51 -7.85
N LYS A 102 -1.85 15.16 -6.87
CA LYS A 102 -0.52 15.75 -7.01
C LYS A 102 0.54 14.65 -7.03
N LYS A 103 0.53 13.80 -6.01
CA LYS A 103 1.47 12.69 -5.89
C LYS A 103 1.03 11.73 -4.79
N VAL A 104 1.18 10.43 -5.04
CA VAL A 104 0.78 9.40 -4.08
C VAL A 104 2.00 8.90 -3.28
N SER A 105 1.75 8.52 -2.04
CA SER A 105 2.77 7.97 -1.15
C SER A 105 2.22 6.74 -0.42
N ILE A 106 3.00 5.66 -0.40
CA ILE A 106 2.53 4.37 0.13
C ILE A 106 3.47 3.86 1.22
N HIS A 107 2.93 3.05 2.14
CA HIS A 107 3.73 2.43 3.20
C HIS A 107 3.40 0.94 3.31
N ALA A 108 4.36 0.18 3.81
CA ALA A 108 4.36 -1.29 3.75
C ALA A 108 3.55 -1.96 4.88
N SER A 109 2.85 -1.17 5.69
CA SER A 109 2.28 -1.67 6.94
C SER A 109 1.29 -2.82 6.69
N SER A 110 1.38 -3.84 7.54
CA SER A 110 0.64 -5.09 7.36
C SER A 110 -0.81 -4.96 7.84
N ARG A 111 -1.55 -6.06 7.70
CA ARG A 111 -3.00 -6.11 7.94
C ARG A 111 -3.37 -5.53 9.32
N VAL A 112 -4.50 -4.84 9.34
CA VAL A 112 -5.01 -4.15 10.53
C VAL A 112 -6.53 -4.31 10.57
N ASP A 113 -7.17 -3.81 11.63
CA ASP A 113 -8.64 -3.81 11.68
C ASP A 113 -9.18 -2.62 10.88
N ALA A 114 -10.16 -2.89 10.02
CA ALA A 114 -10.72 -1.88 9.11
C ALA A 114 -11.70 -0.96 9.84
N ASP A 115 -11.85 0.25 9.33
CA ASP A 115 -12.80 1.23 9.87
C ASP A 115 -13.79 1.65 8.81
N GLY A 116 -13.27 2.04 7.65
CA GLY A 116 -14.12 2.50 6.56
C GLY A 116 -13.49 3.58 5.71
N PHE A 117 -13.87 3.64 4.45
CA PHE A 117 -13.35 4.65 3.52
C PHE A 117 -14.30 5.84 3.49
N GLU A 118 -13.84 6.99 4.00
CA GLU A 118 -14.66 8.19 4.00
C GLU A 118 -13.80 9.43 4.23
N ILE A 119 -13.98 10.44 3.40
CA ILE A 119 -13.18 11.64 3.47
C ILE A 119 -13.47 12.42 4.76
N ARG A 120 -12.77 12.04 5.82
CA ARG A 120 -12.88 12.72 7.12
C ARG A 120 -11.85 13.83 7.21
N ARG A 121 -12.23 14.91 7.87
CA ARG A 121 -11.34 16.06 8.00
C ARG A 121 -11.19 16.41 9.48
N MET A 1 26.17 27.53 31.85
CA MET A 1 24.81 26.96 31.77
C MET A 1 24.72 25.68 32.59
N ALA A 2 23.82 25.68 33.57
CA ALA A 2 23.68 24.55 34.49
C ALA A 2 22.20 24.21 34.71
N HIS A 3 21.38 24.47 33.70
CA HIS A 3 19.94 24.22 33.78
C HIS A 3 19.67 22.72 33.90
N HIS A 4 19.76 22.20 35.12
CA HIS A 4 19.55 20.78 35.37
C HIS A 4 18.07 20.50 35.57
N HIS A 5 17.60 19.36 35.05
CA HIS A 5 16.20 18.99 35.16
C HIS A 5 16.06 17.66 35.89
N HIS A 6 15.00 17.55 36.69
CA HIS A 6 14.71 16.32 37.42
C HIS A 6 13.26 15.92 37.18
N HIS A 7 13.06 14.85 36.42
CA HIS A 7 11.72 14.37 36.11
C HIS A 7 11.76 12.89 35.78
N HIS A 8 10.75 12.16 36.22
CA HIS A 8 10.63 10.73 35.96
C HIS A 8 10.08 10.48 34.56
N MET A 9 10.38 9.31 34.00
CA MET A 9 9.91 8.94 32.67
C MET A 9 10.27 7.49 32.39
N GLY A 10 9.85 7.00 31.23
CA GLY A 10 10.17 5.65 30.81
C GLY A 10 9.05 4.67 31.12
N THR A 11 9.21 3.45 30.63
CA THR A 11 8.23 2.38 30.83
C THR A 11 8.95 1.02 30.88
N LEU A 12 8.31 0.04 31.51
CA LEU A 12 8.85 -1.32 31.52
C LEU A 12 8.74 -1.93 30.11
N GLU A 13 7.76 -1.43 29.36
CA GLU A 13 7.56 -1.85 27.98
C GLU A 13 8.70 -1.36 27.10
N ALA A 14 9.61 -2.26 26.77
CA ALA A 14 10.73 -1.96 25.88
C ALA A 14 11.15 -3.22 25.12
N GLN A 15 11.73 -3.04 23.95
CA GLN A 15 12.19 -4.16 23.13
C GLN A 15 13.28 -3.72 22.16
N THR A 16 13.81 -4.71 21.42
CA THR A 16 14.75 -4.45 20.33
C THR A 16 14.90 -5.71 19.48
N GLN A 17 14.62 -5.58 18.18
CA GLN A 17 14.65 -6.73 17.28
C GLN A 17 14.59 -6.27 15.83
N GLY A 18 14.84 -7.20 14.91
CA GLY A 18 14.68 -6.93 13.50
C GLY A 18 13.23 -7.11 13.06
N PRO A 19 12.87 -6.65 11.86
CA PRO A 19 11.49 -6.73 11.36
C PRO A 19 11.12 -8.15 10.89
N GLY A 20 12.05 -9.08 11.02
CA GLY A 20 11.82 -10.45 10.58
C GLY A 20 12.14 -10.63 9.11
N SER A 21 13.26 -10.07 8.69
CA SER A 21 13.71 -10.18 7.30
C SER A 21 15.12 -10.75 7.25
N MET A 22 15.22 -12.02 6.85
CA MET A 22 16.52 -12.69 6.73
C MET A 22 16.55 -13.54 5.47
N GLN A 23 17.73 -13.69 4.88
CA GLN A 23 17.91 -14.53 3.71
C GLN A 23 18.80 -15.72 4.08
N GLY A 24 18.16 -16.86 4.28
CA GLY A 24 18.84 -18.08 4.65
C GLY A 24 17.92 -19.27 4.47
N SER A 25 16.71 -19.11 4.99
CA SER A 25 15.61 -20.01 4.71
C SER A 25 14.89 -19.52 3.45
N MET A 26 14.03 -20.35 2.86
CA MET A 26 13.27 -19.93 1.68
C MET A 26 12.12 -19.02 2.13
N PRO A 27 12.20 -17.71 1.81
CA PRO A 27 11.24 -16.71 2.29
C PRO A 27 9.85 -16.90 1.68
N SER A 28 8.91 -17.31 2.53
CA SER A 28 7.51 -17.41 2.13
C SER A 28 6.79 -16.10 2.45
N SER A 29 5.77 -15.76 1.67
CA SER A 29 5.04 -14.52 1.85
C SER A 29 4.42 -14.45 3.26
N SER A 30 5.07 -13.70 4.13
CA SER A 30 4.65 -13.57 5.52
C SER A 30 3.40 -12.71 5.64
N GLU A 31 3.18 -11.84 4.65
CA GLU A 31 1.98 -11.01 4.62
C GLU A 31 0.82 -11.83 4.04
N ASP A 32 0.02 -12.41 4.93
CA ASP A 32 -1.10 -13.25 4.54
C ASP A 32 -2.20 -12.41 3.91
N VAL A 33 -2.31 -11.18 4.39
CA VAL A 33 -3.20 -10.18 3.81
C VAL A 33 -2.38 -8.95 3.47
N THR A 34 -2.37 -8.56 2.20
CA THR A 34 -1.51 -7.49 1.74
C THR A 34 -2.08 -6.13 2.15
N THR A 35 -1.39 -5.48 3.08
CA THR A 35 -1.82 -4.21 3.63
C THR A 35 -0.80 -3.11 3.32
N LEU A 36 -1.27 -2.03 2.71
CA LEU A 36 -0.44 -0.88 2.39
C LEU A 36 -1.25 0.39 2.60
N CYS A 37 -0.65 1.38 3.25
CA CYS A 37 -1.35 2.64 3.50
C CYS A 37 -1.16 3.58 2.30
N TYR A 38 -2.23 4.26 1.91
CA TYR A 38 -2.22 5.13 0.74
C TYR A 38 -2.34 6.59 1.15
N ARG A 39 -1.60 7.45 0.47
CA ARG A 39 -1.67 8.89 0.71
C ARG A 39 -1.37 9.64 -0.58
N VAL A 40 -2.35 10.36 -1.09
CA VAL A 40 -2.19 11.13 -2.32
C VAL A 40 -2.24 12.62 -2.03
N THR A 41 -1.42 13.39 -2.72
CA THR A 41 -1.36 14.82 -2.55
C THR A 41 -2.00 15.51 -3.74
N GLY A 42 -2.85 16.49 -3.48
CA GLY A 42 -3.50 17.23 -4.55
C GLY A 42 -2.68 18.43 -4.97
N LYS A 43 -3.17 19.16 -5.98
CA LYS A 43 -2.58 20.44 -6.37
C LYS A 43 -2.62 21.38 -5.17
N VAL A 44 -3.84 21.71 -4.74
CA VAL A 44 -4.06 22.48 -3.52
C VAL A 44 -4.97 21.68 -2.58
N GLN A 45 -5.33 22.28 -1.44
CA GLN A 45 -6.26 21.64 -0.52
C GLN A 45 -7.59 21.34 -1.21
N GLY A 46 -7.79 20.07 -1.57
CA GLY A 46 -9.00 19.66 -2.26
C GLY A 46 -9.60 18.41 -1.64
N VAL A 47 -10.72 17.96 -2.18
CA VAL A 47 -11.44 16.81 -1.64
C VAL A 47 -11.40 15.63 -2.59
N PHE A 48 -11.72 14.45 -2.06
CA PHE A 48 -11.74 13.21 -2.84
C PHE A 48 -13.19 12.78 -3.06
N PHE A 49 -13.40 11.60 -3.64
CA PHE A 49 -14.76 11.12 -3.95
C PHE A 49 -15.09 9.84 -3.19
N ARG A 50 -15.71 10.02 -2.01
CA ARG A 50 -16.10 8.91 -1.14
C ARG A 50 -16.90 7.86 -1.89
N LYS A 51 -17.82 8.33 -2.73
CA LYS A 51 -18.70 7.47 -3.50
C LYS A 51 -17.90 6.47 -4.32
N TYR A 52 -16.98 6.98 -5.14
CA TYR A 52 -16.22 6.15 -6.06
C TYR A 52 -15.17 5.32 -5.33
N THR A 53 -14.68 5.84 -4.20
CA THR A 53 -13.76 5.08 -3.35
C THR A 53 -14.48 3.85 -2.79
N LYS A 54 -15.70 4.08 -2.28
CA LYS A 54 -16.54 3.01 -1.76
C LYS A 54 -16.80 1.96 -2.84
N LYS A 55 -17.25 2.43 -4.01
CA LYS A 55 -17.58 1.54 -5.13
C LYS A 55 -16.36 0.72 -5.55
N GLU A 56 -15.20 1.36 -5.59
CA GLU A 56 -13.96 0.71 -5.99
C GLU A 56 -13.63 -0.42 -5.02
N ALA A 57 -13.55 -0.08 -3.75
CA ALA A 57 -13.21 -1.04 -2.70
C ALA A 57 -14.26 -2.15 -2.62
N ASP A 58 -15.52 -1.78 -2.78
CA ASP A 58 -16.63 -2.72 -2.72
C ASP A 58 -16.58 -3.71 -3.88
N ALA A 59 -16.19 -3.21 -5.06
CA ALA A 59 -16.09 -4.03 -6.26
C ALA A 59 -14.86 -4.94 -6.22
N LEU A 60 -13.70 -4.36 -5.90
CA LEU A 60 -12.42 -5.09 -5.92
C LEU A 60 -12.14 -5.77 -4.56
N SER A 61 -13.02 -5.55 -3.59
CA SER A 61 -12.95 -6.25 -2.30
C SER A 61 -11.73 -5.81 -1.48
N LEU A 62 -11.52 -4.50 -1.39
CA LEU A 62 -10.49 -3.95 -0.51
C LEU A 62 -11.13 -3.41 0.76
N VAL A 63 -10.55 -3.74 1.90
CA VAL A 63 -10.99 -3.22 3.18
C VAL A 63 -9.93 -2.28 3.76
N GLY A 64 -10.30 -1.47 4.74
CA GLY A 64 -9.36 -0.53 5.34
C GLY A 64 -10.03 0.74 5.77
N TYR A 65 -9.47 1.89 5.37
CA TYR A 65 -10.06 3.18 5.76
C TYR A 65 -9.45 4.33 4.94
N VAL A 66 -10.24 5.38 4.70
CA VAL A 66 -9.77 6.57 3.97
C VAL A 66 -10.31 7.84 4.64
N THR A 67 -9.52 8.91 4.58
CA THR A 67 -9.92 10.23 5.10
C THR A 67 -9.07 11.32 4.48
N ASN A 68 -9.54 12.56 4.57
CA ASN A 68 -8.81 13.72 4.05
C ASN A 68 -8.00 14.36 5.17
N ASN A 69 -6.92 15.05 4.80
CA ASN A 69 -6.08 15.79 5.75
C ASN A 69 -5.94 17.23 5.27
N GLU A 70 -5.85 18.17 6.23
CA GLU A 70 -5.79 19.59 5.92
C GLU A 70 -4.49 19.95 5.21
N ASP A 71 -3.58 18.98 5.06
CA ASP A 71 -2.35 19.16 4.31
C ASP A 71 -2.62 19.18 2.80
N GLY A 72 -3.89 18.99 2.43
CA GLY A 72 -4.25 18.92 1.03
C GLY A 72 -3.91 17.56 0.46
N SER A 73 -4.16 16.53 1.25
CA SER A 73 -3.84 15.17 0.87
C SER A 73 -4.91 14.20 1.38
N VAL A 74 -5.11 13.10 0.67
CA VAL A 74 -6.05 12.06 1.08
C VAL A 74 -5.26 10.83 1.50
N SER A 75 -5.49 10.36 2.71
CA SER A 75 -4.71 9.27 3.28
C SER A 75 -5.60 8.17 3.85
N GLY A 76 -5.06 6.97 3.94
CA GLY A 76 -5.81 5.84 4.46
C GLY A 76 -5.02 4.55 4.35
N VAL A 77 -5.71 3.41 4.49
CA VAL A 77 -5.08 2.10 4.44
C VAL A 77 -5.92 1.14 3.60
N VAL A 78 -5.24 0.34 2.77
CA VAL A 78 -5.87 -0.69 1.95
C VAL A 78 -5.38 -2.07 2.41
N GLN A 79 -6.31 -3.02 2.52
CA GLN A 79 -6.00 -4.37 2.96
C GLN A 79 -6.71 -5.37 2.04
N GLY A 80 -5.98 -6.37 1.56
CA GLY A 80 -6.57 -7.42 0.74
C GLY A 80 -5.53 -8.18 -0.05
N PRO A 81 -5.92 -8.86 -1.14
CA PRO A 81 -4.98 -9.55 -2.02
C PRO A 81 -4.13 -8.54 -2.82
N LYS A 82 -2.83 -8.80 -2.92
CA LYS A 82 -1.88 -7.89 -3.54
C LYS A 82 -2.36 -7.37 -4.90
N GLU A 83 -3.02 -8.22 -5.66
CA GLU A 83 -3.47 -7.86 -7.00
C GLU A 83 -4.62 -6.85 -6.97
N GLN A 84 -5.54 -7.02 -6.02
CA GLN A 84 -6.66 -6.09 -5.88
C GLN A 84 -6.19 -4.78 -5.23
N VAL A 85 -5.22 -4.89 -4.31
CA VAL A 85 -4.56 -3.72 -3.75
C VAL A 85 -3.88 -2.95 -4.89
N ASP A 86 -3.28 -3.69 -5.81
CA ASP A 86 -2.66 -3.12 -7.00
C ASP A 86 -3.73 -2.49 -7.90
N ALA A 87 -4.91 -3.11 -7.94
CA ALA A 87 -6.05 -2.54 -8.66
C ALA A 87 -6.43 -1.20 -8.05
N PHE A 88 -6.39 -1.14 -6.73
CA PHE A 88 -6.75 0.06 -6.00
C PHE A 88 -5.72 1.17 -6.24
N VAL A 89 -4.44 0.80 -6.32
CA VAL A 89 -3.39 1.79 -6.59
C VAL A 89 -3.51 2.30 -8.02
N LYS A 90 -3.90 1.43 -8.95
CA LYS A 90 -4.21 1.85 -10.32
C LYS A 90 -5.32 2.90 -10.29
N TYR A 91 -6.37 2.61 -9.53
CA TYR A 91 -7.46 3.55 -9.29
C TYR A 91 -6.92 4.86 -8.71
N LEU A 92 -6.03 4.73 -7.74
CA LEU A 92 -5.45 5.89 -7.06
C LEU A 92 -4.60 6.72 -8.02
N HIS A 93 -4.00 6.05 -9.01
CA HIS A 93 -3.14 6.73 -9.99
C HIS A 93 -3.96 7.68 -10.86
N LYS A 94 -5.27 7.46 -10.93
CA LYS A 94 -6.16 8.37 -11.64
C LYS A 94 -6.31 9.66 -10.84
N GLY A 95 -6.12 9.54 -9.53
CA GLY A 95 -6.20 10.68 -8.65
C GLY A 95 -7.58 11.29 -8.59
N SER A 96 -7.89 12.13 -9.56
CA SER A 96 -9.17 12.81 -9.64
C SER A 96 -9.50 13.17 -11.09
N PRO A 97 -10.53 12.56 -11.68
CA PRO A 97 -10.92 12.82 -13.08
C PRO A 97 -11.42 14.24 -13.32
N LYS A 98 -11.54 15.01 -12.24
CA LYS A 98 -12.02 16.39 -12.32
C LYS A 98 -10.97 17.37 -11.78
N SER A 99 -9.84 16.84 -11.30
CA SER A 99 -8.84 17.67 -10.63
C SER A 99 -7.42 17.17 -10.94
N VAL A 100 -6.43 17.78 -10.28
CA VAL A 100 -5.03 17.43 -10.47
C VAL A 100 -4.41 16.96 -9.14
N VAL A 101 -3.78 15.79 -9.17
CA VAL A 101 -3.06 15.25 -8.02
C VAL A 101 -1.55 15.39 -8.25
N LYS A 102 -0.85 15.90 -7.24
CA LYS A 102 0.58 16.17 -7.36
C LYS A 102 1.40 14.88 -7.31
N LYS A 103 1.14 14.03 -6.31
CA LYS A 103 1.91 12.81 -6.13
C LYS A 103 1.16 11.80 -5.26
N VAL A 104 1.25 10.53 -5.64
CA VAL A 104 0.71 9.42 -4.85
C VAL A 104 1.83 8.77 -4.03
N SER A 105 1.52 8.37 -2.80
CA SER A 105 2.51 7.81 -1.89
C SER A 105 1.93 6.62 -1.16
N ILE A 106 2.74 5.61 -0.90
CA ILE A 106 2.30 4.40 -0.22
C ILE A 106 3.18 4.16 1.01
N HIS A 107 2.66 3.41 2.00
CA HIS A 107 3.41 3.11 3.21
C HIS A 107 3.30 1.62 3.56
N ALA A 108 4.37 1.09 4.13
CA ALA A 108 4.58 -0.34 4.36
C ALA A 108 3.76 -0.95 5.51
N SER A 109 2.85 -0.16 6.09
CA SER A 109 2.19 -0.56 7.34
C SER A 109 1.41 -1.87 7.17
N SER A 110 1.65 -2.80 8.11
CA SER A 110 1.06 -4.12 8.09
C SER A 110 -0.43 -4.06 8.47
N ARG A 111 -1.07 -5.22 8.46
CA ARG A 111 -2.52 -5.34 8.64
C ARG A 111 -3.03 -4.49 9.80
N VAL A 112 -4.24 -3.95 9.63
CA VAL A 112 -4.88 -3.07 10.60
C VAL A 112 -6.37 -3.41 10.69
N ASP A 113 -7.08 -2.75 11.59
CA ASP A 113 -8.53 -2.95 11.72
C ASP A 113 -9.25 -1.97 10.80
N ALA A 114 -10.07 -2.51 9.89
CA ALA A 114 -10.83 -1.68 8.95
C ALA A 114 -11.70 -0.68 9.70
N ASP A 115 -11.65 0.59 9.28
CA ASP A 115 -12.36 1.66 9.98
C ASP A 115 -13.40 2.31 9.07
N GLY A 116 -13.15 2.30 7.77
CA GLY A 116 -14.11 2.83 6.82
C GLY A 116 -13.50 3.82 5.84
N PHE A 117 -13.94 3.76 4.58
CA PHE A 117 -13.47 4.71 3.57
C PHE A 117 -14.44 5.89 3.53
N GLU A 118 -13.98 7.06 3.96
CA GLU A 118 -14.81 8.26 3.92
C GLU A 118 -13.96 9.52 4.08
N ILE A 119 -14.14 10.47 3.17
CA ILE A 119 -13.38 11.71 3.23
C ILE A 119 -13.81 12.54 4.44
N ARG A 120 -13.15 12.28 5.55
CA ARG A 120 -13.41 12.98 6.80
C ARG A 120 -12.58 14.26 6.89
N ARG A 121 -13.21 15.32 7.39
CA ARG A 121 -12.56 16.61 7.56
C ARG A 121 -13.02 17.23 8.87
N MET A 1 -6.50 -10.08 72.92
CA MET A 1 -7.70 -10.34 72.08
C MET A 1 -7.25 -10.78 70.69
N ALA A 2 -8.23 -10.97 69.80
CA ALA A 2 -7.95 -11.38 68.42
C ALA A 2 -7.32 -10.22 67.65
N HIS A 3 -6.03 -10.01 67.86
CA HIS A 3 -5.25 -9.02 67.14
C HIS A 3 -4.23 -9.74 66.27
N HIS A 4 -4.50 -11.03 66.04
CA HIS A 4 -3.59 -11.91 65.31
C HIS A 4 -4.19 -12.34 63.97
N HIS A 5 -3.51 -11.99 62.88
CA HIS A 5 -3.85 -12.47 61.55
C HIS A 5 -2.58 -12.94 60.84
N HIS A 6 -2.75 -13.55 59.67
CA HIS A 6 -1.61 -14.11 58.93
C HIS A 6 -0.60 -13.01 58.57
N HIS A 7 0.46 -12.90 59.36
CA HIS A 7 1.48 -11.88 59.15
C HIS A 7 2.55 -12.38 58.17
N HIS A 8 2.12 -12.65 56.95
CA HIS A 8 3.03 -13.07 55.87
C HIS A 8 2.42 -12.71 54.52
N MET A 9 2.90 -11.61 53.94
CA MET A 9 2.39 -11.15 52.65
C MET A 9 2.84 -12.08 51.53
N GLY A 10 4.15 -12.29 51.43
CA GLY A 10 4.69 -13.17 50.40
C GLY A 10 4.75 -12.51 49.04
N THR A 11 5.96 -12.28 48.54
CA THR A 11 6.16 -11.66 47.24
C THR A 11 5.93 -12.69 46.12
N LEU A 12 5.23 -12.26 45.07
CA LEU A 12 5.03 -13.10 43.90
C LEU A 12 6.13 -12.80 42.88
N GLU A 13 6.91 -13.82 42.53
CA GLU A 13 8.01 -13.66 41.59
C GLU A 13 7.64 -14.26 40.24
N ALA A 14 8.14 -13.64 39.17
CA ALA A 14 7.86 -14.08 37.82
C ALA A 14 9.16 -14.14 37.01
N GLN A 15 9.15 -14.90 35.92
CA GLN A 15 10.33 -15.10 35.09
C GLN A 15 10.43 -14.04 34.00
N THR A 16 11.46 -14.17 33.15
CA THR A 16 11.65 -13.31 31.99
C THR A 16 12.33 -14.13 30.89
N GLN A 17 11.81 -14.02 29.66
CA GLN A 17 12.34 -14.79 28.54
C GLN A 17 13.39 -13.99 27.77
N GLY A 18 14.03 -14.65 26.81
CA GLY A 18 15.04 -14.01 25.99
C GLY A 18 14.60 -13.88 24.54
N PRO A 19 15.40 -13.21 23.70
CA PRO A 19 15.07 -13.01 22.27
C PRO A 19 15.11 -14.33 21.48
N GLY A 20 16.32 -14.84 21.25
CA GLY A 20 16.48 -16.09 20.51
C GLY A 20 15.89 -16.05 19.12
N SER A 21 15.83 -14.85 18.54
CA SER A 21 15.19 -14.64 17.25
C SER A 21 16.19 -14.78 16.09
N MET A 22 17.47 -14.86 16.43
CA MET A 22 18.53 -14.96 15.43
C MET A 22 18.45 -16.27 14.66
N GLN A 23 18.03 -16.16 13.41
CA GLN A 23 17.94 -17.30 12.49
C GLN A 23 17.70 -16.79 11.07
N GLY A 24 18.56 -17.21 10.15
CA GLY A 24 18.47 -16.75 8.77
C GLY A 24 17.50 -17.58 7.96
N SER A 25 16.25 -17.12 7.89
CA SER A 25 15.23 -17.77 7.08
C SER A 25 14.21 -16.73 6.60
N MET A 26 13.80 -16.84 5.34
CA MET A 26 12.77 -15.95 4.78
C MET A 26 11.40 -16.35 5.31
N PRO A 27 10.50 -15.37 5.56
CA PRO A 27 9.12 -15.66 5.97
C PRO A 27 8.31 -16.24 4.81
N SER A 28 7.68 -17.40 5.05
CA SER A 28 6.92 -18.08 4.01
C SER A 28 5.74 -17.23 3.56
N SER A 29 5.11 -17.63 2.46
CA SER A 29 4.02 -16.86 1.86
C SER A 29 2.78 -16.87 2.76
N SER A 30 2.77 -15.97 3.74
CA SER A 30 1.59 -15.71 4.55
C SER A 30 1.04 -14.34 4.21
N GLU A 31 1.58 -13.79 3.12
CA GLU A 31 1.25 -12.43 2.67
C GLU A 31 0.04 -12.46 1.74
N ASP A 32 -0.90 -13.34 2.03
CA ASP A 32 -2.11 -13.48 1.22
C ASP A 32 -3.00 -12.25 1.41
N VAL A 33 -2.93 -11.68 2.61
CA VAL A 33 -3.57 -10.41 2.88
C VAL A 33 -2.51 -9.31 2.82
N THR A 34 -2.43 -8.68 1.68
CA THR A 34 -1.47 -7.60 1.45
C THR A 34 -2.01 -6.30 2.03
N THR A 35 -1.20 -5.65 2.85
CA THR A 35 -1.58 -4.38 3.46
C THR A 35 -0.59 -3.28 3.08
N LEU A 36 -1.11 -2.17 2.59
CA LEU A 36 -0.29 -1.02 2.20
C LEU A 36 -0.99 0.26 2.64
N CYS A 37 -0.22 1.22 3.14
CA CYS A 37 -0.76 2.51 3.54
C CYS A 37 -0.73 3.48 2.36
N TYR A 38 -1.82 4.21 2.15
CA TYR A 38 -1.95 5.13 1.03
C TYR A 38 -1.99 6.56 1.51
N ARG A 39 -1.38 7.46 0.73
CA ARG A 39 -1.50 8.89 0.93
C ARG A 39 -1.33 9.62 -0.40
N VAL A 40 -2.41 10.21 -0.88
CA VAL A 40 -2.34 11.03 -2.09
C VAL A 40 -2.55 12.48 -1.70
N THR A 41 -1.80 13.37 -2.32
CA THR A 41 -1.89 14.78 -2.06
C THR A 41 -2.56 15.49 -3.24
N GLY A 42 -3.25 16.57 -2.94
CA GLY A 42 -3.90 17.36 -3.98
C GLY A 42 -3.19 18.67 -4.18
N LYS A 43 -2.94 19.04 -5.44
CA LYS A 43 -2.26 20.28 -5.76
C LYS A 43 -3.08 21.46 -5.26
N VAL A 44 -4.30 21.57 -5.76
CA VAL A 44 -5.24 22.59 -5.30
C VAL A 44 -6.52 21.93 -4.79
N GLN A 45 -6.58 21.71 -3.48
CA GLN A 45 -7.73 21.07 -2.82
C GLN A 45 -8.08 19.74 -3.49
N GLY A 46 -7.41 18.67 -3.05
CA GLY A 46 -7.63 17.36 -3.62
C GLY A 46 -8.88 16.70 -3.08
N VAL A 47 -10.04 17.19 -3.51
CA VAL A 47 -11.31 16.59 -3.12
C VAL A 47 -11.48 15.24 -3.81
N PHE A 48 -11.00 14.21 -3.14
CA PHE A 48 -10.98 12.86 -3.68
C PHE A 48 -12.41 12.30 -3.75
N PHE A 49 -12.81 11.93 -4.97
CA PHE A 49 -14.14 11.39 -5.26
C PHE A 49 -14.45 10.13 -4.43
N ARG A 50 -15.00 10.35 -3.22
CA ARG A 50 -15.30 9.26 -2.30
C ARG A 50 -16.42 8.38 -2.84
N LYS A 51 -17.24 8.95 -3.72
CA LYS A 51 -18.32 8.19 -4.37
C LYS A 51 -17.73 7.01 -5.13
N TYR A 52 -16.78 7.30 -6.00
CA TYR A 52 -16.13 6.27 -6.80
C TYR A 52 -15.16 5.46 -5.95
N THR A 53 -14.63 6.09 -4.89
CA THR A 53 -13.83 5.35 -3.91
C THR A 53 -14.67 4.26 -3.25
N LYS A 54 -15.90 4.62 -2.91
CA LYS A 54 -16.85 3.68 -2.32
C LYS A 54 -17.16 2.58 -3.31
N LYS A 55 -17.47 2.97 -4.56
CA LYS A 55 -17.71 2.02 -5.63
C LYS A 55 -16.57 1.02 -5.76
N GLU A 56 -15.37 1.57 -5.85
CA GLU A 56 -14.18 0.79 -6.16
C GLU A 56 -13.88 -0.21 -5.07
N ALA A 57 -13.73 0.30 -3.85
CA ALA A 57 -13.37 -0.53 -2.72
C ALA A 57 -14.47 -1.54 -2.39
N ASP A 58 -15.72 -1.13 -2.55
CA ASP A 58 -16.86 -2.00 -2.27
C ASP A 58 -16.90 -3.17 -3.26
N ALA A 59 -16.70 -2.86 -4.53
CA ALA A 59 -16.76 -3.86 -5.58
C ALA A 59 -15.58 -4.82 -5.50
N LEU A 60 -14.38 -4.28 -5.35
CA LEU A 60 -13.16 -5.08 -5.26
C LEU A 60 -12.98 -5.66 -3.85
N SER A 61 -13.80 -5.18 -2.90
CA SER A 61 -13.86 -5.74 -1.56
C SER A 61 -12.57 -5.48 -0.78
N LEU A 62 -12.06 -4.24 -0.87
CA LEU A 62 -10.90 -3.83 -0.08
C LEU A 62 -11.35 -3.51 1.35
N VAL A 63 -10.62 -4.02 2.33
CA VAL A 63 -10.86 -3.67 3.72
C VAL A 63 -9.76 -2.72 4.19
N GLY A 64 -10.07 -1.90 5.19
CA GLY A 64 -9.12 -0.91 5.67
C GLY A 64 -9.83 0.38 6.06
N TYR A 65 -9.25 1.53 5.69
CA TYR A 65 -9.85 2.81 6.02
C TYR A 65 -9.19 3.95 5.24
N VAL A 66 -9.96 5.00 4.97
CA VAL A 66 -9.48 6.19 4.27
C VAL A 66 -10.07 7.44 4.92
N THR A 67 -9.30 8.53 4.93
CA THR A 67 -9.69 9.80 5.55
C THR A 67 -8.91 10.96 4.91
N ASN A 68 -9.39 12.18 5.09
CA ASN A 68 -8.73 13.36 4.54
C ASN A 68 -8.00 14.11 5.66
N ASN A 69 -7.10 15.01 5.27
CA ASN A 69 -6.32 15.81 6.23
C ASN A 69 -6.36 17.28 5.83
N GLU A 70 -6.31 18.16 6.83
CA GLU A 70 -6.23 19.61 6.59
C GLU A 70 -4.97 19.95 5.78
N ASP A 71 -4.04 19.01 5.74
CA ASP A 71 -2.80 19.15 4.99
C ASP A 71 -3.07 19.22 3.48
N GLY A 72 -4.26 18.77 3.08
CA GLY A 72 -4.62 18.75 1.67
C GLY A 72 -4.29 17.41 1.03
N SER A 73 -4.25 16.37 1.84
CA SER A 73 -3.95 15.03 1.36
C SER A 73 -4.94 14.01 1.92
N VAL A 74 -5.26 13.00 1.13
CA VAL A 74 -6.13 11.91 1.55
C VAL A 74 -5.28 10.69 1.88
N SER A 75 -5.40 10.20 3.11
CA SER A 75 -4.58 9.10 3.61
C SER A 75 -5.44 7.96 4.13
N GLY A 76 -4.88 6.77 4.13
CA GLY A 76 -5.59 5.61 4.64
C GLY A 76 -4.75 4.36 4.50
N VAL A 77 -5.36 3.20 4.68
CA VAL A 77 -4.67 1.91 4.52
C VAL A 77 -5.61 0.92 3.84
N VAL A 78 -5.07 0.17 2.87
CA VAL A 78 -5.82 -0.88 2.19
C VAL A 78 -5.21 -2.24 2.52
N GLN A 79 -6.07 -3.23 2.71
CA GLN A 79 -5.64 -4.59 2.96
C GLN A 79 -6.55 -5.57 2.23
N GLY A 80 -5.96 -6.64 1.71
CA GLY A 80 -6.70 -7.65 0.98
C GLY A 80 -5.81 -8.39 0.01
N PRO A 81 -6.39 -9.15 -0.94
CA PRO A 81 -5.60 -9.87 -1.96
C PRO A 81 -4.75 -8.92 -2.80
N LYS A 82 -3.57 -9.38 -3.16
CA LYS A 82 -2.58 -8.58 -3.90
C LYS A 82 -3.22 -7.88 -5.11
N GLU A 83 -4.04 -8.61 -5.86
CA GLU A 83 -4.62 -8.09 -7.10
C GLU A 83 -5.65 -6.99 -6.82
N GLN A 84 -6.39 -7.13 -5.72
CA GLN A 84 -7.40 -6.14 -5.34
C GLN A 84 -6.74 -4.87 -4.80
N VAL A 85 -5.74 -5.05 -3.95
CA VAL A 85 -4.93 -3.93 -3.46
C VAL A 85 -4.33 -3.20 -4.66
N ASP A 86 -3.80 -3.98 -5.59
CA ASP A 86 -3.24 -3.46 -6.84
C ASP A 86 -4.30 -2.68 -7.62
N ALA A 87 -5.53 -3.22 -7.62
CA ALA A 87 -6.66 -2.56 -8.26
C ALA A 87 -6.89 -1.17 -7.65
N PHE A 88 -6.83 -1.11 -6.32
CA PHE A 88 -7.04 0.14 -5.61
C PHE A 88 -5.91 1.12 -5.94
N VAL A 89 -4.68 0.58 -6.04
CA VAL A 89 -3.52 1.38 -6.46
C VAL A 89 -3.76 1.95 -7.85
N LYS A 90 -4.31 1.12 -8.73
CA LYS A 90 -4.62 1.52 -10.11
C LYS A 90 -5.60 2.68 -10.11
N TYR A 91 -6.66 2.53 -9.31
CA TYR A 91 -7.66 3.57 -9.13
C TYR A 91 -7.04 4.83 -8.56
N LEU A 92 -6.16 4.66 -7.58
CA LEU A 92 -5.52 5.76 -6.88
C LEU A 92 -4.66 6.57 -7.85
N HIS A 93 -3.94 5.87 -8.71
CA HIS A 93 -3.02 6.50 -9.67
C HIS A 93 -3.77 7.22 -10.78
N LYS A 94 -5.06 6.93 -10.91
CA LYS A 94 -5.90 7.63 -11.87
C LYS A 94 -6.09 9.09 -11.44
N GLY A 95 -6.11 9.28 -10.12
CA GLY A 95 -6.19 10.62 -9.56
C GLY A 95 -7.60 11.14 -9.47
N SER A 96 -7.76 12.36 -8.96
CA SER A 96 -9.07 13.00 -8.85
C SER A 96 -9.44 13.64 -10.19
N PRO A 97 -10.65 13.37 -10.71
CA PRO A 97 -11.07 13.81 -12.05
C PRO A 97 -11.15 15.34 -12.17
N LYS A 98 -11.29 16.03 -11.04
CA LYS A 98 -11.45 17.48 -11.05
C LYS A 98 -10.35 18.18 -10.25
N SER A 99 -9.32 17.43 -9.87
CA SER A 99 -8.22 17.98 -9.08
C SER A 99 -6.92 17.23 -9.39
N VAL A 100 -5.89 17.99 -9.74
CA VAL A 100 -4.59 17.42 -10.07
C VAL A 100 -3.86 16.96 -8.81
N VAL A 101 -3.47 15.69 -8.79
CA VAL A 101 -2.74 15.13 -7.66
C VAL A 101 -1.33 15.69 -7.60
N LYS A 102 -0.91 16.09 -6.40
CA LYS A 102 0.43 16.63 -6.18
C LYS A 102 1.45 15.48 -6.15
N LYS A 103 1.00 14.34 -5.61
CA LYS A 103 1.82 13.13 -5.53
C LYS A 103 1.05 12.02 -4.85
N VAL A 104 1.23 10.79 -5.33
CA VAL A 104 0.66 9.60 -4.68
C VAL A 104 1.77 8.82 -3.98
N SER A 105 1.52 8.40 -2.75
CA SER A 105 2.54 7.76 -1.92
C SER A 105 1.96 6.54 -1.22
N ILE A 106 2.67 5.42 -1.29
CA ILE A 106 2.24 4.18 -0.68
C ILE A 106 3.32 3.70 0.31
N HIS A 107 2.91 3.01 1.37
CA HIS A 107 3.86 2.58 2.41
C HIS A 107 3.66 1.11 2.77
N ALA A 108 4.75 0.49 3.21
CA ALA A 108 4.85 -0.95 3.48
C ALA A 108 4.04 -1.43 4.70
N SER A 109 3.24 -0.55 5.31
CA SER A 109 2.68 -0.81 6.64
C SER A 109 1.82 -2.09 6.65
N SER A 110 2.10 -2.95 7.61
CA SER A 110 1.52 -4.29 7.70
C SER A 110 0.06 -4.24 8.17
N ARG A 111 -0.55 -5.43 8.25
CA ARG A 111 -1.97 -5.62 8.52
C ARG A 111 -2.48 -4.69 9.63
N VAL A 112 -3.46 -3.87 9.29
CA VAL A 112 -4.08 -2.93 10.23
C VAL A 112 -5.51 -3.36 10.54
N ASP A 113 -6.15 -2.64 11.45
CA ASP A 113 -7.56 -2.87 11.76
C ASP A 113 -8.43 -1.96 10.89
N ALA A 114 -9.45 -2.53 10.27
CA ALA A 114 -10.32 -1.79 9.35
C ALA A 114 -11.24 -0.82 10.11
N ASP A 115 -11.53 0.32 9.49
CA ASP A 115 -12.37 1.36 10.10
C ASP A 115 -13.44 1.83 9.14
N GLY A 116 -13.05 2.07 7.89
CA GLY A 116 -13.99 2.57 6.89
C GLY A 116 -13.34 3.53 5.91
N PHE A 117 -13.71 3.43 4.65
CA PHE A 117 -13.16 4.29 3.60
C PHE A 117 -14.07 5.51 3.40
N GLU A 118 -13.57 6.69 3.75
CA GLU A 118 -14.30 7.93 3.45
C GLU A 118 -13.36 9.13 3.54
N ILE A 119 -13.46 10.03 2.58
CA ILE A 119 -12.68 11.26 2.64
C ILE A 119 -13.25 12.12 3.77
N ARG A 120 -12.74 11.86 4.97
CA ARG A 120 -13.21 12.48 6.19
C ARG A 120 -12.58 13.85 6.37
N ARG A 121 -13.39 14.90 6.26
CA ARG A 121 -12.93 16.27 6.44
C ARG A 121 -13.42 16.81 7.78
N MET A 1 -13.94 -24.98 -25.38
CA MET A 1 -15.38 -24.62 -25.29
C MET A 1 -15.55 -23.27 -24.58
N ALA A 2 -14.45 -22.69 -24.11
CA ALA A 2 -14.51 -21.40 -23.43
C ALA A 2 -14.76 -20.28 -24.43
N HIS A 3 -15.80 -19.50 -24.21
CA HIS A 3 -16.15 -18.40 -25.10
C HIS A 3 -15.93 -17.07 -24.38
N HIS A 4 -15.01 -16.26 -24.90
CA HIS A 4 -14.74 -14.94 -24.33
C HIS A 4 -15.92 -14.00 -24.60
N HIS A 5 -16.75 -13.80 -23.56
CA HIS A 5 -17.91 -12.92 -23.67
C HIS A 5 -17.48 -11.47 -23.92
N HIS A 6 -16.31 -11.10 -23.43
CA HIS A 6 -15.75 -9.78 -23.73
C HIS A 6 -14.95 -9.86 -25.02
N HIS A 7 -15.26 -8.97 -25.96
CA HIS A 7 -14.59 -8.98 -27.27
C HIS A 7 -13.14 -8.56 -27.12
N HIS A 8 -12.89 -7.25 -27.19
CA HIS A 8 -11.55 -6.68 -27.09
C HIS A 8 -11.61 -5.18 -27.37
N MET A 9 -10.91 -4.39 -26.56
CA MET A 9 -10.85 -2.94 -26.75
C MET A 9 -9.60 -2.55 -27.53
N GLY A 10 -9.80 -1.99 -28.73
CA GLY A 10 -8.68 -1.56 -29.55
C GLY A 10 -8.07 -0.27 -29.06
N THR A 11 -7.34 -0.36 -27.95
CA THR A 11 -6.75 0.81 -27.31
C THR A 11 -5.63 1.41 -28.14
N LEU A 12 -5.82 2.64 -28.58
CA LEU A 12 -4.79 3.39 -29.30
C LEU A 12 -3.89 4.12 -28.30
N GLU A 13 -2.65 4.38 -28.69
CA GLU A 13 -1.68 5.00 -27.80
C GLU A 13 -0.53 5.62 -28.59
N ALA A 14 0.31 6.39 -27.90
CA ALA A 14 1.45 7.05 -28.51
C ALA A 14 2.67 6.12 -28.57
N GLN A 15 3.69 6.51 -29.31
CA GLN A 15 4.90 5.71 -29.46
C GLN A 15 5.85 5.92 -28.28
N THR A 16 6.33 4.82 -27.71
CA THR A 16 7.24 4.86 -26.56
C THR A 16 8.46 4.00 -26.81
N GLN A 17 9.61 4.43 -26.27
CA GLN A 17 10.85 3.68 -26.38
C GLN A 17 11.72 3.89 -25.15
N GLY A 18 11.09 4.38 -24.07
CA GLY A 18 11.79 4.59 -22.82
C GLY A 18 12.07 3.27 -22.12
N PRO A 19 13.24 3.14 -21.44
CA PRO A 19 13.63 1.91 -20.78
C PRO A 19 13.25 1.91 -19.29
N GLY A 20 13.84 0.98 -18.56
CA GLY A 20 13.52 0.82 -17.15
C GLY A 20 14.52 -0.10 -16.45
N SER A 21 14.13 -0.63 -15.30
CA SER A 21 15.01 -1.49 -14.51
C SER A 21 14.87 -2.95 -14.91
N MET A 22 15.99 -3.66 -14.92
CA MET A 22 15.99 -5.11 -15.18
C MET A 22 15.58 -5.87 -13.92
N GLN A 23 14.28 -6.06 -13.77
CA GLN A 23 13.73 -6.69 -12.56
C GLN A 23 13.50 -8.18 -12.77
N GLY A 24 14.26 -9.00 -12.04
CA GLY A 24 14.08 -10.44 -12.08
C GLY A 24 13.33 -10.95 -10.87
N SER A 25 12.77 -12.14 -10.97
CA SER A 25 12.01 -12.74 -9.88
C SER A 25 12.14 -14.27 -9.87
N MET A 26 11.87 -14.87 -8.73
CA MET A 26 11.96 -16.32 -8.56
C MET A 26 10.83 -16.78 -7.62
N PRO A 27 10.63 -18.12 -7.47
CA PRO A 27 9.69 -18.64 -6.48
C PRO A 27 9.92 -18.03 -5.10
N SER A 28 8.95 -17.25 -4.64
CA SER A 28 9.04 -16.59 -3.34
C SER A 28 7.65 -16.40 -2.78
N SER A 29 7.34 -17.15 -1.72
CA SER A 29 6.02 -17.14 -1.11
C SER A 29 5.63 -15.75 -0.60
N SER A 30 4.97 -14.98 -1.46
CA SER A 30 4.47 -13.67 -1.07
C SER A 30 3.15 -13.84 -0.32
N GLU A 31 2.87 -12.92 0.60
CA GLU A 31 1.69 -13.01 1.44
C GLU A 31 0.42 -12.73 0.62
N ASP A 32 -0.55 -13.63 0.74
CA ASP A 32 -1.81 -13.52 0.01
C ASP A 32 -2.66 -12.38 0.55
N VAL A 33 -2.53 -12.10 1.83
CA VAL A 33 -3.19 -10.95 2.44
C VAL A 33 -2.19 -9.80 2.53
N THR A 34 -2.30 -8.87 1.60
CA THR A 34 -1.41 -7.73 1.52
C THR A 34 -2.01 -6.55 2.29
N THR A 35 -1.15 -5.67 2.78
CA THR A 35 -1.57 -4.42 3.40
C THR A 35 -0.59 -3.32 3.04
N LEU A 36 -1.12 -2.18 2.60
CA LEU A 36 -0.31 -1.03 2.23
C LEU A 36 -1.00 0.25 2.69
N CYS A 37 -0.22 1.19 3.17
CA CYS A 37 -0.76 2.48 3.58
C CYS A 37 -0.79 3.42 2.37
N TYR A 38 -1.91 4.10 2.18
CA TYR A 38 -2.07 4.98 1.03
C TYR A 38 -2.12 6.44 1.49
N ARG A 39 -1.48 7.30 0.72
CA ARG A 39 -1.53 8.74 0.97
C ARG A 39 -1.21 9.51 -0.31
N VAL A 40 -2.21 10.17 -0.86
CA VAL A 40 -2.05 10.95 -2.08
C VAL A 40 -2.08 12.44 -1.77
N THR A 41 -1.36 13.21 -2.58
CA THR A 41 -1.38 14.66 -2.46
C THR A 41 -2.04 15.27 -3.69
N GLY A 42 -3.12 16.02 -3.48
CA GLY A 42 -3.75 16.73 -4.58
C GLY A 42 -2.95 17.96 -4.96
N LYS A 43 -3.09 18.42 -6.19
CA LYS A 43 -2.39 19.60 -6.66
C LYS A 43 -2.66 20.78 -5.72
N VAL A 44 -3.92 21.16 -5.60
CA VAL A 44 -4.35 22.24 -4.69
C VAL A 44 -5.40 21.69 -3.71
N GLN A 45 -4.93 21.28 -2.53
CA GLN A 45 -5.79 20.71 -1.49
C GLN A 45 -6.66 19.57 -2.05
N GLY A 46 -6.13 18.35 -1.93
CA GLY A 46 -6.77 17.19 -2.55
C GLY A 46 -8.05 16.78 -1.87
N VAL A 47 -9.18 17.22 -2.43
CA VAL A 47 -10.48 16.67 -2.07
C VAL A 47 -10.72 15.41 -2.90
N PHE A 48 -11.13 14.34 -2.25
CA PHE A 48 -11.22 13.02 -2.90
C PHE A 48 -12.67 12.61 -3.09
N PHE A 49 -12.96 11.99 -4.23
CA PHE A 49 -14.31 11.54 -4.54
C PHE A 49 -14.74 10.35 -3.66
N ARG A 50 -15.29 10.69 -2.49
CA ARG A 50 -15.74 9.72 -1.50
C ARG A 50 -16.62 8.63 -2.13
N LYS A 51 -17.59 9.04 -2.95
CA LYS A 51 -18.58 8.11 -3.50
C LYS A 51 -17.93 7.09 -4.43
N TYR A 52 -16.92 7.52 -5.18
CA TYR A 52 -16.21 6.62 -6.09
C TYR A 52 -15.27 5.70 -5.32
N THR A 53 -14.68 6.22 -4.25
CA THR A 53 -13.85 5.39 -3.37
C THR A 53 -14.71 4.30 -2.73
N LYS A 54 -15.93 4.70 -2.32
CA LYS A 54 -16.92 3.78 -1.80
C LYS A 54 -17.20 2.67 -2.80
N LYS A 55 -17.61 3.08 -4.01
CA LYS A 55 -17.92 2.13 -5.09
C LYS A 55 -16.77 1.16 -5.30
N GLU A 56 -15.57 1.71 -5.48
CA GLU A 56 -14.41 0.92 -5.86
C GLU A 56 -14.08 -0.11 -4.79
N ALA A 57 -13.82 0.37 -3.58
CA ALA A 57 -13.42 -0.49 -2.49
C ALA A 57 -14.48 -1.54 -2.19
N ASP A 58 -15.73 -1.11 -2.15
CA ASP A 58 -16.84 -2.01 -1.82
C ASP A 58 -17.03 -3.07 -2.89
N ALA A 59 -16.81 -2.68 -4.15
CA ALA A 59 -16.99 -3.60 -5.27
C ALA A 59 -15.90 -4.67 -5.31
N LEU A 60 -14.65 -4.24 -5.20
CA LEU A 60 -13.51 -5.17 -5.24
C LEU A 60 -13.21 -5.74 -3.85
N SER A 61 -13.94 -5.26 -2.84
CA SER A 61 -13.88 -5.77 -1.48
C SER A 61 -12.52 -5.48 -0.83
N LEU A 62 -12.01 -4.27 -1.07
CA LEU A 62 -10.83 -3.80 -0.34
C LEU A 62 -11.27 -3.35 1.05
N VAL A 63 -10.54 -3.77 2.07
CA VAL A 63 -10.83 -3.37 3.44
C VAL A 63 -9.74 -2.45 3.96
N GLY A 64 -10.09 -1.64 4.95
CA GLY A 64 -9.17 -0.66 5.48
C GLY A 64 -9.89 0.59 5.89
N TYR A 65 -9.34 1.76 5.54
CA TYR A 65 -9.98 3.02 5.87
C TYR A 65 -9.34 4.18 5.11
N VAL A 66 -10.15 5.20 4.81
CA VAL A 66 -9.65 6.39 4.10
C VAL A 66 -10.26 7.66 4.71
N THR A 67 -9.45 8.72 4.78
CA THR A 67 -9.88 10.01 5.32
C THR A 67 -9.07 11.16 4.70
N ASN A 68 -9.59 12.37 4.79
CA ASN A 68 -8.89 13.57 4.31
C ASN A 68 -8.25 14.31 5.47
N ASN A 69 -7.15 15.00 5.20
CA ASN A 69 -6.46 15.79 6.22
C ASN A 69 -6.34 17.24 5.75
N GLU A 70 -6.36 18.17 6.71
CA GLU A 70 -6.22 19.61 6.42
C GLU A 70 -4.97 19.90 5.58
N ASP A 71 -4.00 18.99 5.62
CA ASP A 71 -2.74 19.13 4.91
C ASP A 71 -2.96 19.10 3.39
N GLY A 72 -4.17 18.72 2.96
CA GLY A 72 -4.46 18.63 1.55
C GLY A 72 -4.11 17.27 0.98
N SER A 73 -3.61 16.40 1.85
CA SER A 73 -3.25 15.04 1.47
C SER A 73 -4.32 14.07 1.99
N VAL A 74 -4.77 13.16 1.12
CA VAL A 74 -5.75 12.15 1.49
C VAL A 74 -5.00 10.89 1.92
N SER A 75 -5.33 10.36 3.09
CA SER A 75 -4.56 9.26 3.66
C SER A 75 -5.48 8.15 4.19
N GLY A 76 -4.97 6.93 4.13
CA GLY A 76 -5.71 5.77 4.61
C GLY A 76 -4.89 4.50 4.47
N VAL A 77 -5.53 3.35 4.60
CA VAL A 77 -4.86 2.05 4.46
C VAL A 77 -5.76 1.06 3.72
N VAL A 78 -5.16 0.28 2.82
CA VAL A 78 -5.86 -0.79 2.12
C VAL A 78 -5.25 -2.14 2.47
N GLN A 79 -6.09 -3.15 2.61
CA GLN A 79 -5.66 -4.50 2.89
C GLN A 79 -6.56 -5.51 2.20
N GLY A 80 -5.99 -6.65 1.83
CA GLY A 80 -6.74 -7.69 1.13
C GLY A 80 -5.88 -8.40 0.10
N PRO A 81 -6.48 -9.02 -0.93
CA PRO A 81 -5.73 -9.68 -2.00
C PRO A 81 -4.89 -8.69 -2.80
N LYS A 82 -3.62 -9.03 -3.01
CA LYS A 82 -2.67 -8.15 -3.70
C LYS A 82 -3.22 -7.69 -5.06
N GLU A 83 -4.08 -8.51 -5.65
CA GLU A 83 -4.68 -8.21 -6.95
C GLU A 83 -5.58 -6.98 -6.85
N GLN A 84 -6.51 -7.00 -5.91
CA GLN A 84 -7.47 -5.91 -5.73
C GLN A 84 -6.80 -4.68 -5.11
N VAL A 85 -5.85 -4.92 -4.21
CA VAL A 85 -5.03 -3.85 -3.63
C VAL A 85 -4.29 -3.12 -4.75
N ASP A 86 -3.72 -3.91 -5.67
CA ASP A 86 -3.02 -3.38 -6.85
C ASP A 86 -3.99 -2.58 -7.71
N ALA A 87 -5.20 -3.12 -7.88
CA ALA A 87 -6.27 -2.45 -8.60
C ALA A 87 -6.57 -1.08 -7.99
N PHE A 88 -6.57 -1.03 -6.66
CA PHE A 88 -6.85 0.19 -5.93
C PHE A 88 -5.69 1.17 -6.10
N VAL A 89 -4.47 0.64 -6.17
CA VAL A 89 -3.28 1.44 -6.45
C VAL A 89 -3.43 2.15 -7.80
N LYS A 90 -3.77 1.38 -8.84
CA LYS A 90 -3.96 1.94 -10.18
C LYS A 90 -5.03 3.02 -10.13
N TYR A 91 -6.14 2.71 -9.46
CA TYR A 91 -7.23 3.63 -9.21
C TYR A 91 -6.72 4.91 -8.53
N LEU A 92 -5.82 4.72 -7.57
CA LEU A 92 -5.24 5.83 -6.81
C LEU A 92 -4.37 6.71 -7.71
N HIS A 93 -3.68 6.08 -8.66
CA HIS A 93 -2.79 6.79 -9.58
C HIS A 93 -3.57 7.46 -10.71
N LYS A 94 -4.85 7.12 -10.85
CA LYS A 94 -5.68 7.72 -11.88
C LYS A 94 -6.09 9.13 -11.47
N GLY A 95 -6.54 9.25 -10.22
CA GLY A 95 -6.88 10.54 -9.65
C GLY A 95 -8.33 10.94 -9.88
N SER A 96 -8.72 12.07 -9.30
CA SER A 96 -10.08 12.59 -9.45
C SER A 96 -10.17 13.44 -10.73
N PRO A 97 -11.29 13.33 -11.48
CA PRO A 97 -11.45 13.98 -12.79
C PRO A 97 -11.21 15.51 -12.74
N LYS A 98 -11.76 16.16 -11.72
CA LYS A 98 -11.64 17.60 -11.56
C LYS A 98 -10.22 18.00 -11.15
N SER A 99 -9.52 17.09 -10.49
CA SER A 99 -8.25 17.41 -9.85
C SER A 99 -7.07 16.77 -10.57
N VAL A 100 -5.87 17.06 -10.06
CA VAL A 100 -4.64 16.45 -10.55
C VAL A 100 -3.85 15.94 -9.36
N VAL A 101 -3.56 14.64 -9.35
CA VAL A 101 -2.78 14.04 -8.27
C VAL A 101 -1.32 14.47 -8.36
N LYS A 102 -0.90 15.26 -7.38
CA LYS A 102 0.42 15.87 -7.38
C LYS A 102 1.49 14.82 -7.07
N LYS A 103 1.24 14.00 -6.06
CA LYS A 103 2.11 12.88 -5.73
C LYS A 103 1.37 11.84 -4.90
N VAL A 104 1.31 10.62 -5.40
CA VAL A 104 0.75 9.50 -4.68
C VAL A 104 1.88 8.81 -3.90
N SER A 105 1.58 8.39 -2.67
CA SER A 105 2.58 7.78 -1.81
C SER A 105 1.99 6.57 -1.09
N ILE A 106 2.60 5.41 -1.30
CA ILE A 106 2.17 4.17 -0.67
C ILE A 106 3.27 3.67 0.26
N HIS A 107 2.88 3.05 1.37
CA HIS A 107 3.87 2.62 2.36
C HIS A 107 3.69 1.15 2.73
N ALA A 108 4.79 0.55 3.15
CA ALA A 108 4.91 -0.89 3.42
C ALA A 108 4.14 -1.37 4.66
N SER A 109 3.33 -0.50 5.26
CA SER A 109 2.79 -0.75 6.60
C SER A 109 1.96 -2.03 6.64
N SER A 110 2.20 -2.82 7.70
CA SER A 110 1.63 -4.14 7.86
C SER A 110 0.14 -4.12 8.17
N ARG A 111 -0.45 -5.32 8.29
CA ARG A 111 -1.89 -5.47 8.49
C ARG A 111 -2.41 -4.67 9.68
N VAL A 112 -3.52 -3.98 9.46
CA VAL A 112 -4.19 -3.20 10.49
C VAL A 112 -5.65 -3.63 10.60
N ASP A 113 -6.37 -3.07 11.56
CA ASP A 113 -7.82 -3.26 11.64
C ASP A 113 -8.52 -2.26 10.73
N ALA A 114 -9.56 -2.71 10.04
CA ALA A 114 -10.31 -1.88 9.13
C ALA A 114 -11.22 -0.92 9.90
N ASP A 115 -11.67 0.13 9.22
CA ASP A 115 -12.49 1.17 9.84
C ASP A 115 -13.54 1.68 8.86
N GLY A 116 -13.10 2.00 7.64
CA GLY A 116 -14.03 2.46 6.62
C GLY A 116 -13.43 3.50 5.70
N PHE A 117 -13.79 3.46 4.43
CA PHE A 117 -13.35 4.45 3.48
C PHE A 117 -14.37 5.58 3.43
N GLU A 118 -14.00 6.76 3.92
CA GLU A 118 -14.89 7.92 3.87
C GLU A 118 -14.10 9.20 4.10
N ILE A 119 -14.27 10.17 3.22
CA ILE A 119 -13.55 11.42 3.32
C ILE A 119 -13.99 12.20 4.57
N ARG A 120 -13.35 11.88 5.68
CA ARG A 120 -13.55 12.57 6.94
C ARG A 120 -12.78 13.87 6.96
N ARG A 121 -13.36 14.88 7.58
CA ARG A 121 -12.72 16.20 7.69
C ARG A 121 -12.51 16.54 9.17
N MET A 1 74.22 -23.32 39.83
CA MET A 1 73.27 -22.33 39.27
C MET A 1 72.16 -22.03 40.26
N ALA A 2 71.65 -20.79 40.22
CA ALA A 2 70.58 -20.37 41.11
C ALA A 2 69.91 -19.12 40.54
N HIS A 3 68.62 -18.97 40.82
CA HIS A 3 67.84 -17.82 40.35
C HIS A 3 66.99 -17.27 41.48
N HIS A 4 66.92 -15.94 41.59
CA HIS A 4 66.01 -15.30 42.54
C HIS A 4 64.60 -15.33 41.99
N HIS A 5 64.03 -16.54 41.93
CA HIS A 5 62.71 -16.77 41.37
C HIS A 5 61.65 -16.00 42.15
N HIS A 6 61.10 -14.98 41.51
CA HIS A 6 60.08 -14.11 42.11
C HIS A 6 58.69 -14.56 41.68
N HIS A 7 58.00 -15.29 42.55
CA HIS A 7 56.70 -15.87 42.21
C HIS A 7 55.62 -14.79 42.18
N HIS A 8 54.91 -14.71 41.06
CA HIS A 8 53.80 -13.77 40.88
C HIS A 8 52.89 -14.25 39.77
N MET A 9 51.58 -14.12 39.97
CA MET A 9 50.59 -14.57 38.97
C MET A 9 49.76 -13.39 38.48
N GLY A 10 49.41 -13.42 37.20
CA GLY A 10 48.52 -12.42 36.63
C GLY A 10 47.12 -12.99 36.39
N THR A 11 46.17 -12.58 37.20
CA THR A 11 44.80 -13.09 37.13
C THR A 11 44.11 -12.62 35.84
N LEU A 12 43.08 -13.36 35.44
CA LEU A 12 42.28 -13.02 34.26
C LEU A 12 40.79 -13.13 34.62
N GLU A 13 39.95 -12.44 33.87
CA GLU A 13 38.52 -12.38 34.18
C GLU A 13 37.71 -13.35 33.32
N ALA A 14 37.98 -13.33 32.02
CA ALA A 14 37.22 -14.15 31.06
C ALA A 14 37.92 -14.21 29.72
N GLN A 15 37.31 -14.90 28.76
CA GLN A 15 37.88 -15.06 27.42
C GLN A 15 36.82 -14.72 26.37
N THR A 16 37.20 -14.84 25.10
CA THR A 16 36.29 -14.60 23.99
C THR A 16 36.65 -15.51 22.81
N GLN A 17 35.63 -16.03 22.12
CA GLN A 17 35.83 -16.96 21.02
C GLN A 17 35.77 -16.22 19.67
N GLY A 18 35.82 -14.89 19.76
CA GLY A 18 35.69 -14.06 18.58
C GLY A 18 34.30 -13.48 18.45
N PRO A 19 34.03 -12.71 17.37
CA PRO A 19 32.73 -12.06 17.15
C PRO A 19 31.66 -13.06 16.70
N GLY A 20 32.08 -14.29 16.39
CA GLY A 20 31.15 -15.32 15.99
C GLY A 20 30.92 -15.34 14.49
N SER A 21 30.51 -16.51 13.97
CA SER A 21 30.20 -16.65 12.56
C SER A 21 28.83 -16.07 12.26
N MET A 22 28.80 -14.79 11.88
CA MET A 22 27.55 -14.11 11.58
C MET A 22 26.90 -14.68 10.32
N GLN A 23 25.86 -15.47 10.52
CA GLN A 23 25.11 -16.09 9.44
C GLN A 23 23.68 -16.38 9.89
N GLY A 24 22.86 -16.91 9.00
CA GLY A 24 21.49 -17.21 9.34
C GLY A 24 20.71 -17.81 8.19
N SER A 25 19.47 -18.17 8.46
CA SER A 25 18.57 -18.75 7.46
C SER A 25 17.13 -18.52 7.88
N MET A 26 16.23 -18.39 6.91
CA MET A 26 14.83 -18.09 7.20
C MET A 26 13.92 -18.68 6.12
N PRO A 27 12.80 -19.28 6.54
CA PRO A 27 11.78 -19.81 5.62
C PRO A 27 11.04 -18.67 4.92
N SER A 28 10.45 -18.97 3.76
CA SER A 28 9.74 -17.97 2.98
C SER A 28 8.31 -17.82 3.49
N SER A 29 8.07 -16.78 4.29
CA SER A 29 6.73 -16.49 4.79
C SER A 29 5.94 -15.75 3.72
N SER A 30 4.71 -16.17 3.48
CA SER A 30 3.88 -15.60 2.42
C SER A 30 2.66 -14.89 3.00
N GLU A 31 2.46 -13.63 2.61
CA GLU A 31 1.27 -12.89 3.01
C GLU A 31 0.16 -13.12 1.97
N ASP A 32 -1.07 -13.30 2.45
CA ASP A 32 -2.22 -13.50 1.58
C ASP A 32 -3.05 -12.23 1.50
N VAL A 33 -3.04 -11.47 2.60
CA VAL A 33 -3.71 -10.19 2.66
C VAL A 33 -2.68 -9.07 2.62
N THR A 34 -2.54 -8.46 1.45
CA THR A 34 -1.60 -7.39 1.24
C THR A 34 -2.14 -6.09 1.85
N THR A 35 -1.32 -5.43 2.67
CA THR A 35 -1.69 -4.19 3.32
C THR A 35 -0.67 -3.10 2.98
N LEU A 36 -1.17 -1.94 2.60
CA LEU A 36 -0.33 -0.80 2.26
C LEU A 36 -1.03 0.49 2.71
N CYS A 37 -0.29 1.38 3.35
CA CYS A 37 -0.85 2.66 3.78
C CYS A 37 -0.74 3.69 2.65
N TYR A 38 -1.78 4.48 2.46
CA TYR A 38 -1.85 5.45 1.37
C TYR A 38 -1.80 6.88 1.90
N ARG A 39 -1.15 7.75 1.14
CA ARG A 39 -1.21 9.19 1.35
C ARG A 39 -0.97 9.90 0.03
N VAL A 40 -2.02 10.54 -0.49
CA VAL A 40 -1.95 11.28 -1.74
C VAL A 40 -2.29 12.74 -1.49
N THR A 41 -1.69 13.62 -2.29
CA THR A 41 -1.91 15.05 -2.17
C THR A 41 -2.70 15.57 -3.36
N GLY A 42 -3.51 16.61 -3.13
CA GLY A 42 -4.29 17.20 -4.21
C GLY A 42 -3.63 18.44 -4.77
N LYS A 43 -3.50 18.52 -6.10
CA LYS A 43 -2.90 19.69 -6.75
C LYS A 43 -3.82 20.89 -6.56
N VAL A 44 -5.12 20.66 -6.76
CA VAL A 44 -6.14 21.69 -6.58
C VAL A 44 -6.99 21.36 -5.37
N GLN A 45 -7.44 22.39 -4.65
CA GLN A 45 -8.30 22.20 -3.49
C GLN A 45 -9.66 21.64 -3.92
N GLY A 46 -9.70 20.34 -4.14
CA GLY A 46 -10.92 19.65 -4.51
C GLY A 46 -11.11 18.39 -3.71
N VAL A 47 -12.35 18.02 -3.43
CA VAL A 47 -12.65 16.85 -2.61
C VAL A 47 -12.35 15.54 -3.37
N PHE A 48 -11.94 14.53 -2.62
CA PHE A 48 -11.71 13.20 -3.18
C PHE A 48 -13.06 12.50 -3.37
N PHE A 49 -13.34 12.09 -4.60
CA PHE A 49 -14.63 11.51 -4.96
C PHE A 49 -14.99 10.26 -4.13
N ARG A 50 -15.52 10.51 -2.93
CA ARG A 50 -15.88 9.47 -1.98
C ARG A 50 -16.89 8.49 -2.58
N LYS A 51 -17.74 8.98 -3.49
CA LYS A 51 -18.72 8.14 -4.16
C LYS A 51 -18.04 7.00 -4.91
N TYR A 52 -17.06 7.35 -5.73
CA TYR A 52 -16.36 6.37 -6.56
C TYR A 52 -15.34 5.59 -5.74
N THR A 53 -14.86 6.19 -4.65
CA THR A 53 -14.02 5.46 -3.70
C THR A 53 -14.81 4.32 -3.06
N LYS A 54 -16.04 4.63 -2.66
CA LYS A 54 -16.97 3.63 -2.12
C LYS A 54 -17.25 2.58 -3.18
N LYS A 55 -17.61 3.03 -4.39
CA LYS A 55 -17.89 2.13 -5.50
C LYS A 55 -16.73 1.15 -5.74
N GLU A 56 -15.53 1.70 -5.86
CA GLU A 56 -14.35 0.92 -6.19
C GLU A 56 -14.06 -0.10 -5.09
N ALA A 57 -13.84 0.40 -3.88
CA ALA A 57 -13.47 -0.44 -2.75
C ALA A 57 -14.55 -1.48 -2.44
N ASP A 58 -15.81 -1.09 -2.61
CA ASP A 58 -16.93 -1.98 -2.28
C ASP A 58 -17.07 -3.09 -3.31
N ALA A 59 -16.89 -2.72 -4.58
CA ALA A 59 -17.04 -3.67 -5.68
C ALA A 59 -15.87 -4.68 -5.70
N LEU A 60 -14.66 -4.18 -5.46
CA LEU A 60 -13.47 -5.02 -5.46
C LEU A 60 -13.17 -5.57 -4.06
N SER A 61 -13.88 -5.06 -3.05
CA SER A 61 -13.82 -5.59 -1.69
C SER A 61 -12.46 -5.30 -1.04
N LEU A 62 -11.98 -4.07 -1.18
CA LEU A 62 -10.81 -3.61 -0.43
C LEU A 62 -11.27 -3.13 0.94
N VAL A 63 -10.57 -3.54 1.99
CA VAL A 63 -10.89 -3.11 3.35
C VAL A 63 -9.77 -2.23 3.89
N GLY A 64 -10.07 -1.47 4.92
CA GLY A 64 -9.10 -0.55 5.50
C GLY A 64 -9.76 0.71 6.01
N TYR A 65 -9.20 1.86 5.66
CA TYR A 65 -9.78 3.13 6.08
C TYR A 65 -9.16 4.30 5.31
N VAL A 66 -9.96 5.35 5.09
CA VAL A 66 -9.51 6.55 4.37
C VAL A 66 -10.05 7.81 5.05
N THR A 67 -9.24 8.88 5.03
CA THR A 67 -9.59 10.17 5.62
C THR A 67 -8.78 11.28 4.95
N ASN A 68 -9.22 12.53 5.08
CA ASN A 68 -8.53 13.65 4.45
C ASN A 68 -8.06 14.66 5.50
N ASN A 69 -7.09 15.48 5.14
CA ASN A 69 -6.58 16.52 6.03
C ASN A 69 -6.60 17.88 5.34
N GLU A 70 -6.51 18.95 6.13
CA GLU A 70 -6.58 20.32 5.63
C GLU A 70 -5.58 20.58 4.50
N ASP A 71 -4.50 19.81 4.47
CA ASP A 71 -3.44 19.97 3.46
C ASP A 71 -3.92 19.52 2.08
N GLY A 72 -5.16 19.00 2.03
CA GLY A 72 -5.68 18.46 0.79
C GLY A 72 -5.13 17.08 0.51
N SER A 73 -4.69 16.43 1.57
CA SER A 73 -4.07 15.11 1.48
C SER A 73 -5.05 14.03 1.94
N VAL A 74 -5.19 12.99 1.12
CA VAL A 74 -6.02 11.84 1.46
C VAL A 74 -5.13 10.70 1.96
N SER A 75 -5.29 10.33 3.22
CA SER A 75 -4.47 9.30 3.83
C SER A 75 -5.33 8.16 4.39
N GLY A 76 -4.75 6.97 4.47
CA GLY A 76 -5.46 5.82 4.98
C GLY A 76 -4.68 4.54 4.79
N VAL A 77 -5.36 3.40 4.82
CA VAL A 77 -4.72 2.09 4.63
C VAL A 77 -5.64 1.20 3.79
N VAL A 78 -5.03 0.43 2.89
CA VAL A 78 -5.75 -0.55 2.08
C VAL A 78 -5.29 -1.96 2.46
N GLN A 79 -6.22 -2.91 2.46
CA GLN A 79 -5.92 -4.29 2.82
C GLN A 79 -6.76 -5.23 1.96
N GLY A 80 -6.14 -6.28 1.44
CA GLY A 80 -6.86 -7.27 0.67
C GLY A 80 -5.96 -8.07 -0.25
N PRO A 81 -6.52 -8.77 -1.25
CA PRO A 81 -5.72 -9.52 -2.23
C PRO A 81 -4.90 -8.58 -3.11
N LYS A 82 -3.63 -8.94 -3.33
CA LYS A 82 -2.70 -8.06 -4.03
C LYS A 82 -3.20 -7.68 -5.43
N GLU A 83 -4.12 -8.49 -5.95
CA GLU A 83 -4.76 -8.21 -7.23
C GLU A 83 -5.62 -6.95 -7.13
N GLN A 84 -6.49 -6.94 -6.12
CA GLN A 84 -7.41 -5.83 -5.90
C GLN A 84 -6.68 -4.62 -5.31
N VAL A 85 -5.62 -4.89 -4.54
CA VAL A 85 -4.77 -3.82 -4.03
C VAL A 85 -4.07 -3.13 -5.19
N ASP A 86 -3.63 -3.93 -6.16
CA ASP A 86 -3.05 -3.43 -7.41
C ASP A 86 -4.08 -2.58 -8.14
N ALA A 87 -5.30 -3.11 -8.24
CA ALA A 87 -6.41 -2.38 -8.85
C ALA A 87 -6.62 -1.03 -8.15
N PHE A 88 -6.55 -1.05 -6.82
CA PHE A 88 -6.79 0.12 -6.00
C PHE A 88 -5.70 1.17 -6.20
N VAL A 89 -4.44 0.73 -6.20
CA VAL A 89 -3.31 1.65 -6.37
C VAL A 89 -3.36 2.29 -7.76
N LYS A 90 -3.75 1.50 -8.77
CA LYS A 90 -3.93 2.03 -10.12
C LYS A 90 -5.07 3.04 -10.15
N TYR A 91 -6.16 2.70 -9.46
CA TYR A 91 -7.30 3.60 -9.29
C TYR A 91 -6.83 4.91 -8.66
N LEU A 92 -5.93 4.80 -7.69
CA LEU A 92 -5.39 5.95 -6.98
C LEU A 92 -4.50 6.77 -7.92
N HIS A 93 -3.78 6.07 -8.81
CA HIS A 93 -2.91 6.73 -9.78
C HIS A 93 -3.71 7.63 -10.73
N LYS A 94 -5.01 7.35 -10.85
CA LYS A 94 -5.90 8.16 -11.68
C LYS A 94 -6.19 9.48 -10.97
N GLY A 95 -6.73 9.39 -9.75
CA GLY A 95 -7.05 10.58 -8.97
C GLY A 95 -8.50 10.99 -9.10
N SER A 96 -8.85 12.10 -8.45
CA SER A 96 -10.22 12.61 -8.48
C SER A 96 -10.36 13.58 -9.65
N PRO A 97 -11.53 13.57 -10.35
CA PRO A 97 -11.75 14.38 -11.55
C PRO A 97 -11.41 15.86 -11.36
N LYS A 98 -11.84 16.43 -10.24
CA LYS A 98 -11.62 17.84 -9.95
C LYS A 98 -10.48 18.02 -8.93
N SER A 99 -9.84 16.92 -8.58
CA SER A 99 -8.71 16.95 -7.67
C SER A 99 -7.59 16.07 -8.22
N VAL A 100 -6.83 16.64 -9.15
CA VAL A 100 -5.73 15.94 -9.79
C VAL A 100 -4.62 15.67 -8.76
N VAL A 101 -4.17 14.43 -8.70
CA VAL A 101 -3.14 14.04 -7.74
C VAL A 101 -1.85 14.85 -7.93
N LYS A 102 -1.45 15.53 -6.86
CA LYS A 102 -0.19 16.26 -6.83
C LYS A 102 0.96 15.27 -6.73
N LYS A 103 0.78 14.29 -5.85
CA LYS A 103 1.74 13.19 -5.67
C LYS A 103 1.11 12.11 -4.79
N VAL A 104 1.31 10.85 -5.17
CA VAL A 104 0.80 9.72 -4.41
C VAL A 104 1.94 9.03 -3.67
N SER A 105 1.70 8.62 -2.43
CA SER A 105 2.72 8.00 -1.60
C SER A 105 2.14 6.79 -0.88
N ILE A 106 2.86 5.67 -0.93
CA ILE A 106 2.40 4.43 -0.32
C ILE A 106 3.42 3.97 0.74
N HIS A 107 2.96 3.25 1.76
CA HIS A 107 3.84 2.79 2.84
C HIS A 107 3.65 1.29 3.10
N ALA A 108 4.74 0.64 3.49
CA ALA A 108 4.86 -0.83 3.56
C ALA A 108 4.15 -1.47 4.76
N SER A 109 3.41 -0.69 5.55
CA SER A 109 2.88 -1.19 6.82
C SER A 109 1.97 -2.40 6.64
N SER A 110 2.24 -3.45 7.43
CA SER A 110 1.54 -4.73 7.33
C SER A 110 0.12 -4.64 7.91
N ARG A 111 -0.60 -5.76 7.84
CA ARG A 111 -2.03 -5.84 8.17
C ARG A 111 -2.39 -5.06 9.44
N VAL A 112 -3.44 -4.24 9.32
CA VAL A 112 -3.94 -3.42 10.43
C VAL A 112 -5.45 -3.67 10.62
N ASP A 113 -6.04 -3.06 11.63
CA ASP A 113 -7.47 -3.17 11.87
C ASP A 113 -8.23 -2.12 11.04
N ALA A 114 -9.13 -2.59 10.17
CA ALA A 114 -9.91 -1.71 9.29
C ALA A 114 -10.88 -0.83 10.10
N ASP A 115 -11.24 0.31 9.53
CA ASP A 115 -12.13 1.26 10.20
C ASP A 115 -13.23 1.75 9.24
N GLY A 116 -12.83 2.16 8.04
CA GLY A 116 -13.79 2.63 7.05
C GLY A 116 -13.21 3.67 6.11
N PHE A 117 -13.63 3.63 4.84
CA PHE A 117 -13.19 4.60 3.84
C PHE A 117 -14.15 5.78 3.82
N GLU A 118 -13.70 6.96 4.24
CA GLU A 118 -14.53 8.16 4.18
C GLU A 118 -13.68 9.41 4.31
N ILE A 119 -13.81 10.32 3.34
CA ILE A 119 -13.05 11.56 3.36
C ILE A 119 -13.45 12.40 4.57
N ARG A 120 -12.79 12.13 5.68
CA ARG A 120 -13.03 12.81 6.95
C ARG A 120 -12.26 14.12 7.03
N ARG A 121 -12.87 15.10 7.68
CA ARG A 121 -12.23 16.38 7.94
C ARG A 121 -12.32 16.69 9.44
N MET A 1 76.56 35.85 5.69
CA MET A 1 77.32 34.58 5.82
C MET A 1 76.38 33.39 5.61
N ALA A 2 76.47 32.78 4.43
CA ALA A 2 75.63 31.65 4.06
C ALA A 2 76.38 30.72 3.13
N HIS A 3 75.93 29.47 3.05
CA HIS A 3 76.59 28.47 2.21
C HIS A 3 75.55 27.58 1.53
N HIS A 4 76.00 26.69 0.67
CA HIS A 4 75.10 25.82 -0.08
C HIS A 4 74.46 24.78 0.82
N HIS A 5 73.30 25.11 1.36
CA HIS A 5 72.50 24.17 2.13
C HIS A 5 71.11 24.06 1.51
N HIS A 6 70.98 23.15 0.56
CA HIS A 6 69.74 22.99 -0.20
C HIS A 6 69.08 21.67 0.16
N HIS A 7 68.00 21.73 0.93
CA HIS A 7 67.28 20.53 1.37
C HIS A 7 66.44 19.97 0.22
N HIS A 8 66.50 18.65 0.03
CA HIS A 8 65.76 17.97 -1.04
C HIS A 8 65.96 16.46 -0.92
N MET A 9 64.86 15.72 -0.86
CA MET A 9 64.91 14.26 -0.73
C MET A 9 63.94 13.58 -1.69
N GLY A 10 63.97 12.24 -1.72
CA GLY A 10 63.19 11.49 -2.68
C GLY A 10 61.74 11.29 -2.26
N THR A 11 60.85 12.12 -2.80
CA THR A 11 59.42 11.97 -2.57
C THR A 11 58.83 11.00 -3.61
N LEU A 12 57.96 10.09 -3.14
CA LEU A 12 57.36 9.07 -4.00
C LEU A 12 55.91 8.83 -3.62
N GLU A 13 55.22 8.01 -4.42
CA GLU A 13 53.80 7.73 -4.22
C GLU A 13 53.40 6.43 -4.94
N ALA A 14 52.20 5.94 -4.63
CA ALA A 14 51.67 4.72 -5.22
C ALA A 14 50.15 4.63 -5.01
N GLN A 15 49.40 4.46 -6.09
CA GLN A 15 47.94 4.43 -6.05
C GLN A 15 47.43 3.24 -5.23
N THR A 16 46.24 3.40 -4.68
CA THR A 16 45.57 2.32 -3.96
C THR A 16 44.58 1.61 -4.88
N GLN A 17 43.95 0.54 -4.38
CA GLN A 17 43.04 -0.28 -5.19
C GLN A 17 41.60 -0.15 -4.69
N GLY A 18 40.72 -1.02 -5.20
CA GLY A 18 39.31 -0.98 -4.81
C GLY A 18 38.80 -2.37 -4.46
N PRO A 19 37.74 -2.46 -3.62
CA PRO A 19 37.20 -3.75 -3.14
C PRO A 19 36.65 -4.64 -4.25
N GLY A 20 35.43 -4.35 -4.71
CA GLY A 20 34.81 -5.17 -5.73
C GLY A 20 33.30 -5.24 -5.56
N SER A 21 32.72 -6.41 -5.88
CA SER A 21 31.28 -6.61 -5.80
C SER A 21 30.96 -8.11 -5.68
N MET A 22 30.08 -8.47 -4.74
CA MET A 22 29.63 -9.85 -4.59
C MET A 22 28.12 -9.93 -4.80
N GLN A 23 27.62 -11.13 -5.06
CA GLN A 23 26.19 -11.35 -5.32
C GLN A 23 25.59 -12.22 -4.21
N GLY A 24 24.28 -12.08 -4.00
CA GLY A 24 23.61 -12.85 -2.96
C GLY A 24 22.22 -13.29 -3.38
N SER A 25 21.25 -13.13 -2.50
CA SER A 25 19.87 -13.56 -2.75
C SER A 25 18.89 -12.55 -2.16
N MET A 26 17.61 -12.93 -2.10
CA MET A 26 16.54 -12.06 -1.62
C MET A 26 15.62 -12.80 -0.66
N PRO A 27 15.12 -12.13 0.39
CA PRO A 27 14.17 -12.72 1.33
C PRO A 27 12.75 -12.78 0.74
N SER A 28 11.87 -13.52 1.40
CA SER A 28 10.50 -13.73 0.91
C SER A 28 9.48 -13.53 2.04
N SER A 29 8.85 -12.36 2.07
CA SER A 29 7.82 -12.07 3.06
C SER A 29 6.50 -12.75 2.67
N SER A 30 6.14 -13.76 3.44
CA SER A 30 4.95 -14.55 3.14
C SER A 30 3.70 -13.90 3.75
N GLU A 31 3.24 -12.83 3.11
CA GLU A 31 2.07 -12.10 3.58
C GLU A 31 0.79 -12.72 3.04
N ASP A 32 -0.04 -13.22 3.95
CA ASP A 32 -1.32 -13.83 3.57
C ASP A 32 -2.30 -12.76 3.08
N VAL A 33 -2.16 -11.57 3.65
CA VAL A 33 -2.99 -10.43 3.26
C VAL A 33 -2.10 -9.24 2.92
N THR A 34 -2.34 -8.64 1.77
CA THR A 34 -1.56 -7.51 1.32
C THR A 34 -2.15 -6.21 1.89
N THR A 35 -1.41 -5.59 2.80
CA THR A 35 -1.84 -4.35 3.43
C THR A 35 -0.86 -3.22 3.14
N LEU A 36 -1.36 -2.13 2.58
CA LEU A 36 -0.56 -0.94 2.31
C LEU A 36 -1.33 0.29 2.77
N CYS A 37 -0.67 1.22 3.44
CA CYS A 37 -1.34 2.46 3.85
C CYS A 37 -1.11 3.54 2.79
N TYR A 38 -2.13 4.35 2.56
CA TYR A 38 -2.11 5.32 1.46
C TYR A 38 -2.06 6.75 2.01
N ARG A 39 -1.40 7.62 1.26
CA ARG A 39 -1.45 9.05 1.49
C ARG A 39 -1.09 9.79 0.21
N VAL A 40 -2.07 10.45 -0.39
CA VAL A 40 -1.87 11.17 -1.64
C VAL A 40 -2.12 12.66 -1.42
N THR A 41 -1.39 13.50 -2.14
CA THR A 41 -1.56 14.95 -2.02
C THR A 41 -2.09 15.55 -3.30
N GLY A 42 -2.79 16.66 -3.15
CA GLY A 42 -3.44 17.31 -4.28
C GLY A 42 -2.60 18.44 -4.85
N LYS A 43 -2.81 18.73 -6.13
CA LYS A 43 -2.14 19.84 -6.80
C LYS A 43 -3.05 21.06 -6.69
N VAL A 44 -4.34 20.85 -6.93
CA VAL A 44 -5.35 21.90 -6.83
C VAL A 44 -6.32 21.56 -5.70
N GLN A 45 -6.79 22.58 -5.00
CA GLN A 45 -7.72 22.40 -3.90
C GLN A 45 -9.02 21.76 -4.38
N GLY A 46 -9.25 20.53 -3.97
CA GLY A 46 -10.46 19.81 -4.34
C GLY A 46 -10.70 18.61 -3.44
N VAL A 47 -11.92 18.09 -3.44
CA VAL A 47 -12.27 16.94 -2.62
C VAL A 47 -11.90 15.63 -3.31
N PHE A 48 -11.90 14.56 -2.55
CA PHE A 48 -11.59 13.22 -3.07
C PHE A 48 -12.89 12.45 -3.25
N PHE A 49 -13.10 11.92 -4.45
CA PHE A 49 -14.32 11.21 -4.81
C PHE A 49 -14.58 9.97 -3.94
N ARG A 50 -15.11 10.21 -2.74
CA ARG A 50 -15.43 9.16 -1.77
C ARG A 50 -16.37 8.13 -2.39
N LYS A 51 -17.36 8.61 -3.14
CA LYS A 51 -18.37 7.74 -3.74
C LYS A 51 -17.72 6.68 -4.63
N TYR A 52 -16.87 7.12 -5.55
CA TYR A 52 -16.23 6.23 -6.51
C TYR A 52 -15.16 5.37 -5.83
N THR A 53 -14.50 5.95 -4.82
CA THR A 53 -13.49 5.22 -4.05
C THR A 53 -14.13 4.06 -3.29
N LYS A 54 -15.25 4.33 -2.65
CA LYS A 54 -15.95 3.31 -1.88
C LYS A 54 -16.55 2.27 -2.81
N LYS A 55 -17.11 2.72 -3.94
CA LYS A 55 -17.62 1.82 -4.96
C LYS A 55 -16.52 0.88 -5.44
N GLU A 56 -15.35 1.45 -5.67
CA GLU A 56 -14.18 0.71 -6.12
C GLU A 56 -13.84 -0.38 -5.10
N ALA A 57 -13.74 0.02 -3.84
CA ALA A 57 -13.39 -0.89 -2.76
C ALA A 57 -14.46 -1.96 -2.57
N ASP A 58 -15.73 -1.56 -2.63
CA ASP A 58 -16.84 -2.50 -2.49
C ASP A 58 -16.78 -3.58 -3.57
N ALA A 59 -16.54 -3.15 -4.80
CA ALA A 59 -16.53 -4.06 -5.94
C ALA A 59 -15.31 -4.99 -5.91
N LEU A 60 -14.14 -4.41 -5.72
CA LEU A 60 -12.89 -5.17 -5.75
C LEU A 60 -12.58 -5.80 -4.38
N SER A 61 -13.44 -5.51 -3.39
CA SER A 61 -13.39 -6.16 -2.07
C SER A 61 -12.13 -5.75 -1.29
N LEU A 62 -11.81 -4.45 -1.30
CA LEU A 62 -10.73 -3.93 -0.47
C LEU A 62 -11.30 -3.45 0.86
N VAL A 63 -10.64 -3.84 1.95
CA VAL A 63 -11.02 -3.39 3.27
C VAL A 63 -9.94 -2.46 3.83
N GLY A 64 -10.28 -1.66 4.82
CA GLY A 64 -9.37 -0.69 5.37
C GLY A 64 -10.10 0.56 5.77
N TYR A 65 -9.54 1.72 5.43
CA TYR A 65 -10.21 2.98 5.71
C TYR A 65 -9.55 4.14 4.96
N VAL A 66 -10.30 5.22 4.78
CA VAL A 66 -9.78 6.45 4.16
C VAL A 66 -10.31 7.67 4.90
N THR A 67 -9.50 8.74 4.92
CA THR A 67 -9.83 10.01 5.58
C THR A 67 -9.05 11.15 4.92
N ASN A 68 -9.49 12.38 5.13
CA ASN A 68 -8.79 13.57 4.61
C ASN A 68 -7.86 14.15 5.67
N ASN A 69 -6.84 14.87 5.22
CA ASN A 69 -5.93 15.59 6.10
C ASN A 69 -5.96 17.08 5.74
N GLU A 70 -5.81 17.95 6.73
CA GLU A 70 -5.79 19.39 6.48
C GLU A 70 -4.52 19.76 5.69
N ASP A 71 -3.59 18.83 5.64
CA ASP A 71 -2.36 18.99 4.86
C ASP A 71 -2.65 19.07 3.37
N GLY A 72 -3.89 18.77 2.99
CA GLY A 72 -4.25 18.70 1.58
C GLY A 72 -3.92 17.34 1.01
N SER A 73 -3.91 16.34 1.89
CA SER A 73 -3.62 14.97 1.51
C SER A 73 -4.73 14.04 2.00
N VAL A 74 -4.98 12.98 1.23
CA VAL A 74 -5.94 11.96 1.62
C VAL A 74 -5.20 10.71 2.06
N SER A 75 -5.42 10.28 3.30
CA SER A 75 -4.71 9.15 3.87
C SER A 75 -5.66 8.01 4.22
N GLY A 76 -5.10 6.81 4.38
CA GLY A 76 -5.90 5.65 4.73
C GLY A 76 -5.10 4.37 4.68
N VAL A 77 -5.79 3.24 4.69
CA VAL A 77 -5.15 1.93 4.61
C VAL A 77 -5.97 1.01 3.72
N VAL A 78 -5.29 0.21 2.89
CA VAL A 78 -5.95 -0.80 2.06
C VAL A 78 -5.45 -2.19 2.45
N GLN A 79 -6.35 -3.17 2.48
CA GLN A 79 -6.02 -4.52 2.88
C GLN A 79 -6.78 -5.52 2.01
N GLY A 80 -6.07 -6.52 1.49
CA GLY A 80 -6.70 -7.56 0.69
C GLY A 80 -5.69 -8.30 -0.17
N PRO A 81 -6.14 -9.03 -1.21
CA PRO A 81 -5.24 -9.71 -2.15
C PRO A 81 -4.50 -8.69 -3.02
N LYS A 82 -3.20 -8.90 -3.21
CA LYS A 82 -2.35 -7.92 -3.88
C LYS A 82 -2.88 -7.53 -5.27
N GLU A 83 -3.69 -8.39 -5.88
CA GLU A 83 -4.26 -8.11 -7.19
C GLU A 83 -5.29 -6.99 -7.09
N GLN A 84 -6.22 -7.15 -6.17
CA GLN A 84 -7.27 -6.14 -5.97
C GLN A 84 -6.69 -4.89 -5.33
N VAL A 85 -5.68 -5.08 -4.48
CA VAL A 85 -4.92 -3.97 -3.93
C VAL A 85 -4.27 -3.19 -5.07
N ASP A 86 -3.70 -3.93 -6.02
CA ASP A 86 -3.09 -3.31 -7.21
C ASP A 86 -4.15 -2.57 -8.02
N ALA A 87 -5.36 -3.14 -8.09
CA ALA A 87 -6.49 -2.48 -8.74
C ALA A 87 -6.79 -1.15 -8.06
N PHE A 88 -6.70 -1.15 -6.73
CA PHE A 88 -6.93 0.05 -5.94
C PHE A 88 -5.79 1.06 -6.14
N VAL A 89 -4.57 0.54 -6.27
CA VAL A 89 -3.40 1.38 -6.56
C VAL A 89 -3.58 2.06 -7.91
N LYS A 90 -3.96 1.26 -8.91
CA LYS A 90 -4.21 1.76 -10.26
C LYS A 90 -5.28 2.85 -10.21
N TYR A 91 -6.34 2.58 -9.44
CA TYR A 91 -7.42 3.53 -9.26
C TYR A 91 -6.90 4.82 -8.61
N LEU A 92 -5.99 4.64 -7.66
CA LEU A 92 -5.42 5.75 -6.92
C LEU A 92 -4.57 6.62 -7.84
N HIS A 93 -3.79 5.96 -8.70
CA HIS A 93 -2.94 6.66 -9.68
C HIS A 93 -3.79 7.40 -10.71
N LYS A 94 -5.03 6.92 -10.91
CA LYS A 94 -5.98 7.60 -11.78
C LYS A 94 -6.31 8.98 -11.21
N GLY A 95 -6.58 9.01 -9.91
CA GLY A 95 -6.86 10.26 -9.23
C GLY A 95 -8.22 10.83 -9.58
N SER A 96 -8.52 11.99 -9.00
CA SER A 96 -9.79 12.66 -9.22
C SER A 96 -9.84 13.26 -10.63
N PRO A 97 -11.03 13.28 -11.26
CA PRO A 97 -11.21 13.84 -12.61
C PRO A 97 -11.01 15.36 -12.62
N LYS A 98 -11.21 16.00 -11.47
CA LYS A 98 -11.09 17.45 -11.37
C LYS A 98 -9.95 17.85 -10.42
N SER A 99 -9.63 16.98 -9.48
CA SER A 99 -8.55 17.24 -8.53
C SER A 99 -7.30 16.46 -8.95
N VAL A 100 -6.36 17.15 -9.60
CA VAL A 100 -5.13 16.51 -10.06
C VAL A 100 -4.21 16.26 -8.87
N VAL A 101 -3.65 15.05 -8.82
CA VAL A 101 -2.74 14.67 -7.73
C VAL A 101 -1.32 15.14 -8.03
N LYS A 102 -0.58 15.43 -6.97
CA LYS A 102 0.83 15.85 -7.10
C LYS A 102 1.75 14.65 -6.87
N LYS A 103 1.37 13.79 -5.93
CA LYS A 103 2.17 12.63 -5.57
C LYS A 103 1.39 11.69 -4.67
N VAL A 104 1.52 10.39 -4.94
CA VAL A 104 0.91 9.35 -4.11
C VAL A 104 1.98 8.64 -3.30
N SER A 105 1.72 8.45 -2.01
CA SER A 105 2.72 7.94 -1.09
C SER A 105 2.13 6.76 -0.31
N ILE A 106 2.77 5.61 -0.45
CA ILE A 106 2.27 4.38 0.15
C ILE A 106 3.19 3.94 1.29
N HIS A 107 2.64 3.18 2.24
CA HIS A 107 3.41 2.68 3.38
C HIS A 107 3.26 1.18 3.51
N ALA A 108 4.34 0.54 3.95
CA ALA A 108 4.47 -0.91 4.03
C ALA A 108 3.67 -1.53 5.19
N SER A 109 2.90 -0.70 5.89
CA SER A 109 2.28 -1.11 7.16
C SER A 109 1.36 -2.33 6.99
N SER A 110 1.45 -3.23 7.97
CA SER A 110 0.77 -4.53 7.91
C SER A 110 -0.69 -4.43 8.33
N ARG A 111 -1.37 -5.59 8.28
CA ARG A 111 -2.82 -5.72 8.53
C ARG A 111 -3.29 -4.91 9.75
N VAL A 112 -4.37 -4.16 9.56
CA VAL A 112 -4.96 -3.33 10.61
C VAL A 112 -6.47 -3.55 10.69
N ASP A 113 -7.12 -2.91 11.66
CA ASP A 113 -8.58 -2.96 11.80
C ASP A 113 -9.22 -2.04 10.76
N ALA A 114 -10.10 -2.60 9.95
CA ALA A 114 -10.78 -1.84 8.90
C ALA A 114 -11.96 -1.05 9.47
N ASP A 115 -12.11 0.19 8.99
CA ASP A 115 -13.18 1.07 9.44
C ASP A 115 -14.11 1.42 8.28
N GLY A 116 -13.52 1.90 7.19
CA GLY A 116 -14.29 2.38 6.06
C GLY A 116 -13.59 3.49 5.29
N PHE A 117 -13.79 3.53 3.99
CA PHE A 117 -13.17 4.54 3.15
C PHE A 117 -14.09 5.75 3.06
N GLU A 118 -13.68 6.89 3.65
CA GLU A 118 -14.51 8.09 3.59
C GLU A 118 -13.66 9.34 3.72
N ILE A 119 -14.24 10.48 3.48
CA ILE A 119 -13.51 11.72 3.63
C ILE A 119 -13.86 12.39 4.95
N ARG A 120 -13.14 11.99 5.99
CA ARG A 120 -13.27 12.58 7.31
C ARG A 120 -12.48 13.88 7.37
N ARG A 121 -13.05 14.88 8.03
CA ARG A 121 -12.39 16.16 8.19
C ARG A 121 -12.65 16.68 9.61
N MET A 1 61.50 45.98 -18.50
CA MET A 1 61.64 44.70 -17.77
C MET A 1 60.38 43.86 -17.97
N ALA A 2 60.42 42.94 -18.93
CA ALA A 2 59.29 42.08 -19.22
C ALA A 2 59.44 40.73 -18.50
N HIS A 3 58.36 40.26 -17.90
CA HIS A 3 58.35 38.97 -17.21
C HIS A 3 57.78 37.89 -18.12
N HIS A 4 58.42 36.72 -18.14
CA HIS A 4 57.99 35.64 -19.02
C HIS A 4 56.93 34.79 -18.33
N HIS A 5 55.99 34.27 -19.12
CA HIS A 5 54.83 33.55 -18.59
C HIS A 5 54.94 32.06 -18.92
N HIS A 6 53.96 31.28 -18.46
CA HIS A 6 53.92 29.84 -18.72
C HIS A 6 52.51 29.42 -19.12
N HIS A 7 52.38 28.80 -20.29
CA HIS A 7 51.09 28.29 -20.76
C HIS A 7 50.91 26.83 -20.32
N HIS A 8 50.01 26.59 -19.37
CA HIS A 8 49.74 25.24 -18.88
C HIS A 8 48.99 24.42 -19.94
N MET A 9 49.25 23.12 -19.97
CA MET A 9 48.60 22.22 -20.92
C MET A 9 48.54 20.80 -20.34
N GLY A 10 47.91 19.90 -21.09
CA GLY A 10 47.82 18.51 -20.67
C GLY A 10 46.79 17.75 -21.48
N THR A 11 47.14 16.54 -21.91
CA THR A 11 46.26 15.71 -22.71
C THR A 11 45.10 15.16 -21.86
N LEU A 12 43.94 15.04 -22.47
CA LEU A 12 42.73 14.59 -21.78
C LEU A 12 42.64 13.06 -21.78
N GLU A 13 41.76 12.52 -20.94
CA GLU A 13 41.51 11.08 -20.87
C GLU A 13 40.01 10.83 -20.94
N ALA A 14 39.59 9.78 -21.65
CA ALA A 14 38.17 9.53 -21.89
C ALA A 14 37.76 8.13 -21.46
N GLN A 15 36.45 7.89 -21.41
CA GLN A 15 35.89 6.60 -21.04
C GLN A 15 35.02 6.05 -22.17
N THR A 16 34.66 4.78 -22.08
CA THR A 16 33.86 4.12 -23.11
C THR A 16 32.38 4.04 -22.69
N GLN A 17 31.52 3.72 -23.65
CA GLN A 17 30.09 3.58 -23.40
C GLN A 17 29.78 2.17 -22.87
N GLY A 18 28.74 2.08 -22.03
CA GLY A 18 28.35 0.79 -21.48
C GLY A 18 27.63 -0.09 -22.48
N PRO A 19 27.19 -1.30 -22.07
CA PRO A 19 26.53 -2.26 -22.96
C PRO A 19 25.07 -1.90 -23.22
N GLY A 20 24.51 -1.01 -22.40
CA GLY A 20 23.13 -0.61 -22.56
C GLY A 20 22.28 -1.03 -21.37
N SER A 21 21.14 -1.66 -21.65
CA SER A 21 20.22 -2.11 -20.61
C SER A 21 19.38 -3.29 -21.08
N MET A 22 19.06 -4.19 -20.16
CA MET A 22 18.24 -5.37 -20.45
C MET A 22 17.17 -5.51 -19.37
N GLN A 23 16.07 -6.19 -19.70
CA GLN A 23 14.99 -6.42 -18.75
C GLN A 23 15.42 -7.42 -17.67
N GLY A 24 14.52 -7.70 -16.73
CA GLY A 24 14.83 -8.58 -15.62
C GLY A 24 13.67 -9.47 -15.25
N SER A 25 13.56 -9.80 -13.96
CA SER A 25 12.53 -10.70 -13.46
C SER A 25 11.88 -10.15 -12.20
N MET A 26 10.78 -10.77 -11.79
CA MET A 26 10.06 -10.39 -10.57
C MET A 26 9.66 -11.65 -9.80
N PRO A 27 9.97 -11.73 -8.50
CA PRO A 27 9.65 -12.90 -7.68
C PRO A 27 8.15 -13.02 -7.39
N SER A 28 7.59 -14.19 -7.64
CA SER A 28 6.18 -14.43 -7.43
C SER A 28 5.91 -14.77 -5.95
N SER A 29 5.79 -13.73 -5.14
CA SER A 29 5.50 -13.87 -3.72
C SER A 29 4.99 -12.55 -3.16
N SER A 30 4.14 -12.63 -2.14
CA SER A 30 3.56 -11.44 -1.51
C SER A 30 2.75 -11.87 -0.28
N GLU A 31 2.46 -10.91 0.59
CA GLU A 31 1.58 -11.14 1.73
C GLU A 31 0.22 -11.62 1.23
N ASP A 32 -0.35 -12.63 1.86
CA ASP A 32 -1.59 -13.25 1.38
C ASP A 32 -2.76 -12.29 1.56
N VAL A 33 -2.68 -11.48 2.60
CA VAL A 33 -3.58 -10.34 2.75
C VAL A 33 -2.73 -9.09 2.74
N THR A 34 -2.61 -8.52 1.57
CA THR A 34 -1.70 -7.42 1.32
C THR A 34 -2.26 -6.12 1.88
N THR A 35 -1.49 -5.48 2.75
CA THR A 35 -1.88 -4.23 3.37
C THR A 35 -0.86 -3.15 3.06
N LEU A 36 -1.35 -2.03 2.52
CA LEU A 36 -0.50 -0.90 2.19
C LEU A 36 -1.24 0.39 2.54
N CYS A 37 -0.55 1.29 3.20
CA CYS A 37 -1.13 2.57 3.58
C CYS A 37 -1.00 3.56 2.43
N TYR A 38 -2.05 4.33 2.18
CA TYR A 38 -2.09 5.27 1.06
C TYR A 38 -2.08 6.71 1.56
N ARG A 39 -1.43 7.57 0.81
CA ARG A 39 -1.38 8.99 1.11
C ARG A 39 -1.13 9.79 -0.17
N VAL A 40 -2.15 10.52 -0.60
CA VAL A 40 -2.06 11.33 -1.82
C VAL A 40 -2.26 12.80 -1.47
N THR A 41 -1.58 13.68 -2.19
CA THR A 41 -1.68 15.12 -1.96
C THR A 41 -2.46 15.78 -3.09
N GLY A 42 -3.58 16.40 -2.74
CA GLY A 42 -4.38 17.11 -3.71
C GLY A 42 -3.88 18.52 -3.93
N LYS A 43 -3.68 18.90 -5.18
CA LYS A 43 -3.25 20.25 -5.52
C LYS A 43 -4.47 21.19 -5.56
N VAL A 44 -5.65 20.59 -5.40
CA VAL A 44 -6.92 21.31 -5.37
C VAL A 44 -7.39 21.53 -3.94
N GLN A 45 -8.58 22.11 -3.77
CA GLN A 45 -9.11 22.44 -2.44
C GLN A 45 -9.65 21.19 -1.70
N GLY A 46 -8.96 20.06 -1.85
CA GLY A 46 -9.29 18.87 -1.08
C GLY A 46 -10.49 18.10 -1.64
N VAL A 47 -10.73 18.21 -2.94
CA VAL A 47 -11.80 17.46 -3.58
C VAL A 47 -11.27 16.12 -4.12
N PHE A 48 -11.93 15.04 -3.74
CA PHE A 48 -11.54 13.69 -4.14
C PHE A 48 -12.81 12.93 -4.57
N PHE A 49 -12.67 11.76 -5.19
CA PHE A 49 -13.85 11.02 -5.68
C PHE A 49 -14.67 10.42 -4.54
N ARG A 50 -15.42 11.28 -3.86
CA ARG A 50 -16.35 10.87 -2.80
C ARG A 50 -17.38 9.92 -3.40
N LYS A 51 -17.91 9.02 -2.56
CA LYS A 51 -18.74 7.91 -3.02
C LYS A 51 -17.91 6.87 -3.75
N TYR A 52 -17.30 7.28 -4.86
CA TYR A 52 -16.52 6.40 -5.72
C TYR A 52 -15.41 5.68 -4.94
N THR A 53 -14.84 6.35 -3.93
CA THR A 53 -13.83 5.72 -3.07
C THR A 53 -14.38 4.44 -2.46
N LYS A 54 -15.54 4.56 -1.81
CA LYS A 54 -16.17 3.45 -1.10
C LYS A 54 -16.72 2.46 -2.12
N LYS A 55 -17.30 2.99 -3.19
CA LYS A 55 -17.82 2.18 -4.28
C LYS A 55 -16.73 1.24 -4.81
N GLU A 56 -15.57 1.81 -5.14
CA GLU A 56 -14.49 1.05 -5.72
C GLU A 56 -13.96 0.03 -4.74
N ALA A 57 -13.62 0.49 -3.53
CA ALA A 57 -13.09 -0.39 -2.51
C ALA A 57 -14.05 -1.54 -2.23
N ASP A 58 -15.31 -1.21 -2.03
CA ASP A 58 -16.33 -2.22 -1.72
C ASP A 58 -16.53 -3.18 -2.88
N ALA A 59 -16.44 -2.66 -4.11
CA ALA A 59 -16.63 -3.47 -5.32
C ALA A 59 -15.45 -4.45 -5.52
N LEU A 60 -14.23 -3.92 -5.41
CA LEU A 60 -13.02 -4.73 -5.56
C LEU A 60 -12.69 -5.46 -4.25
N SER A 61 -13.48 -5.18 -3.21
CA SER A 61 -13.41 -5.90 -1.94
C SER A 61 -12.11 -5.59 -1.20
N LEU A 62 -11.67 -4.33 -1.26
CA LEU A 62 -10.59 -3.85 -0.42
C LEU A 62 -11.17 -3.36 0.91
N VAL A 63 -10.56 -3.76 2.01
CA VAL A 63 -10.97 -3.30 3.32
C VAL A 63 -9.90 -2.36 3.89
N GLY A 64 -10.25 -1.60 4.91
CA GLY A 64 -9.34 -0.63 5.48
C GLY A 64 -10.06 0.65 5.86
N TYR A 65 -9.47 1.79 5.52
CA TYR A 65 -10.08 3.08 5.85
C TYR A 65 -9.39 4.23 5.09
N VAL A 66 -10.16 5.26 4.78
CA VAL A 66 -9.64 6.45 4.09
C VAL A 66 -10.25 7.70 4.71
N THR A 67 -9.43 8.76 4.82
CA THR A 67 -9.87 10.06 5.31
C THR A 67 -9.05 11.16 4.65
N ASN A 68 -9.56 12.38 4.70
CA ASN A 68 -8.82 13.54 4.19
C ASN A 68 -8.18 14.29 5.36
N ASN A 69 -7.11 15.02 5.09
CA ASN A 69 -6.44 15.85 6.09
C ASN A 69 -6.49 17.30 5.63
N GLU A 70 -6.50 18.23 6.58
CA GLU A 70 -6.59 19.65 6.26
C GLU A 70 -5.26 20.13 5.63
N ASP A 71 -4.29 19.22 5.57
CA ASP A 71 -3.03 19.47 4.87
C ASP A 71 -3.25 19.41 3.36
N GLY A 72 -4.46 18.99 2.96
CA GLY A 72 -4.78 18.83 1.56
C GLY A 72 -4.46 17.43 1.07
N SER A 73 -4.05 16.56 1.99
CA SER A 73 -3.67 15.21 1.65
C SER A 73 -4.72 14.20 2.11
N VAL A 74 -5.06 13.26 1.25
CA VAL A 74 -5.95 12.16 1.60
C VAL A 74 -5.11 10.95 2.00
N SER A 75 -5.41 10.36 3.16
CA SER A 75 -4.60 9.25 3.68
C SER A 75 -5.50 8.15 4.26
N GLY A 76 -5.00 6.92 4.21
CA GLY A 76 -5.73 5.78 4.72
C GLY A 76 -4.93 4.50 4.57
N VAL A 77 -5.60 3.35 4.72
CA VAL A 77 -4.95 2.05 4.59
C VAL A 77 -5.84 1.11 3.78
N VAL A 78 -5.22 0.31 2.91
CA VAL A 78 -5.93 -0.67 2.10
C VAL A 78 -5.44 -2.08 2.45
N GLN A 79 -6.37 -3.05 2.44
CA GLN A 79 -6.05 -4.43 2.79
C GLN A 79 -6.86 -5.37 1.89
N GLY A 80 -6.21 -6.41 1.37
CA GLY A 80 -6.90 -7.40 0.56
C GLY A 80 -5.94 -8.23 -0.26
N PRO A 81 -6.45 -9.06 -1.21
CA PRO A 81 -5.58 -9.85 -2.10
C PRO A 81 -4.69 -8.95 -2.95
N LYS A 82 -3.48 -9.44 -3.25
CA LYS A 82 -2.47 -8.68 -3.99
C LYS A 82 -3.07 -8.01 -5.22
N GLU A 83 -3.83 -8.78 -6.00
CA GLU A 83 -4.32 -8.31 -7.29
C GLU A 83 -5.38 -7.21 -7.12
N GLN A 84 -6.19 -7.30 -6.08
CA GLN A 84 -7.21 -6.29 -5.81
C GLN A 84 -6.57 -5.02 -5.23
N VAL A 85 -5.58 -5.21 -4.37
CA VAL A 85 -4.81 -4.07 -3.85
C VAL A 85 -4.08 -3.38 -5.00
N ASP A 86 -3.60 -4.18 -5.93
CA ASP A 86 -2.94 -3.69 -7.13
C ASP A 86 -3.95 -2.93 -7.99
N ALA A 87 -5.18 -3.44 -8.01
CA ALA A 87 -6.29 -2.77 -8.68
C ALA A 87 -6.52 -1.38 -8.07
N PHE A 88 -6.48 -1.33 -6.74
CA PHE A 88 -6.74 -0.10 -6.01
C PHE A 88 -5.65 0.94 -6.28
N VAL A 89 -4.38 0.52 -6.25
CA VAL A 89 -3.27 1.45 -6.50
C VAL A 89 -3.29 1.93 -7.95
N LYS A 90 -3.62 1.02 -8.86
CA LYS A 90 -3.75 1.34 -10.28
C LYS A 90 -4.86 2.35 -10.49
N TYR A 91 -5.97 2.14 -9.79
CA TYR A 91 -7.11 3.04 -9.85
C TYR A 91 -6.75 4.39 -9.22
N LEU A 92 -6.01 4.34 -8.11
CA LEU A 92 -5.62 5.55 -7.38
C LEU A 92 -4.73 6.42 -8.26
N HIS A 93 -3.84 5.78 -9.02
CA HIS A 93 -2.91 6.49 -9.90
C HIS A 93 -3.64 7.26 -11.01
N LYS A 94 -4.93 7.00 -11.17
CA LYS A 94 -5.76 7.70 -12.16
C LYS A 94 -6.24 9.04 -11.60
N GLY A 95 -6.21 9.17 -10.28
CA GLY A 95 -6.63 10.40 -9.62
C GLY A 95 -8.13 10.61 -9.69
N SER A 96 -8.57 11.81 -9.33
CA SER A 96 -9.99 12.15 -9.37
C SER A 96 -10.29 13.02 -10.59
N PRO A 97 -11.49 12.85 -11.20
CA PRO A 97 -11.87 13.54 -12.46
C PRO A 97 -11.48 15.02 -12.51
N LYS A 98 -11.77 15.76 -11.44
CA LYS A 98 -11.56 17.21 -11.42
C LYS A 98 -10.40 17.60 -10.52
N SER A 99 -9.64 16.62 -10.06
CA SER A 99 -8.59 16.86 -9.07
C SER A 99 -7.21 16.57 -9.66
N VAL A 100 -6.21 17.31 -9.18
CA VAL A 100 -4.82 17.11 -9.61
C VAL A 100 -4.03 16.48 -8.47
N VAL A 101 -3.64 15.22 -8.66
CA VAL A 101 -2.85 14.51 -7.67
C VAL A 101 -1.38 14.86 -7.80
N LYS A 102 -0.87 15.57 -6.80
CA LYS A 102 0.52 16.02 -6.80
C LYS A 102 1.44 14.83 -6.53
N LYS A 103 1.19 14.15 -5.43
CA LYS A 103 1.95 12.96 -5.04
C LYS A 103 1.02 11.85 -4.60
N VAL A 104 1.14 10.69 -5.22
CA VAL A 104 0.46 9.48 -4.76
C VAL A 104 1.50 8.57 -4.10
N SER A 105 1.43 8.45 -2.78
CA SER A 105 2.47 7.80 -2.01
C SER A 105 1.88 6.63 -1.21
N ILE A 106 2.55 5.49 -1.31
CA ILE A 106 2.08 4.29 -0.62
C ILE A 106 3.11 3.91 0.45
N HIS A 107 2.66 3.24 1.50
CA HIS A 107 3.54 2.92 2.63
C HIS A 107 3.40 1.45 3.03
N ALA A 108 4.51 0.89 3.50
CA ALA A 108 4.67 -0.54 3.76
C ALA A 108 3.85 -1.07 4.95
N SER A 109 2.99 -0.25 5.54
CA SER A 109 2.35 -0.61 6.81
C SER A 109 1.54 -1.90 6.68
N SER A 110 1.78 -2.81 7.63
CA SER A 110 1.22 -4.16 7.62
C SER A 110 -0.24 -4.19 8.07
N ARG A 111 -0.84 -5.38 8.05
CA ARG A 111 -2.27 -5.57 8.30
C ARG A 111 -2.76 -4.83 9.56
N VAL A 112 -3.95 -4.23 9.43
CA VAL A 112 -4.60 -3.47 10.49
C VAL A 112 -6.09 -3.81 10.55
N ASP A 113 -6.79 -3.24 11.51
CA ASP A 113 -8.25 -3.35 11.58
C ASP A 113 -8.89 -2.27 10.71
N ALA A 114 -9.94 -2.64 9.98
CA ALA A 114 -10.63 -1.71 9.07
C ALA A 114 -11.56 -0.76 9.83
N ASP A 115 -11.91 0.36 9.20
CA ASP A 115 -12.78 1.37 9.81
C ASP A 115 -13.79 1.91 8.79
N GLY A 116 -13.31 2.23 7.59
CA GLY A 116 -14.20 2.73 6.54
C GLY A 116 -13.51 3.69 5.59
N PHE A 117 -13.81 3.57 4.30
CA PHE A 117 -13.28 4.47 3.29
C PHE A 117 -14.22 5.65 3.09
N GLU A 118 -13.80 6.85 3.49
CA GLU A 118 -14.61 8.04 3.22
C GLU A 118 -13.79 9.31 3.36
N ILE A 119 -13.95 10.23 2.42
CA ILE A 119 -13.21 11.48 2.46
C ILE A 119 -13.72 12.34 3.61
N ARG A 120 -13.15 12.11 4.78
CA ARG A 120 -13.54 12.81 6.00
C ARG A 120 -13.02 14.23 6.00
N ARG A 121 -13.95 15.16 6.16
CA ARG A 121 -13.67 16.59 6.12
C ARG A 121 -14.64 17.30 7.06
N MET A 1 -0.64 -63.50 40.27
CA MET A 1 0.37 -64.54 40.56
C MET A 1 1.76 -63.94 40.54
N ALA A 2 2.67 -64.54 41.32
CA ALA A 2 4.06 -64.09 41.44
C ALA A 2 4.15 -62.81 42.27
N HIS A 3 4.91 -62.87 43.35
CA HIS A 3 5.10 -61.75 44.26
C HIS A 3 6.33 -60.93 43.85
N HIS A 4 6.57 -60.89 42.53
CA HIS A 4 7.69 -60.15 41.96
C HIS A 4 7.65 -58.69 42.40
N HIS A 5 8.83 -58.11 42.60
CA HIS A 5 8.94 -56.75 43.15
C HIS A 5 10.15 -56.03 42.58
N HIS A 6 9.99 -54.72 42.37
CA HIS A 6 11.03 -53.90 41.75
C HIS A 6 11.09 -52.54 42.44
N HIS A 7 12.21 -51.84 42.30
CA HIS A 7 12.38 -50.51 42.90
C HIS A 7 13.68 -49.88 42.42
N HIS A 8 13.79 -48.57 42.59
CA HIS A 8 14.98 -47.83 42.18
C HIS A 8 14.92 -46.42 42.77
N MET A 9 16.08 -45.79 42.90
CA MET A 9 16.16 -44.40 43.35
C MET A 9 17.24 -43.67 42.56
N GLY A 10 16.82 -42.96 41.52
CA GLY A 10 17.75 -42.25 40.65
C GLY A 10 17.30 -40.83 40.37
N THR A 11 17.87 -39.88 41.09
CA THR A 11 17.52 -38.47 40.94
C THR A 11 18.75 -37.63 40.65
N LEU A 12 18.51 -36.45 40.09
CA LEU A 12 19.59 -35.55 39.69
C LEU A 12 19.03 -34.24 39.14
N GLU A 13 19.75 -33.15 39.40
CA GLU A 13 19.41 -31.84 38.88
C GLU A 13 20.69 -31.02 38.76
N ALA A 14 21.05 -30.63 37.53
CA ALA A 14 22.36 -30.03 37.25
C ALA A 14 22.24 -28.90 36.24
N GLN A 15 23.40 -28.38 35.80
CA GLN A 15 23.45 -27.23 34.91
C GLN A 15 23.88 -27.63 33.49
N THR A 16 23.61 -26.77 32.52
CA THR A 16 24.08 -26.95 31.16
C THR A 16 24.50 -25.61 30.58
N GLN A 17 25.79 -25.29 30.71
CA GLN A 17 26.32 -24.01 30.26
C GLN A 17 27.11 -24.19 28.96
N GLY A 18 27.00 -23.20 28.07
CA GLY A 18 27.72 -23.25 26.81
C GLY A 18 26.87 -22.74 25.66
N PRO A 19 27.37 -21.79 24.86
CA PRO A 19 26.66 -21.28 23.69
C PRO A 19 27.01 -22.07 22.43
N GLY A 20 26.86 -21.44 21.28
CA GLY A 20 27.16 -22.11 20.03
C GLY A 20 26.66 -21.33 18.83
N SER A 21 26.44 -22.01 17.71
CA SER A 21 25.93 -21.39 16.50
C SER A 21 24.95 -22.33 15.79
N MET A 22 23.67 -22.01 15.86
CA MET A 22 22.64 -22.81 15.20
C MET A 22 22.20 -22.13 13.91
N GLN A 23 22.91 -22.43 12.82
CA GLN A 23 22.62 -21.83 11.53
C GLN A 23 21.61 -22.68 10.77
N GLY A 24 20.33 -22.48 11.10
CA GLY A 24 19.27 -23.27 10.50
C GLY A 24 18.83 -22.72 9.16
N SER A 25 17.88 -23.40 8.53
CA SER A 25 17.33 -22.98 7.26
C SER A 25 16.08 -22.11 7.48
N MET A 26 15.83 -21.20 6.56
CA MET A 26 14.69 -20.28 6.67
C MET A 26 13.56 -20.70 5.73
N PRO A 27 12.39 -21.05 6.28
CA PRO A 27 11.19 -21.34 5.48
C PRO A 27 10.46 -20.06 5.07
N SER A 28 9.54 -20.19 4.10
CA SER A 28 8.79 -19.06 3.58
C SER A 28 7.80 -18.51 4.62
N SER A 29 7.53 -17.21 4.57
CA SER A 29 6.61 -16.58 5.49
C SER A 29 5.18 -16.63 4.94
N SER A 30 4.26 -17.12 5.77
CA SER A 30 2.86 -17.26 5.37
C SER A 30 2.11 -15.94 5.57
N GLU A 31 2.12 -15.09 4.54
CA GLU A 31 1.37 -13.84 4.57
C GLU A 31 0.07 -14.01 3.78
N ASP A 32 -1.04 -14.07 4.50
CA ASP A 32 -2.34 -14.37 3.89
C ASP A 32 -2.99 -13.11 3.33
N VAL A 33 -2.71 -11.97 3.97
CA VAL A 33 -3.31 -10.70 3.58
C VAL A 33 -2.22 -9.67 3.27
N THR A 34 -2.40 -8.94 2.17
CA THR A 34 -1.50 -7.87 1.81
C THR A 34 -2.05 -6.53 2.31
N THR A 35 -1.17 -5.65 2.77
CA THR A 35 -1.59 -4.36 3.33
C THR A 35 -0.53 -3.30 3.08
N LEU A 36 -0.96 -2.14 2.60
CA LEU A 36 -0.10 -0.98 2.42
C LEU A 36 -0.90 0.29 2.69
N CYS A 37 -0.26 1.27 3.30
CA CYS A 37 -0.90 2.55 3.60
C CYS A 37 -0.78 3.48 2.40
N TYR A 38 -1.87 4.18 2.08
CA TYR A 38 -1.91 5.08 0.94
C TYR A 38 -2.02 6.53 1.41
N ARG A 39 -1.30 7.43 0.75
CA ARG A 39 -1.38 8.86 1.04
C ARG A 39 -1.16 9.66 -0.24
N VAL A 40 -2.14 10.51 -0.57
CA VAL A 40 -2.12 11.25 -1.85
C VAL A 40 -2.51 12.70 -1.63
N THR A 41 -2.00 13.59 -2.47
CA THR A 41 -2.31 15.01 -2.37
C THR A 41 -3.40 15.41 -3.38
N GLY A 42 -4.54 15.87 -2.86
CA GLY A 42 -5.61 16.37 -3.71
C GLY A 42 -5.43 17.85 -3.98
N LYS A 43 -6.10 18.38 -5.01
CA LYS A 43 -5.91 19.78 -5.37
C LYS A 43 -7.23 20.42 -5.84
N VAL A 44 -7.60 20.15 -7.08
CA VAL A 44 -8.78 20.74 -7.70
C VAL A 44 -9.94 19.76 -7.66
N GLN A 45 -11.16 20.28 -7.57
CA GLN A 45 -12.36 19.46 -7.53
C GLN A 45 -12.36 18.61 -6.25
N GLY A 46 -12.61 19.27 -5.13
CA GLY A 46 -12.59 18.60 -3.84
C GLY A 46 -11.19 18.10 -3.50
N VAL A 47 -11.12 16.87 -3.01
CA VAL A 47 -9.84 16.22 -2.70
C VAL A 47 -9.88 14.75 -3.10
N PHE A 48 -11.05 14.14 -2.93
CA PHE A 48 -11.25 12.72 -3.25
C PHE A 48 -12.74 12.39 -3.21
N PHE A 49 -13.26 11.84 -4.29
CA PHE A 49 -14.69 11.53 -4.39
C PHE A 49 -15.01 10.18 -3.75
N ARG A 50 -15.69 10.23 -2.62
CA ARG A 50 -16.15 9.04 -1.91
C ARG A 50 -16.94 8.12 -2.83
N LYS A 51 -17.57 8.71 -3.87
CA LYS A 51 -18.34 7.95 -4.85
C LYS A 51 -17.45 6.94 -5.59
N TYR A 52 -16.47 7.45 -6.32
CA TYR A 52 -15.57 6.61 -7.10
C TYR A 52 -14.77 5.69 -6.18
N THR A 53 -14.38 6.23 -5.02
CA THR A 53 -13.67 5.45 -4.02
C THR A 53 -14.53 4.27 -3.54
N LYS A 54 -15.81 4.53 -3.34
CA LYS A 54 -16.76 3.51 -2.92
C LYS A 54 -16.90 2.43 -3.99
N LYS A 55 -17.04 2.87 -5.25
CA LYS A 55 -17.24 1.93 -6.35
C LYS A 55 -16.04 0.99 -6.51
N GLU A 56 -14.84 1.56 -6.57
CA GLU A 56 -13.61 0.78 -6.70
C GLU A 56 -13.46 -0.18 -5.50
N ALA A 57 -13.51 0.39 -4.30
CA ALA A 57 -13.29 -0.38 -3.08
C ALA A 57 -14.33 -1.48 -2.90
N ASP A 58 -15.58 -1.18 -3.24
CA ASP A 58 -16.68 -2.14 -3.04
C ASP A 58 -16.61 -3.26 -4.08
N ALA A 59 -16.36 -2.88 -5.33
CA ALA A 59 -16.33 -3.85 -6.43
C ALA A 59 -15.13 -4.80 -6.28
N LEU A 60 -14.01 -4.26 -5.83
CA LEU A 60 -12.79 -5.06 -5.65
C LEU A 60 -12.71 -5.60 -4.21
N SER A 61 -13.55 -5.08 -3.33
CA SER A 61 -13.68 -5.56 -1.96
C SER A 61 -12.39 -5.33 -1.16
N LEU A 62 -12.03 -4.05 -1.00
CA LEU A 62 -10.87 -3.68 -0.18
C LEU A 62 -11.33 -3.30 1.23
N VAL A 63 -10.55 -3.70 2.22
CA VAL A 63 -10.79 -3.29 3.60
C VAL A 63 -9.65 -2.38 4.05
N GLY A 64 -9.94 -1.49 4.98
CA GLY A 64 -8.96 -0.53 5.43
C GLY A 64 -9.62 0.74 5.92
N TYR A 65 -9.04 1.89 5.60
CA TYR A 65 -9.62 3.17 6.02
C TYR A 65 -8.99 4.35 5.28
N VAL A 66 -9.77 5.39 5.05
CA VAL A 66 -9.29 6.61 4.38
C VAL A 66 -9.86 7.86 5.06
N THR A 67 -9.04 8.92 5.10
CA THR A 67 -9.42 10.21 5.68
C THR A 67 -8.59 11.31 5.02
N ASN A 68 -9.03 12.56 5.14
CA ASN A 68 -8.29 13.70 4.62
C ASN A 68 -7.57 14.42 5.76
N ASN A 69 -6.47 15.10 5.43
CA ASN A 69 -5.71 15.86 6.39
C ASN A 69 -5.71 17.33 6.00
N GLU A 70 -5.44 18.21 6.97
CA GLU A 70 -5.44 19.66 6.74
C GLU A 70 -4.44 20.05 5.65
N ASP A 71 -3.42 19.21 5.45
CA ASP A 71 -2.41 19.45 4.43
C ASP A 71 -2.99 19.32 3.02
N GLY A 72 -4.24 18.86 2.94
CA GLY A 72 -4.87 18.58 1.65
C GLY A 72 -4.60 17.17 1.19
N SER A 73 -3.93 16.41 2.05
CA SER A 73 -3.54 15.04 1.73
C SER A 73 -4.60 14.05 2.20
N VAL A 74 -5.02 13.17 1.31
CA VAL A 74 -5.93 12.08 1.63
C VAL A 74 -5.09 10.85 1.98
N SER A 75 -5.17 10.41 3.22
CA SER A 75 -4.34 9.32 3.72
C SER A 75 -5.20 8.17 4.25
N GLY A 76 -4.62 6.97 4.28
CA GLY A 76 -5.35 5.81 4.76
C GLY A 76 -4.58 4.51 4.56
N VAL A 77 -5.28 3.38 4.62
CA VAL A 77 -4.67 2.06 4.48
C VAL A 77 -5.57 1.15 3.63
N VAL A 78 -4.95 0.41 2.70
CA VAL A 78 -5.64 -0.60 1.89
C VAL A 78 -5.13 -1.99 2.29
N GLN A 79 -6.07 -2.92 2.47
CA GLN A 79 -5.73 -4.29 2.85
C GLN A 79 -6.56 -5.28 2.03
N GLY A 80 -6.02 -6.48 1.85
CA GLY A 80 -6.73 -7.52 1.12
C GLY A 80 -5.80 -8.30 0.21
N PRO A 81 -6.34 -8.97 -0.82
CA PRO A 81 -5.53 -9.68 -1.81
C PRO A 81 -4.74 -8.68 -2.65
N LYS A 82 -3.46 -8.97 -2.86
CA LYS A 82 -2.54 -8.03 -3.54
C LYS A 82 -3.05 -7.64 -4.93
N GLU A 83 -3.93 -8.46 -5.49
CA GLU A 83 -4.53 -8.17 -6.79
C GLU A 83 -5.45 -6.96 -6.67
N GLN A 84 -6.35 -7.03 -5.69
CA GLN A 84 -7.33 -5.97 -5.49
C GLN A 84 -6.67 -4.73 -4.88
N VAL A 85 -5.61 -4.96 -4.11
CA VAL A 85 -4.77 -3.85 -3.63
C VAL A 85 -4.15 -3.15 -4.84
N ASP A 86 -3.70 -3.94 -5.83
CA ASP A 86 -3.18 -3.41 -7.08
C ASP A 86 -4.26 -2.66 -7.85
N ALA A 87 -5.49 -3.15 -7.76
CA ALA A 87 -6.63 -2.47 -8.38
C ALA A 87 -6.86 -1.10 -7.73
N PHE A 88 -6.74 -1.05 -6.41
CA PHE A 88 -6.95 0.19 -5.67
C PHE A 88 -5.84 1.20 -5.99
N VAL A 89 -4.59 0.72 -6.05
CA VAL A 89 -3.47 1.59 -6.44
C VAL A 89 -3.65 2.07 -7.88
N LYS A 90 -4.22 1.20 -8.72
CA LYS A 90 -4.62 1.58 -10.08
C LYS A 90 -5.53 2.80 -9.99
N TYR A 91 -6.57 2.69 -9.18
CA TYR A 91 -7.50 3.79 -8.98
C TYR A 91 -6.77 5.01 -8.41
N LEU A 92 -5.84 4.78 -7.49
CA LEU A 92 -5.12 5.86 -6.83
C LEU A 92 -4.27 6.64 -7.83
N HIS A 93 -3.62 5.92 -8.74
CA HIS A 93 -2.82 6.54 -9.80
C HIS A 93 -3.70 7.42 -10.69
N LYS A 94 -4.96 7.00 -10.84
CA LYS A 94 -5.95 7.78 -11.57
C LYS A 94 -6.61 8.81 -10.66
N GLY A 95 -6.57 8.52 -9.35
CA GLY A 95 -7.29 9.31 -8.37
C GLY A 95 -8.77 9.35 -8.70
N SER A 96 -9.48 10.33 -8.17
CA SER A 96 -10.83 10.59 -8.61
C SER A 96 -10.75 11.26 -9.99
N PRO A 97 -11.30 10.63 -11.04
CA PRO A 97 -11.09 11.06 -12.45
C PRO A 97 -11.63 12.45 -12.77
N LYS A 98 -12.03 13.20 -11.76
CA LYS A 98 -12.50 14.57 -11.92
C LYS A 98 -11.60 15.53 -11.14
N SER A 99 -10.91 15.00 -10.13
CA SER A 99 -10.07 15.80 -9.25
C SER A 99 -8.63 15.82 -9.78
N VAL A 100 -7.73 16.51 -9.06
CA VAL A 100 -6.33 16.58 -9.44
C VAL A 100 -5.45 16.07 -8.31
N VAL A 101 -4.92 14.86 -8.48
CA VAL A 101 -3.99 14.29 -7.52
C VAL A 101 -2.56 14.60 -7.96
N LYS A 102 -1.81 15.30 -7.11
CA LYS A 102 -0.49 15.79 -7.48
C LYS A 102 0.59 14.76 -7.19
N LYS A 103 0.51 14.10 -6.04
CA LYS A 103 1.54 13.13 -5.65
C LYS A 103 0.94 11.98 -4.82
N VAL A 104 1.35 10.76 -5.15
CA VAL A 104 0.90 9.57 -4.41
C VAL A 104 2.08 8.96 -3.64
N SER A 105 1.81 8.46 -2.44
CA SER A 105 2.82 7.84 -1.59
C SER A 105 2.22 6.59 -0.94
N ILE A 106 3.01 5.52 -0.87
CA ILE A 106 2.54 4.26 -0.31
C ILE A 106 3.50 3.79 0.79
N HIS A 107 2.97 3.09 1.80
CA HIS A 107 3.78 2.65 2.94
C HIS A 107 3.59 1.14 3.17
N ALA A 108 4.67 0.48 3.56
CA ALA A 108 4.75 -0.99 3.66
C ALA A 108 4.01 -1.59 4.86
N SER A 109 3.28 -0.78 5.62
CA SER A 109 2.75 -1.19 6.93
C SER A 109 1.83 -2.42 6.83
N SER A 110 2.00 -3.32 7.79
CA SER A 110 1.32 -4.61 7.82
C SER A 110 -0.18 -4.47 8.14
N ARG A 111 -0.86 -5.63 8.14
CA ARG A 111 -2.31 -5.70 8.30
C ARG A 111 -2.79 -5.08 9.62
N VAL A 112 -3.87 -4.31 9.54
CA VAL A 112 -4.49 -3.67 10.71
C VAL A 112 -6.00 -3.91 10.68
N ASP A 113 -6.70 -3.47 11.72
CA ASP A 113 -8.16 -3.57 11.76
C ASP A 113 -8.79 -2.42 10.96
N ALA A 114 -9.66 -2.78 10.02
CA ALA A 114 -10.29 -1.80 9.14
C ALA A 114 -11.18 -0.82 9.92
N ASP A 115 -11.26 0.41 9.42
CA ASP A 115 -12.04 1.47 10.08
C ASP A 115 -13.12 2.01 9.14
N GLY A 116 -12.75 2.22 7.87
CA GLY A 116 -13.69 2.74 6.89
C GLY A 116 -13.07 3.76 5.96
N PHE A 117 -13.43 3.72 4.69
CA PHE A 117 -12.95 4.70 3.72
C PHE A 117 -13.93 5.88 3.66
N GLU A 118 -13.49 7.05 4.13
CA GLU A 118 -14.33 8.25 4.07
C GLU A 118 -13.48 9.50 4.26
N ILE A 119 -13.59 10.44 3.35
CA ILE A 119 -12.81 11.67 3.42
C ILE A 119 -13.23 12.49 4.63
N ARG A 120 -12.61 12.17 5.76
CA ARG A 120 -12.85 12.86 7.03
C ARG A 120 -12.06 14.15 7.09
N ARG A 121 -12.64 15.17 7.71
CA ARG A 121 -11.99 16.46 7.88
C ARG A 121 -11.89 16.78 9.36
N MET A 1 -5.39 -55.97 37.90
CA MET A 1 -4.01 -56.50 37.75
C MET A 1 -3.22 -55.63 36.78
N ALA A 2 -2.40 -54.74 37.32
CA ALA A 2 -1.56 -53.85 36.51
C ALA A 2 -0.11 -54.32 36.56
N HIS A 3 0.45 -54.66 35.40
CA HIS A 3 1.82 -55.15 35.32
C HIS A 3 2.39 -54.93 33.90
N HIS A 4 3.22 -53.90 33.78
CA HIS A 4 3.90 -53.58 32.51
C HIS A 4 5.28 -52.98 32.79
N HIS A 5 6.21 -53.17 31.86
CA HIS A 5 7.54 -52.57 31.96
C HIS A 5 8.00 -52.07 30.60
N HIS A 6 7.77 -50.79 30.33
CA HIS A 6 8.23 -50.15 29.11
C HIS A 6 9.51 -49.35 29.40
N HIS A 7 10.57 -49.65 28.67
CA HIS A 7 11.84 -48.96 28.85
C HIS A 7 12.28 -48.32 27.53
N HIS A 8 12.57 -47.03 27.58
CA HIS A 8 12.96 -46.26 26.41
C HIS A 8 13.59 -44.94 26.85
N MET A 9 14.63 -44.50 26.15
CA MET A 9 15.33 -43.26 26.50
C MET A 9 14.49 -42.04 26.12
N GLY A 10 14.74 -40.93 26.79
CA GLY A 10 14.07 -39.68 26.50
C GLY A 10 15.05 -38.56 26.26
N THR A 11 16.18 -38.90 25.66
CA THR A 11 17.27 -37.97 25.43
C THR A 11 16.87 -36.86 24.45
N LEU A 12 17.56 -35.73 24.54
CA LEU A 12 17.30 -34.58 23.68
C LEU A 12 18.60 -33.81 23.48
N GLU A 13 19.18 -33.94 22.30
CA GLU A 13 20.43 -33.25 21.98
C GLU A 13 20.16 -32.06 21.07
N ALA A 14 20.94 -31.00 21.24
CA ALA A 14 20.77 -29.78 20.45
C ALA A 14 22.01 -29.52 19.60
N GLN A 15 21.87 -29.71 18.30
CA GLN A 15 22.95 -29.45 17.35
C GLN A 15 22.58 -28.28 16.44
N THR A 16 23.46 -27.29 16.38
CA THR A 16 23.22 -26.11 15.55
C THR A 16 24.51 -25.69 14.83
N GLN A 17 24.36 -24.94 13.75
CA GLN A 17 25.50 -24.50 12.94
C GLN A 17 25.04 -23.40 11.98
N GLY A 18 25.86 -22.37 11.82
CA GLY A 18 25.54 -21.30 10.90
C GLY A 18 25.70 -21.72 9.45
N PRO A 19 24.99 -21.07 8.52
CA PRO A 19 25.08 -21.37 7.07
C PRO A 19 26.32 -20.72 6.45
N GLY A 20 27.44 -20.82 7.15
CA GLY A 20 28.65 -20.14 6.71
C GLY A 20 28.62 -18.68 7.07
N SER A 21 27.72 -17.95 6.42
CA SER A 21 27.51 -16.52 6.70
C SER A 21 26.08 -16.14 6.36
N MET A 22 25.47 -15.27 7.16
CA MET A 22 24.13 -14.77 6.88
C MET A 22 24.18 -13.83 5.68
N GLN A 23 23.08 -13.71 4.96
CA GLN A 23 23.03 -12.90 3.75
C GLN A 23 21.84 -11.97 3.76
N GLY A 24 22.07 -10.71 3.44
CA GLY A 24 21.00 -9.74 3.33
C GLY A 24 20.31 -9.81 1.98
N SER A 25 19.81 -10.98 1.64
CA SER A 25 19.13 -11.21 0.37
C SER A 25 17.64 -10.90 0.51
N MET A 26 17.03 -10.45 -0.58
CA MET A 26 15.60 -10.14 -0.58
C MET A 26 14.81 -11.29 -1.20
N PRO A 27 13.91 -11.91 -0.41
CA PRO A 27 13.08 -13.03 -0.89
C PRO A 27 11.89 -12.56 -1.71
N SER A 28 11.09 -13.51 -2.20
CA SER A 28 9.90 -13.19 -2.97
C SER A 28 8.76 -14.14 -2.59
N SER A 29 7.92 -13.70 -1.64
CA SER A 29 6.80 -14.50 -1.17
C SER A 29 5.78 -13.57 -0.49
N SER A 30 4.51 -13.81 -0.76
CA SER A 30 3.44 -12.97 -0.23
C SER A 30 2.67 -13.72 0.87
N GLU A 31 2.28 -12.99 1.91
CA GLU A 31 1.58 -13.58 3.05
C GLU A 31 0.10 -13.82 2.73
N ASP A 32 -0.68 -14.17 3.76
CA ASP A 32 -2.09 -14.53 3.58
C ASP A 32 -2.92 -13.30 3.20
N VAL A 33 -2.50 -12.14 3.69
CA VAL A 33 -3.17 -10.89 3.37
C VAL A 33 -2.15 -9.80 3.10
N THR A 34 -2.40 -8.98 2.09
CA THR A 34 -1.54 -7.87 1.75
C THR A 34 -2.06 -6.60 2.42
N THR A 35 -1.16 -5.71 2.81
CA THR A 35 -1.53 -4.44 3.41
C THR A 35 -0.52 -3.36 3.04
N LEU A 36 -1.02 -2.19 2.65
CA LEU A 36 -0.18 -1.02 2.41
C LEU A 36 -0.96 0.24 2.78
N CYS A 37 -0.27 1.23 3.34
CA CYS A 37 -0.89 2.50 3.69
C CYS A 37 -0.81 3.46 2.50
N TYR A 38 -1.85 4.24 2.30
CA TYR A 38 -1.92 5.18 1.18
C TYR A 38 -1.86 6.61 1.71
N ARG A 39 -1.12 7.46 1.02
CA ARG A 39 -1.01 8.88 1.34
C ARG A 39 -0.85 9.67 0.04
N VAL A 40 -1.86 10.45 -0.31
CA VAL A 40 -1.86 11.18 -1.56
C VAL A 40 -2.09 12.67 -1.33
N THR A 41 -1.44 13.47 -2.16
CA THR A 41 -1.61 14.91 -2.18
C THR A 41 -2.15 15.30 -3.54
N GLY A 42 -3.18 16.14 -3.58
CA GLY A 42 -3.77 16.49 -4.84
C GLY A 42 -4.69 17.69 -4.75
N LYS A 43 -4.94 18.29 -5.91
CA LYS A 43 -5.85 19.40 -6.03
C LYS A 43 -7.28 18.90 -5.86
N VAL A 44 -7.74 18.87 -4.61
CA VAL A 44 -9.04 18.32 -4.27
C VAL A 44 -10.15 19.34 -4.53
N GLN A 45 -11.27 18.85 -5.04
CA GLN A 45 -12.42 19.69 -5.32
C GLN A 45 -13.57 19.28 -4.39
N GLY A 46 -13.69 20.00 -3.28
CA GLY A 46 -14.65 19.64 -2.26
C GLY A 46 -14.13 18.52 -1.37
N VAL A 47 -14.37 17.28 -1.77
CA VAL A 47 -13.88 16.11 -1.05
C VAL A 47 -13.28 15.09 -2.03
N PHE A 48 -12.48 14.17 -1.50
CA PHE A 48 -11.85 13.13 -2.30
C PHE A 48 -12.91 12.12 -2.78
N PHE A 49 -13.66 12.53 -3.82
CA PHE A 49 -14.70 11.73 -4.49
C PHE A 49 -14.97 10.37 -3.83
N ARG A 50 -15.70 10.40 -2.71
CA ARG A 50 -16.04 9.17 -2.00
C ARG A 50 -16.97 8.32 -2.86
N LYS A 51 -17.61 8.95 -3.85
CA LYS A 51 -18.45 8.26 -4.81
C LYS A 51 -17.65 7.16 -5.52
N TYR A 52 -16.59 7.59 -6.21
CA TYR A 52 -15.74 6.68 -6.97
C TYR A 52 -14.89 5.82 -6.05
N THR A 53 -14.41 6.41 -4.96
CA THR A 53 -13.65 5.66 -3.96
C THR A 53 -14.47 4.48 -3.42
N LYS A 54 -15.72 4.77 -3.06
CA LYS A 54 -16.63 3.75 -2.55
C LYS A 54 -16.92 2.71 -3.62
N LYS A 55 -17.23 3.19 -4.82
CA LYS A 55 -17.51 2.28 -5.94
C LYS A 55 -16.36 1.29 -6.12
N GLU A 56 -15.15 1.82 -6.19
CA GLU A 56 -13.96 1.01 -6.42
C GLU A 56 -13.79 -0.03 -5.31
N ALA A 57 -13.70 0.47 -4.08
CA ALA A 57 -13.45 -0.39 -2.91
C ALA A 57 -14.56 -1.43 -2.74
N ASP A 58 -15.80 -0.97 -2.86
CA ASP A 58 -16.96 -1.84 -2.68
C ASP A 58 -17.04 -2.90 -3.78
N ALA A 59 -16.66 -2.53 -4.99
CA ALA A 59 -16.71 -3.43 -6.13
C ALA A 59 -15.66 -4.53 -6.02
N LEU A 60 -14.42 -4.13 -5.74
CA LEU A 60 -13.31 -5.10 -5.68
C LEU A 60 -13.13 -5.68 -4.28
N SER A 61 -13.86 -5.12 -3.31
CA SER A 61 -13.84 -5.60 -1.93
C SER A 61 -12.50 -5.32 -1.26
N LEU A 62 -12.11 -4.04 -1.21
CA LEU A 62 -10.92 -3.63 -0.46
C LEU A 62 -11.32 -3.22 0.95
N VAL A 63 -10.58 -3.70 1.94
CA VAL A 63 -10.84 -3.36 3.33
C VAL A 63 -9.72 -2.46 3.87
N GLY A 64 -10.06 -1.65 4.86
CA GLY A 64 -9.10 -0.72 5.41
C GLY A 64 -9.78 0.53 5.95
N TYR A 65 -9.23 1.70 5.64
CA TYR A 65 -9.84 2.95 6.05
C TYR A 65 -9.21 4.13 5.33
N VAL A 66 -9.99 5.19 5.09
CA VAL A 66 -9.51 6.39 4.42
C VAL A 66 -10.05 7.64 5.09
N THR A 67 -9.21 8.68 5.19
CA THR A 67 -9.57 9.95 5.84
C THR A 67 -8.77 11.09 5.21
N ASN A 68 -9.22 12.32 5.42
CA ASN A 68 -8.55 13.51 4.88
C ASN A 68 -7.92 14.31 6.03
N ASN A 69 -6.74 14.86 5.78
CA ASN A 69 -6.04 15.67 6.77
C ASN A 69 -6.19 17.15 6.45
N GLU A 70 -6.19 17.98 7.50
CA GLU A 70 -6.33 19.42 7.35
C GLU A 70 -5.22 19.99 6.48
N ASP A 71 -4.11 19.26 6.43
CA ASP A 71 -2.92 19.68 5.67
C ASP A 71 -3.17 19.63 4.17
N GLY A 72 -4.35 19.17 3.77
CA GLY A 72 -4.69 19.08 2.36
C GLY A 72 -4.12 17.85 1.70
N SER A 73 -4.27 16.71 2.39
CA SER A 73 -3.77 15.44 1.89
C SER A 73 -4.62 14.29 2.45
N VAL A 74 -4.86 13.28 1.62
CA VAL A 74 -5.70 12.15 2.01
C VAL A 74 -4.83 10.95 2.37
N SER A 75 -5.12 10.30 3.49
CA SER A 75 -4.35 9.16 3.95
C SER A 75 -5.26 8.04 4.42
N GLY A 76 -4.72 6.83 4.47
CA GLY A 76 -5.48 5.68 4.91
C GLY A 76 -4.70 4.40 4.71
N VAL A 77 -5.37 3.26 4.79
CA VAL A 77 -4.73 1.96 4.60
C VAL A 77 -5.64 1.03 3.82
N VAL A 78 -5.06 0.27 2.89
CA VAL A 78 -5.79 -0.76 2.16
C VAL A 78 -5.17 -2.13 2.47
N GLN A 79 -6.03 -3.12 2.62
CA GLN A 79 -5.60 -4.49 2.86
C GLN A 79 -6.53 -5.46 2.16
N GLY A 80 -6.04 -6.67 1.90
CA GLY A 80 -6.81 -7.69 1.22
C GLY A 80 -5.95 -8.44 0.22
N PRO A 81 -6.56 -8.99 -0.85
CA PRO A 81 -5.81 -9.67 -1.91
C PRO A 81 -4.91 -8.69 -2.67
N LYS A 82 -3.62 -9.06 -2.77
CA LYS A 82 -2.60 -8.21 -3.40
C LYS A 82 -3.04 -7.67 -4.77
N GLU A 83 -3.86 -8.43 -5.49
CA GLU A 83 -4.32 -8.01 -6.81
C GLU A 83 -5.30 -6.83 -6.72
N GLN A 84 -6.26 -6.92 -5.80
CA GLN A 84 -7.24 -5.85 -5.60
C GLN A 84 -6.56 -4.61 -5.00
N VAL A 85 -5.65 -4.82 -4.05
CA VAL A 85 -4.86 -3.73 -3.48
C VAL A 85 -4.10 -3.02 -4.59
N ASP A 86 -3.48 -3.81 -5.46
CA ASP A 86 -2.76 -3.29 -6.63
C ASP A 86 -3.71 -2.52 -7.53
N ALA A 87 -4.92 -3.05 -7.69
CA ALA A 87 -5.96 -2.39 -8.48
C ALA A 87 -6.32 -1.03 -7.88
N PHE A 88 -6.40 -0.98 -6.56
CA PHE A 88 -6.74 0.25 -5.86
C PHE A 88 -5.62 1.27 -6.02
N VAL A 89 -4.38 0.78 -6.03
CA VAL A 89 -3.21 1.63 -6.30
C VAL A 89 -3.33 2.24 -7.70
N LYS A 90 -3.66 1.41 -8.68
CA LYS A 90 -3.84 1.85 -10.07
C LYS A 90 -4.88 2.98 -10.12
N TYR A 91 -5.99 2.74 -9.43
CA TYR A 91 -7.06 3.73 -9.31
C TYR A 91 -6.55 5.01 -8.64
N LEU A 92 -5.77 4.84 -7.58
CA LEU A 92 -5.26 5.95 -6.78
C LEU A 92 -4.37 6.85 -7.64
N HIS A 93 -3.60 6.23 -8.54
CA HIS A 93 -2.72 6.98 -9.44
C HIS A 93 -3.51 7.89 -10.37
N LYS A 94 -4.69 7.42 -10.79
CA LYS A 94 -5.55 8.17 -11.70
C LYS A 94 -6.43 9.15 -10.94
N GLY A 95 -6.90 8.74 -9.77
CA GLY A 95 -7.88 9.51 -9.04
C GLY A 95 -9.22 9.54 -9.77
N SER A 96 -9.76 10.73 -9.98
CA SER A 96 -11.03 10.90 -10.70
C SER A 96 -11.09 12.31 -11.29
N PRO A 97 -11.86 12.50 -12.38
CA PRO A 97 -11.96 13.81 -13.08
C PRO A 97 -12.47 14.92 -12.17
N LYS A 98 -12.98 14.56 -10.99
CA LYS A 98 -13.54 15.54 -10.06
C LYS A 98 -12.41 16.31 -9.34
N SER A 99 -11.25 15.70 -9.22
CA SER A 99 -10.13 16.31 -8.50
C SER A 99 -8.80 15.83 -9.08
N VAL A 100 -7.86 16.76 -9.24
CA VAL A 100 -6.58 16.47 -9.88
C VAL A 100 -5.52 16.08 -8.83
N VAL A 101 -5.29 14.79 -8.70
CA VAL A 101 -4.27 14.27 -7.78
C VAL A 101 -2.88 14.65 -8.29
N LYS A 102 -2.00 15.01 -7.36
CA LYS A 102 -0.67 15.50 -7.72
C LYS A 102 0.39 14.41 -7.53
N LYS A 103 0.49 13.90 -6.32
CA LYS A 103 1.53 12.93 -5.97
C LYS A 103 0.99 11.88 -5.00
N VAL A 104 1.23 10.61 -5.31
CA VAL A 104 0.78 9.51 -4.48
C VAL A 104 1.98 8.80 -3.82
N SER A 105 1.80 8.39 -2.57
CA SER A 105 2.84 7.70 -1.82
C SER A 105 2.22 6.55 -1.05
N ILE A 106 2.82 5.36 -1.17
CA ILE A 106 2.31 4.17 -0.50
C ILE A 106 3.32 3.66 0.53
N HIS A 107 2.84 2.89 1.51
CA HIS A 107 3.71 2.39 2.59
C HIS A 107 3.46 0.90 2.83
N ALA A 108 4.53 0.20 3.16
CA ALA A 108 4.61 -1.26 3.23
C ALA A 108 3.83 -1.93 4.38
N SER A 109 3.03 -1.18 5.13
CA SER A 109 2.63 -1.59 6.49
C SER A 109 1.92 -2.94 6.52
N SER A 110 2.21 -3.71 7.56
CA SER A 110 1.62 -5.03 7.75
C SER A 110 0.14 -4.93 8.14
N ARG A 111 -0.50 -6.09 8.31
CA ARG A 111 -1.95 -6.17 8.52
C ARG A 111 -2.43 -5.25 9.64
N VAL A 112 -3.48 -4.48 9.35
CA VAL A 112 -4.13 -3.59 10.32
C VAL A 112 -5.61 -3.98 10.46
N ASP A 113 -6.32 -3.32 11.37
CA ASP A 113 -7.75 -3.56 11.54
C ASP A 113 -8.56 -2.50 10.79
N ALA A 114 -9.32 -2.95 9.78
CA ALA A 114 -10.10 -2.05 8.94
C ALA A 114 -11.12 -1.25 9.76
N ASP A 115 -11.36 -0.01 9.34
CA ASP A 115 -12.27 0.89 10.05
C ASP A 115 -13.35 1.43 9.11
N GLY A 116 -12.94 1.90 7.93
CA GLY A 116 -13.89 2.44 6.97
C GLY A 116 -13.31 3.51 6.08
N PHE A 117 -13.82 3.59 4.85
CA PHE A 117 -13.39 4.61 3.90
C PHE A 117 -14.36 5.79 3.95
N GLU A 118 -13.87 6.93 4.43
CA GLU A 118 -14.70 8.13 4.53
C GLU A 118 -13.83 9.36 4.69
N ILE A 119 -14.03 10.34 3.82
CA ILE A 119 -13.21 11.54 3.84
C ILE A 119 -13.54 12.37 5.08
N ARG A 120 -12.87 12.02 6.17
CA ARG A 120 -13.00 12.71 7.45
C ARG A 120 -12.24 14.02 7.43
N ARG A 121 -12.78 15.02 8.10
CA ARG A 121 -12.18 16.35 8.12
C ARG A 121 -12.11 16.89 9.55
N MET A 1 57.59 20.24 19.71
CA MET A 1 56.61 19.99 18.63
C MET A 1 57.21 20.38 17.28
N ALA A 2 57.60 19.37 16.49
CA ALA A 2 58.16 19.59 15.17
C ALA A 2 57.84 18.41 14.26
N HIS A 3 57.66 18.69 12.98
CA HIS A 3 57.35 17.64 12.02
C HIS A 3 57.74 18.06 10.60
N HIS A 4 58.33 17.15 9.86
CA HIS A 4 58.56 17.33 8.43
C HIS A 4 57.32 16.86 7.66
N HIS A 5 57.34 17.03 6.35
CA HIS A 5 56.23 16.57 5.52
C HIS A 5 56.71 16.19 4.13
N HIS A 6 56.18 15.11 3.61
CA HIS A 6 56.47 14.67 2.25
C HIS A 6 55.37 15.17 1.32
N HIS A 7 55.55 14.99 0.01
CA HIS A 7 54.56 15.43 -0.97
C HIS A 7 54.58 14.54 -2.20
N HIS A 8 53.48 13.85 -2.43
CA HIS A 8 53.35 12.97 -3.59
C HIS A 8 52.61 13.69 -4.72
N MET A 9 53.20 13.71 -5.90
CA MET A 9 52.59 14.31 -7.07
C MET A 9 52.13 13.22 -8.03
N GLY A 10 50.87 13.25 -8.43
CA GLY A 10 50.37 12.25 -9.35
C GLY A 10 48.89 12.39 -9.64
N THR A 11 48.57 12.95 -10.80
CA THR A 11 47.20 13.00 -11.29
C THR A 11 47.17 12.64 -12.77
N LEU A 12 46.61 11.47 -13.06
CA LEU A 12 46.55 10.92 -14.41
C LEU A 12 46.09 9.47 -14.30
N GLU A 13 44.78 9.25 -14.29
CA GLU A 13 44.21 7.91 -14.17
C GLU A 13 43.15 7.65 -15.24
N ALA A 14 42.54 6.48 -15.16
CA ALA A 14 41.61 6.02 -16.19
C ALA A 14 40.17 6.42 -15.89
N GLN A 15 39.39 6.60 -16.95
CA GLN A 15 37.97 6.89 -16.85
C GLN A 15 37.19 5.70 -17.42
N THR A 16 36.16 5.26 -16.71
CA THR A 16 35.41 4.08 -17.12
C THR A 16 33.90 4.34 -17.11
N GLN A 17 33.24 3.94 -18.20
CA GLN A 17 31.79 4.02 -18.32
C GLN A 17 31.30 2.85 -19.17
N GLY A 18 30.31 2.11 -18.66
CA GLY A 18 29.78 0.96 -19.37
C GLY A 18 28.82 1.37 -20.48
N PRO A 19 28.44 0.42 -21.35
CA PRO A 19 27.53 0.70 -22.49
C PRO A 19 26.08 0.89 -22.04
N GLY A 20 25.86 0.85 -20.72
CA GLY A 20 24.54 1.06 -20.17
C GLY A 20 23.86 -0.25 -19.78
N SER A 21 22.76 -0.13 -19.05
CA SER A 21 21.98 -1.28 -18.61
C SER A 21 20.63 -1.31 -19.35
N MET A 22 19.77 -2.25 -18.96
CA MET A 22 18.46 -2.41 -19.60
C MET A 22 17.36 -2.49 -18.54
N GLN A 23 16.29 -1.74 -18.74
CA GLN A 23 15.16 -1.74 -17.81
C GLN A 23 14.41 -3.07 -17.87
N GLY A 24 13.77 -3.44 -16.78
CA GLY A 24 13.00 -4.67 -16.75
C GLY A 24 12.62 -5.08 -15.34
N SER A 25 11.35 -4.89 -14.98
CA SER A 25 10.83 -5.28 -13.68
C SER A 25 9.53 -6.07 -13.87
N MET A 26 9.12 -6.80 -12.84
CA MET A 26 7.91 -7.62 -12.90
C MET A 26 7.20 -7.65 -11.55
N PRO A 27 5.95 -7.17 -11.48
CA PRO A 27 5.14 -7.24 -10.29
C PRO A 27 4.35 -8.55 -10.21
N SER A 28 4.76 -9.42 -9.30
CA SER A 28 4.14 -10.74 -9.16
C SER A 28 3.18 -10.77 -7.96
N SER A 29 2.57 -11.92 -7.73
CA SER A 29 1.65 -12.09 -6.61
C SER A 29 2.41 -12.06 -5.29
N SER A 30 1.85 -11.36 -4.31
CA SER A 30 2.48 -11.20 -3.00
C SER A 30 1.87 -12.21 -2.02
N GLU A 31 1.83 -11.88 -0.72
CA GLU A 31 1.23 -12.78 0.27
C GLU A 31 -0.29 -12.85 0.06
N ASP A 32 -0.97 -13.64 0.88
CA ASP A 32 -2.41 -13.88 0.71
C ASP A 32 -3.20 -12.63 1.05
N VAL A 33 -2.69 -11.85 1.99
CA VAL A 33 -3.32 -10.60 2.37
C VAL A 33 -2.28 -9.48 2.40
N THR A 34 -2.25 -8.75 1.32
CA THR A 34 -1.34 -7.62 1.15
C THR A 34 -1.95 -6.38 1.79
N THR A 35 -1.21 -5.73 2.66
CA THR A 35 -1.67 -4.51 3.30
C THR A 35 -0.70 -3.38 3.02
N LEU A 36 -1.23 -2.26 2.57
CA LEU A 36 -0.43 -1.07 2.27
C LEU A 36 -1.17 0.17 2.74
N CYS A 37 -0.42 1.10 3.33
CA CYS A 37 -0.97 2.38 3.75
C CYS A 37 -0.84 3.38 2.62
N TYR A 38 -1.90 4.14 2.36
CA TYR A 38 -1.95 5.07 1.24
C TYR A 38 -1.97 6.52 1.72
N ARG A 39 -1.35 7.39 0.95
CA ARG A 39 -1.42 8.83 1.16
C ARG A 39 -1.13 9.56 -0.16
N VAL A 40 -2.12 10.30 -0.65
CA VAL A 40 -1.97 11.06 -1.89
C VAL A 40 -2.28 12.53 -1.65
N THR A 41 -1.58 13.40 -2.35
CA THR A 41 -1.76 14.84 -2.22
C THR A 41 -2.23 15.41 -3.56
N GLY A 42 -2.74 16.64 -3.54
CA GLY A 42 -3.38 17.20 -4.72
C GLY A 42 -2.78 18.52 -5.17
N LYS A 43 -3.14 18.92 -6.39
CA LYS A 43 -2.74 20.20 -6.95
C LYS A 43 -3.77 21.26 -6.54
N VAL A 44 -5.04 20.94 -6.78
CA VAL A 44 -6.15 21.79 -6.35
C VAL A 44 -7.08 20.97 -5.46
N GLN A 45 -6.82 21.03 -4.14
CA GLN A 45 -7.61 20.30 -3.15
C GLN A 45 -7.58 18.80 -3.42
N GLY A 46 -6.58 18.12 -2.86
CA GLY A 46 -6.48 16.67 -3.02
C GLY A 46 -7.56 15.94 -2.26
N VAL A 47 -8.78 15.98 -2.80
CA VAL A 47 -9.92 15.34 -2.18
C VAL A 47 -10.53 14.32 -3.16
N PHE A 48 -10.86 13.14 -2.63
CA PHE A 48 -11.50 12.09 -3.41
C PHE A 48 -13.01 12.26 -3.40
N PHE A 49 -13.68 11.66 -4.37
CA PHE A 49 -15.13 11.77 -4.47
C PHE A 49 -15.81 10.93 -3.39
N ARG A 50 -16.51 11.63 -2.49
CA ARG A 50 -17.23 11.03 -1.37
C ARG A 50 -18.39 10.16 -1.86
N LYS A 51 -18.02 9.00 -2.37
CA LYS A 51 -18.95 7.99 -2.87
C LYS A 51 -18.18 7.06 -3.79
N TYR A 52 -17.44 7.66 -4.73
CA TYR A 52 -16.61 6.90 -5.66
C TYR A 52 -15.54 6.15 -4.88
N THR A 53 -15.00 6.78 -3.84
CA THR A 53 -14.00 6.10 -3.01
C THR A 53 -14.59 4.83 -2.37
N LYS A 54 -15.73 4.98 -1.69
CA LYS A 54 -16.40 3.86 -1.02
C LYS A 54 -16.78 2.81 -2.07
N LYS A 55 -17.41 3.25 -3.14
CA LYS A 55 -17.90 2.35 -4.19
C LYS A 55 -16.74 1.54 -4.77
N GLU A 56 -15.61 2.22 -5.01
CA GLU A 56 -14.43 1.57 -5.54
C GLU A 56 -13.95 0.47 -4.60
N ALA A 57 -13.73 0.86 -3.33
CA ALA A 57 -13.27 -0.07 -2.31
C ALA A 57 -14.22 -1.26 -2.19
N ASP A 58 -15.51 -0.97 -2.13
CA ASP A 58 -16.55 -2.00 -2.02
C ASP A 58 -16.52 -2.92 -3.24
N ALA A 59 -16.38 -2.32 -4.41
CA ALA A 59 -16.43 -3.06 -5.68
C ALA A 59 -15.30 -4.08 -5.76
N LEU A 60 -14.07 -3.64 -5.48
CA LEU A 60 -12.92 -4.54 -5.52
C LEU A 60 -12.75 -5.28 -4.18
N SER A 61 -13.55 -4.87 -3.20
CA SER A 61 -13.61 -5.54 -1.90
C SER A 61 -12.31 -5.33 -1.10
N LEU A 62 -11.85 -4.08 -1.06
CA LEU A 62 -10.71 -3.72 -0.23
C LEU A 62 -11.20 -3.41 1.19
N VAL A 63 -10.51 -3.96 2.18
CA VAL A 63 -10.81 -3.66 3.57
C VAL A 63 -9.76 -2.69 4.12
N GLY A 64 -10.13 -1.91 5.12
CA GLY A 64 -9.22 -0.93 5.69
C GLY A 64 -9.95 0.34 6.05
N TYR A 65 -9.40 1.49 5.66
CA TYR A 65 -10.05 2.77 5.95
C TYR A 65 -9.42 3.90 5.15
N VAL A 66 -10.21 4.92 4.84
CA VAL A 66 -9.72 6.10 4.10
C VAL A 66 -10.30 7.39 4.69
N THR A 67 -9.48 8.44 4.74
CA THR A 67 -9.86 9.75 5.24
C THR A 67 -9.01 10.86 4.57
N ASN A 68 -9.49 12.10 4.64
CA ASN A 68 -8.76 13.24 4.05
C ASN A 68 -7.94 13.94 5.14
N ASN A 69 -6.88 14.63 4.72
CA ASN A 69 -5.98 15.33 5.64
C ASN A 69 -6.05 16.84 5.41
N GLU A 70 -5.54 17.59 6.39
CA GLU A 70 -5.61 19.05 6.39
C GLU A 70 -5.07 19.66 5.09
N ASP A 71 -3.92 19.18 4.65
CA ASP A 71 -3.24 19.72 3.47
C ASP A 71 -4.06 19.49 2.20
N GLY A 72 -4.99 18.56 2.28
CA GLY A 72 -5.68 18.09 1.09
C GLY A 72 -5.04 16.82 0.61
N SER A 73 -4.84 15.90 1.54
CA SER A 73 -4.21 14.63 1.26
C SER A 73 -5.12 13.49 1.69
N VAL A 74 -5.40 12.57 0.77
CA VAL A 74 -6.23 11.42 1.08
C VAL A 74 -5.35 10.25 1.52
N SER A 75 -5.49 9.85 2.77
CA SER A 75 -4.70 8.77 3.33
C SER A 75 -5.59 7.65 3.84
N GLY A 76 -4.98 6.51 4.13
CA GLY A 76 -5.73 5.39 4.67
C GLY A 76 -4.94 4.10 4.61
N VAL A 77 -5.63 2.97 4.73
CA VAL A 77 -5.01 1.66 4.64
C VAL A 77 -5.88 0.71 3.82
N VAL A 78 -5.24 -0.06 2.94
CA VAL A 78 -5.92 -1.06 2.14
C VAL A 78 -5.32 -2.43 2.41
N GLN A 79 -6.17 -3.43 2.63
CA GLN A 79 -5.72 -4.79 2.91
C GLN A 79 -6.54 -5.78 2.07
N GLY A 80 -5.86 -6.77 1.50
CA GLY A 80 -6.52 -7.79 0.70
C GLY A 80 -5.59 -8.37 -0.34
N PRO A 81 -6.11 -9.07 -1.37
CA PRO A 81 -5.29 -9.62 -2.45
C PRO A 81 -4.60 -8.49 -3.22
N LYS A 82 -3.28 -8.62 -3.43
CA LYS A 82 -2.48 -7.55 -4.02
C LYS A 82 -3.01 -7.16 -5.40
N GLU A 83 -3.78 -8.05 -6.02
CA GLU A 83 -4.44 -7.74 -7.29
C GLU A 83 -5.43 -6.60 -7.11
N GLN A 84 -6.31 -6.75 -6.12
CA GLN A 84 -7.34 -5.77 -5.84
C GLN A 84 -6.75 -4.55 -5.15
N VAL A 85 -5.71 -4.77 -4.36
CA VAL A 85 -4.94 -3.67 -3.77
C VAL A 85 -4.32 -2.83 -4.89
N ASP A 86 -3.76 -3.51 -5.87
CA ASP A 86 -3.16 -2.87 -7.05
C ASP A 86 -4.26 -2.18 -7.88
N ALA A 87 -5.46 -2.77 -7.85
CA ALA A 87 -6.63 -2.15 -8.47
C ALA A 87 -6.91 -0.78 -7.83
N PHE A 88 -6.86 -0.76 -6.51
CA PHE A 88 -7.04 0.47 -5.75
C PHE A 88 -5.89 1.42 -6.06
N VAL A 89 -4.70 0.86 -6.28
CA VAL A 89 -3.53 1.63 -6.69
C VAL A 89 -3.78 2.29 -8.05
N LYS A 90 -4.42 1.56 -8.96
CA LYS A 90 -4.77 2.13 -10.27
C LYS A 90 -5.71 3.32 -10.05
N TYR A 91 -6.74 3.08 -9.24
CA TYR A 91 -7.70 4.12 -8.87
C TYR A 91 -6.99 5.29 -8.19
N LEU A 92 -5.95 4.98 -7.43
CA LEU A 92 -5.21 5.98 -6.68
C LEU A 92 -4.39 6.85 -7.64
N HIS A 93 -3.78 6.21 -8.63
CA HIS A 93 -2.97 6.91 -9.63
C HIS A 93 -3.84 7.80 -10.51
N LYS A 94 -5.08 7.39 -10.71
CA LYS A 94 -6.05 8.18 -11.45
C LYS A 94 -6.74 9.19 -10.53
N GLY A 95 -6.83 8.83 -9.26
CA GLY A 95 -7.52 9.65 -8.28
C GLY A 95 -8.97 9.87 -8.66
N SER A 96 -9.54 10.99 -8.22
CA SER A 96 -10.86 11.41 -8.67
C SER A 96 -10.70 12.35 -9.87
N PRO A 97 -11.27 11.99 -11.04
CA PRO A 97 -11.02 12.71 -12.30
C PRO A 97 -11.40 14.20 -12.24
N LYS A 98 -12.15 14.57 -11.21
CA LYS A 98 -12.57 15.95 -11.01
C LYS A 98 -11.40 16.81 -10.50
N SER A 99 -10.45 16.16 -9.83
CA SER A 99 -9.30 16.85 -9.26
C SER A 99 -8.02 16.46 -9.99
N VAL A 100 -6.93 17.14 -9.67
CA VAL A 100 -5.62 16.82 -10.21
C VAL A 100 -4.68 16.37 -9.08
N VAL A 101 -4.30 15.10 -9.11
CA VAL A 101 -3.41 14.55 -8.09
C VAL A 101 -1.98 15.02 -8.31
N LYS A 102 -1.31 15.35 -7.20
CA LYS A 102 0.07 15.83 -7.25
C LYS A 102 1.04 14.65 -7.16
N LYS A 103 0.92 13.87 -6.08
CA LYS A 103 1.83 12.75 -5.84
C LYS A 103 1.16 11.71 -4.96
N VAL A 104 1.42 10.44 -5.26
CA VAL A 104 0.92 9.33 -4.45
C VAL A 104 2.08 8.73 -3.63
N SER A 105 1.78 8.33 -2.41
CA SER A 105 2.78 7.77 -1.50
C SER A 105 2.20 6.56 -0.77
N ILE A 106 2.88 5.42 -0.86
CA ILE A 106 2.41 4.19 -0.24
C ILE A 106 3.39 3.75 0.83
N HIS A 107 2.92 2.99 1.83
CA HIS A 107 3.76 2.54 2.92
C HIS A 107 3.54 1.05 3.21
N ALA A 108 4.61 0.39 3.63
CA ALA A 108 4.68 -1.07 3.79
C ALA A 108 3.83 -1.62 4.94
N SER A 109 3.02 -0.78 5.59
CA SER A 109 2.38 -1.16 6.86
C SER A 109 1.49 -2.40 6.69
N SER A 110 1.69 -3.38 7.58
CA SER A 110 1.00 -4.66 7.53
C SER A 110 -0.43 -4.57 8.06
N ARG A 111 -1.14 -5.71 8.02
CA ARG A 111 -2.55 -5.80 8.42
C ARG A 111 -2.86 -5.02 9.69
N VAL A 112 -3.88 -4.19 9.61
CA VAL A 112 -4.38 -3.41 10.74
C VAL A 112 -5.88 -3.62 10.91
N ASP A 113 -6.45 -3.03 11.95
CA ASP A 113 -7.89 -3.08 12.18
C ASP A 113 -8.61 -2.12 11.24
N ALA A 114 -9.51 -2.65 10.42
CA ALA A 114 -10.26 -1.86 9.45
C ALA A 114 -11.30 -0.98 10.12
N ASP A 115 -11.67 0.12 9.46
CA ASP A 115 -12.63 1.09 10.01
C ASP A 115 -13.66 1.48 8.97
N GLY A 116 -13.20 1.83 7.77
CA GLY A 116 -14.10 2.24 6.70
C GLY A 116 -13.49 3.28 5.78
N PHE A 117 -13.86 3.21 4.50
CA PHE A 117 -13.38 4.16 3.51
C PHE A 117 -14.37 5.30 3.35
N GLU A 118 -14.00 6.51 3.77
CA GLU A 118 -14.84 7.67 3.59
C GLU A 118 -14.02 8.95 3.73
N ILE A 119 -14.17 9.86 2.79
CA ILE A 119 -13.40 11.09 2.80
C ILE A 119 -13.83 11.96 3.98
N ARG A 120 -13.20 11.70 5.13
CA ARG A 120 -13.45 12.45 6.34
C ARG A 120 -12.66 13.75 6.33
N ARG A 121 -13.29 14.81 6.77
CA ARG A 121 -12.68 16.15 6.79
C ARG A 121 -13.12 16.90 8.05
N MET A 1 -26.73 -3.08 5.11
CA MET A 1 -26.77 -1.60 5.16
C MET A 1 -25.95 -1.08 6.33
N ALA A 2 -25.68 0.22 6.33
CA ALA A 2 -24.91 0.85 7.40
C ALA A 2 -25.77 1.05 8.64
N HIS A 3 -25.67 0.11 9.57
CA HIS A 3 -26.45 0.15 10.81
C HIS A 3 -25.50 0.43 11.98
N HIS A 4 -24.42 1.15 11.68
CA HIS A 4 -23.41 1.50 12.69
C HIS A 4 -23.09 3.00 12.60
N HIS A 5 -23.66 3.77 13.51
CA HIS A 5 -23.34 5.20 13.61
C HIS A 5 -22.00 5.38 14.31
N HIS A 6 -21.28 6.43 13.93
CA HIS A 6 -19.96 6.71 14.51
C HIS A 6 -19.58 8.16 14.29
N HIS A 7 -19.02 8.80 15.31
CA HIS A 7 -18.66 10.20 15.23
C HIS A 7 -17.33 10.48 15.95
N HIS A 8 -16.24 10.43 15.21
CA HIS A 8 -14.95 10.91 15.69
C HIS A 8 -14.67 12.27 15.04
N MET A 9 -13.85 13.09 15.69
CA MET A 9 -13.63 14.47 15.23
C MET A 9 -12.84 14.51 13.91
N GLY A 10 -11.55 14.21 13.99
CA GLY A 10 -10.71 14.25 12.80
C GLY A 10 -9.49 15.14 12.97
N THR A 11 -9.32 16.08 12.05
CA THR A 11 -8.13 16.94 12.05
C THR A 11 -8.42 18.31 12.65
N LEU A 12 -7.77 18.59 13.79
CA LEU A 12 -7.85 19.90 14.43
C LEU A 12 -6.46 20.53 14.46
N GLU A 13 -5.46 19.71 14.17
CA GLU A 13 -4.06 20.11 14.18
C GLU A 13 -3.25 19.05 13.45
N ALA A 14 -2.15 19.43 12.82
CA ALA A 14 -1.34 18.50 12.06
C ALA A 14 0.14 18.85 12.17
N GLN A 15 0.96 17.82 12.32
CA GLN A 15 2.42 17.97 12.36
C GLN A 15 3.05 16.90 11.48
N THR A 16 4.13 17.24 10.80
CA THR A 16 4.74 16.34 9.83
C THR A 16 6.14 15.90 10.27
N GLN A 17 6.26 14.62 10.62
CA GLN A 17 7.54 14.02 10.95
C GLN A 17 7.53 12.54 10.56
N GLY A 18 8.64 11.86 10.76
CA GLY A 18 8.71 10.44 10.42
C GLY A 18 10.09 10.04 9.95
N PRO A 19 10.26 8.78 9.54
CA PRO A 19 11.54 8.25 9.09
C PRO A 19 11.65 8.24 7.55
N GLY A 20 12.58 7.45 7.05
CA GLY A 20 12.78 7.34 5.63
C GLY A 20 13.70 6.18 5.27
N SER A 21 13.71 5.16 6.12
CA SER A 21 14.56 3.99 5.92
C SER A 21 13.81 2.72 6.30
N MET A 22 13.10 2.14 5.34
CA MET A 22 12.35 0.90 5.55
C MET A 22 12.45 0.00 4.32
N GLN A 23 13.33 -0.99 4.38
CA GLN A 23 13.48 -1.97 3.30
C GLN A 23 14.34 -3.14 3.78
N GLY A 24 14.00 -4.33 3.29
CA GLY A 24 14.76 -5.52 3.64
C GLY A 24 14.59 -6.61 2.60
N SER A 25 15.58 -6.74 1.72
CA SER A 25 15.51 -7.72 0.64
C SER A 25 15.38 -9.14 1.19
N MET A 26 14.18 -9.68 1.08
CA MET A 26 13.85 -11.00 1.59
C MET A 26 12.92 -11.72 0.62
N PRO A 27 12.92 -13.07 0.62
CA PRO A 27 12.03 -13.87 -0.24
C PRO A 27 10.55 -13.52 -0.02
N SER A 28 9.73 -13.75 -1.05
CA SER A 28 8.31 -13.49 -0.98
C SER A 28 7.65 -14.44 0.02
N SER A 29 7.11 -13.88 1.10
CA SER A 29 6.52 -14.68 2.17
C SER A 29 5.16 -15.26 1.75
N SER A 30 4.48 -15.90 2.70
CA SER A 30 3.20 -16.53 2.42
C SER A 30 2.03 -15.58 2.71
N GLU A 31 2.34 -14.35 3.11
CA GLU A 31 1.31 -13.34 3.32
C GLU A 31 0.65 -12.97 2.00
N ASP A 32 -0.52 -13.55 1.74
CA ASP A 32 -1.25 -13.28 0.51
C ASP A 32 -2.05 -12.00 0.64
N VAL A 33 -2.49 -11.72 1.88
CA VAL A 33 -3.23 -10.50 2.16
C VAL A 33 -2.28 -9.30 2.17
N THR A 34 -2.36 -8.50 1.13
CA THR A 34 -1.49 -7.35 0.96
C THR A 34 -2.02 -6.16 1.74
N THR A 35 -1.18 -5.60 2.59
CA THR A 35 -1.51 -4.40 3.34
C THR A 35 -0.53 -3.29 2.98
N LEU A 36 -1.06 -2.13 2.62
CA LEU A 36 -0.26 -0.98 2.23
C LEU A 36 -0.91 0.30 2.73
N CYS A 37 -0.13 1.20 3.30
CA CYS A 37 -0.68 2.47 3.79
C CYS A 37 -0.61 3.51 2.67
N TYR A 38 -1.70 4.24 2.49
CA TYR A 38 -1.84 5.18 1.38
C TYR A 38 -1.85 6.62 1.86
N ARG A 39 -1.19 7.48 1.10
CA ARG A 39 -1.32 8.93 1.27
C ARG A 39 -1.12 9.61 -0.08
N VAL A 40 -2.13 10.33 -0.53
CA VAL A 40 -2.04 11.09 -1.77
C VAL A 40 -2.31 12.57 -1.47
N THR A 41 -1.61 13.44 -2.16
CA THR A 41 -1.76 14.87 -2.00
C THR A 41 -2.55 15.43 -3.18
N GLY A 42 -3.29 16.51 -2.96
CA GLY A 42 -4.06 17.11 -4.03
C GLY A 42 -3.36 18.31 -4.64
N LYS A 43 -3.45 18.45 -5.96
CA LYS A 43 -2.85 19.59 -6.65
C LYS A 43 -3.62 20.86 -6.31
N VAL A 44 -4.94 20.74 -6.33
CA VAL A 44 -5.82 21.83 -5.92
C VAL A 44 -6.74 21.37 -4.78
N GLN A 45 -6.22 21.43 -3.54
CA GLN A 45 -6.95 21.01 -2.35
C GLN A 45 -7.33 19.53 -2.44
N GLY A 46 -6.54 18.68 -1.79
CA GLY A 46 -6.76 17.25 -1.83
C GLY A 46 -8.02 16.83 -1.12
N VAL A 47 -9.09 16.68 -1.88
CA VAL A 47 -10.35 16.12 -1.38
C VAL A 47 -10.76 14.93 -2.25
N PHE A 48 -10.95 13.78 -1.61
CA PHE A 48 -11.32 12.55 -2.33
C PHE A 48 -12.84 12.46 -2.43
N PHE A 49 -13.34 11.88 -3.53
CA PHE A 49 -14.77 11.80 -3.77
C PHE A 49 -15.35 10.45 -3.36
N ARG A 50 -16.25 10.51 -2.37
CA ARG A 50 -16.87 9.33 -1.75
C ARG A 50 -17.39 8.36 -2.81
N LYS A 51 -18.05 8.91 -3.84
CA LYS A 51 -18.64 8.10 -4.90
C LYS A 51 -17.64 7.11 -5.48
N TYR A 52 -16.54 7.63 -6.02
CA TYR A 52 -15.54 6.80 -6.67
C TYR A 52 -14.80 5.95 -5.65
N THR A 53 -14.57 6.50 -4.46
CA THR A 53 -13.90 5.76 -3.40
C THR A 53 -14.66 4.48 -3.06
N LYS A 54 -15.96 4.63 -2.77
CA LYS A 54 -16.77 3.48 -2.39
C LYS A 54 -17.01 2.56 -3.59
N LYS A 55 -17.13 3.14 -4.78
CA LYS A 55 -17.36 2.35 -5.98
C LYS A 55 -16.23 1.36 -6.18
N GLU A 56 -15.00 1.88 -6.16
CA GLU A 56 -13.81 1.07 -6.35
C GLU A 56 -13.66 0.06 -5.22
N ALA A 57 -13.64 0.57 -3.99
CA ALA A 57 -13.41 -0.25 -2.81
C ALA A 57 -14.47 -1.34 -2.65
N ASP A 58 -15.72 -0.99 -2.95
CA ASP A 58 -16.84 -1.94 -2.83
C ASP A 58 -16.78 -2.97 -3.95
N ALA A 59 -16.44 -2.52 -5.15
CA ALA A 59 -16.36 -3.39 -6.33
C ALA A 59 -15.29 -4.48 -6.13
N LEU A 60 -14.11 -4.08 -5.68
CA LEU A 60 -13.00 -5.03 -5.51
C LEU A 60 -12.96 -5.57 -4.07
N SER A 61 -13.72 -4.94 -3.17
CA SER A 61 -13.87 -5.39 -1.79
C SER A 61 -12.56 -5.23 -1.01
N LEU A 62 -12.09 -3.98 -0.90
CA LEU A 62 -10.91 -3.66 -0.09
C LEU A 62 -11.35 -3.25 1.32
N VAL A 63 -10.51 -3.54 2.32
CA VAL A 63 -10.77 -3.13 3.69
C VAL A 63 -9.61 -2.30 4.22
N GLY A 64 -9.85 -1.59 5.33
CA GLY A 64 -8.82 -0.73 5.91
C GLY A 64 -9.43 0.53 6.47
N TYR A 65 -8.92 1.69 6.06
CA TYR A 65 -9.48 2.96 6.50
C TYR A 65 -8.93 4.11 5.65
N VAL A 66 -9.79 5.10 5.39
CA VAL A 66 -9.42 6.29 4.62
C VAL A 66 -10.02 7.54 5.25
N THR A 67 -9.21 8.60 5.31
CA THR A 67 -9.61 9.89 5.87
C THR A 67 -9.01 11.02 5.01
N ASN A 68 -9.56 12.23 5.14
CA ASN A 68 -9.06 13.38 4.38
C ASN A 68 -8.53 14.44 5.34
N ASN A 69 -7.30 14.88 5.12
CA ASN A 69 -6.64 15.84 6.00
C ASN A 69 -6.95 17.27 5.58
N GLU A 70 -7.04 18.16 6.56
CA GLU A 70 -7.29 19.58 6.30
C GLU A 70 -6.22 20.17 5.38
N ASP A 71 -5.01 19.61 5.46
CA ASP A 71 -3.87 20.08 4.66
C ASP A 71 -4.11 19.82 3.16
N GLY A 72 -5.13 19.00 2.86
CA GLY A 72 -5.45 18.68 1.49
C GLY A 72 -4.72 17.42 1.03
N SER A 73 -4.84 16.37 1.83
CA SER A 73 -4.17 15.11 1.54
C SER A 73 -5.00 13.95 2.08
N VAL A 74 -5.22 12.94 1.25
CA VAL A 74 -5.98 11.76 1.66
C VAL A 74 -5.03 10.70 2.20
N SER A 75 -5.35 10.12 3.34
CA SER A 75 -4.47 9.15 3.99
C SER A 75 -5.28 7.99 4.57
N GLY A 76 -4.65 6.83 4.64
CA GLY A 76 -5.30 5.66 5.20
C GLY A 76 -4.49 4.40 4.95
N VAL A 77 -5.14 3.25 5.04
CA VAL A 77 -4.49 1.95 4.81
C VAL A 77 -5.44 1.03 4.04
N VAL A 78 -4.87 0.22 3.15
CA VAL A 78 -5.63 -0.75 2.38
C VAL A 78 -5.17 -2.18 2.74
N GLN A 79 -6.12 -3.10 2.75
CA GLN A 79 -5.84 -4.50 3.07
C GLN A 79 -6.67 -5.41 2.16
N GLY A 80 -6.04 -6.39 1.54
CA GLY A 80 -6.75 -7.32 0.69
C GLY A 80 -5.84 -8.04 -0.29
N PRO A 81 -6.39 -8.85 -1.21
CA PRO A 81 -5.59 -9.55 -2.23
C PRO A 81 -4.80 -8.57 -3.11
N LYS A 82 -3.56 -8.93 -3.41
CA LYS A 82 -2.63 -8.06 -4.14
C LYS A 82 -3.22 -7.53 -5.45
N GLU A 83 -4.05 -8.33 -6.10
CA GLU A 83 -4.66 -7.92 -7.37
C GLU A 83 -5.69 -6.82 -7.14
N GLN A 84 -6.49 -6.96 -6.09
CA GLN A 84 -7.50 -5.96 -5.72
C GLN A 84 -6.80 -4.71 -5.17
N VAL A 85 -5.74 -4.91 -4.40
CA VAL A 85 -4.94 -3.81 -3.88
C VAL A 85 -4.31 -3.05 -5.05
N ASP A 86 -3.92 -3.79 -6.08
CA ASP A 86 -3.38 -3.21 -7.30
C ASP A 86 -4.46 -2.38 -7.99
N ALA A 87 -5.68 -2.91 -8.01
CA ALA A 87 -6.83 -2.17 -8.54
C ALA A 87 -7.00 -0.84 -7.81
N PHE A 88 -6.86 -0.91 -6.48
CA PHE A 88 -7.05 0.26 -5.63
C PHE A 88 -5.95 1.30 -5.87
N VAL A 89 -4.69 0.87 -5.91
CA VAL A 89 -3.57 1.79 -6.10
C VAL A 89 -3.60 2.38 -7.51
N LYS A 90 -4.02 1.56 -8.47
CA LYS A 90 -4.11 1.99 -9.85
C LYS A 90 -5.23 3.01 -10.01
N TYR A 91 -6.29 2.82 -9.22
CA TYR A 91 -7.35 3.81 -9.09
C TYR A 91 -6.81 5.08 -8.41
N LEU A 92 -5.98 4.87 -7.40
CA LEU A 92 -5.40 5.98 -6.63
C LEU A 92 -4.60 6.89 -7.56
N HIS A 93 -3.89 6.28 -8.51
CA HIS A 93 -3.15 7.04 -9.52
C HIS A 93 -4.08 7.88 -10.39
N LYS A 94 -5.33 7.47 -10.47
CA LYS A 94 -6.35 8.24 -11.18
C LYS A 94 -6.93 9.31 -10.25
N GLY A 95 -7.01 8.96 -8.97
CA GLY A 95 -7.59 9.83 -7.97
C GLY A 95 -9.08 10.01 -8.17
N SER A 96 -9.45 11.05 -8.89
CA SER A 96 -10.84 11.35 -9.21
C SER A 96 -10.89 12.29 -10.42
N PRO A 97 -11.76 12.01 -11.41
CA PRO A 97 -11.85 12.81 -12.64
C PRO A 97 -12.40 14.22 -12.42
N LYS A 98 -12.53 14.60 -11.15
CA LYS A 98 -13.01 15.93 -10.78
C LYS A 98 -11.87 16.78 -10.21
N SER A 99 -10.68 16.20 -10.15
CA SER A 99 -9.50 16.89 -9.62
C SER A 99 -8.23 16.26 -10.16
N VAL A 100 -7.08 16.74 -9.69
CA VAL A 100 -5.78 16.24 -10.13
C VAL A 100 -4.88 15.97 -8.92
N VAL A 101 -4.21 14.83 -8.92
CA VAL A 101 -3.33 14.45 -7.82
C VAL A 101 -1.98 15.17 -7.92
N LYS A 102 -1.41 15.49 -6.77
CA LYS A 102 -0.09 16.11 -6.69
C LYS A 102 0.98 15.02 -6.66
N LYS A 103 0.89 14.13 -5.67
CA LYS A 103 1.79 12.99 -5.54
C LYS A 103 1.16 11.88 -4.70
N VAL A 104 1.26 10.64 -5.17
CA VAL A 104 0.80 9.47 -4.43
C VAL A 104 1.96 8.82 -3.69
N SER A 105 1.73 8.39 -2.46
CA SER A 105 2.75 7.79 -1.62
C SER A 105 2.20 6.58 -0.88
N ILE A 106 2.88 5.43 -1.04
CA ILE A 106 2.43 4.18 -0.43
C ILE A 106 3.49 3.67 0.55
N HIS A 107 3.05 3.04 1.64
CA HIS A 107 3.98 2.50 2.65
C HIS A 107 3.77 1.00 2.84
N ALA A 108 4.85 0.34 3.25
CA ALA A 108 4.96 -1.13 3.30
C ALA A 108 4.29 -1.75 4.53
N SER A 109 3.59 -0.95 5.33
CA SER A 109 3.14 -1.38 6.66
C SER A 109 2.25 -2.62 6.58
N SER A 110 2.56 -3.60 7.43
CA SER A 110 1.88 -4.90 7.44
C SER A 110 0.46 -4.78 8.00
N ARG A 111 -0.25 -5.92 8.02
CA ARG A 111 -1.69 -5.95 8.29
C ARG A 111 -2.07 -5.13 9.53
N VAL A 112 -3.01 -4.21 9.32
CA VAL A 112 -3.60 -3.43 10.40
C VAL A 112 -5.05 -3.87 10.59
N ASP A 113 -5.73 -3.30 11.59
CA ASP A 113 -7.15 -3.55 11.78
C ASP A 113 -7.96 -2.42 11.14
N ALA A 114 -8.99 -2.81 10.39
CA ALA A 114 -9.78 -1.88 9.59
C ALA A 114 -10.64 -0.95 10.47
N ASP A 115 -10.71 0.32 10.07
CA ASP A 115 -11.54 1.31 10.75
C ASP A 115 -12.71 1.68 9.83
N GLY A 116 -12.40 1.97 8.58
CA GLY A 116 -13.41 2.30 7.60
C GLY A 116 -12.92 3.30 6.56
N PHE A 117 -13.29 3.09 5.31
CA PHE A 117 -13.03 4.07 4.27
C PHE A 117 -14.11 5.15 4.33
N GLU A 118 -13.74 6.36 4.71
CA GLU A 118 -14.69 7.47 4.74
C GLU A 118 -13.97 8.80 4.72
N ILE A 119 -14.27 9.60 3.72
CA ILE A 119 -13.61 10.89 3.55
C ILE A 119 -13.94 11.79 4.73
N ARG A 120 -13.13 11.68 5.77
CA ARG A 120 -13.30 12.45 7.00
C ARG A 120 -13.08 13.93 6.76
N ARG A 121 -14.03 14.72 7.25
CA ARG A 121 -14.04 16.15 7.03
C ARG A 121 -14.54 16.86 8.30
N MET A 1 75.86 -57.58 7.10
CA MET A 1 75.59 -56.75 8.29
C MET A 1 75.59 -55.28 7.91
N ALA A 2 74.39 -54.71 7.79
CA ALA A 2 74.22 -53.30 7.44
C ALA A 2 73.08 -52.71 8.27
N HIS A 3 73.30 -51.52 8.83
CA HIS A 3 72.34 -50.93 9.76
C HIS A 3 72.49 -49.41 9.80
N HIS A 4 71.45 -48.70 9.36
CA HIS A 4 71.43 -47.25 9.47
C HIS A 4 71.00 -46.86 10.88
N HIS A 5 71.37 -45.65 11.30
CA HIS A 5 71.04 -45.17 12.64
C HIS A 5 70.92 -43.65 12.65
N HIS A 6 69.91 -43.15 13.35
CA HIS A 6 69.73 -41.72 13.58
C HIS A 6 69.42 -41.49 15.04
N HIS A 7 69.54 -40.25 15.50
CA HIS A 7 69.27 -39.93 16.90
C HIS A 7 67.77 -39.91 17.19
N HIS A 8 67.01 -39.29 16.30
CA HIS A 8 65.56 -39.16 16.49
C HIS A 8 64.81 -39.43 15.18
N MET A 9 63.71 -40.16 15.30
CA MET A 9 62.84 -40.43 14.17
C MET A 9 61.41 -40.67 14.67
N GLY A 10 60.45 -40.01 14.04
CA GLY A 10 59.07 -40.09 14.48
C GLY A 10 58.41 -38.72 14.46
N THR A 11 57.33 -38.59 13.72
CA THR A 11 56.62 -37.33 13.57
C THR A 11 55.25 -37.38 14.24
N LEU A 12 54.55 -36.25 14.25
CA LEU A 12 53.22 -36.17 14.86
C LEU A 12 52.13 -36.16 13.80
N GLU A 13 51.28 -37.18 13.81
CA GLU A 13 50.10 -37.20 12.94
C GLU A 13 48.90 -37.77 13.69
N ALA A 14 48.21 -36.89 14.40
CA ALA A 14 46.98 -37.23 15.10
C ALA A 14 45.86 -36.31 14.62
N GLN A 15 45.12 -36.76 13.63
CA GLN A 15 44.08 -35.95 13.00
C GLN A 15 42.69 -36.48 13.38
N THR A 16 41.66 -35.74 12.99
CA THR A 16 40.29 -36.09 13.32
C THR A 16 39.34 -35.56 12.25
N GLN A 17 38.09 -36.00 12.28
CA GLN A 17 37.08 -35.61 11.29
C GLN A 17 35.67 -35.81 11.85
N GLY A 18 34.67 -35.49 11.03
CA GLY A 18 33.28 -35.66 11.43
C GLY A 18 32.46 -36.33 10.35
N PRO A 19 31.20 -36.70 10.66
CA PRO A 19 30.30 -37.34 9.70
C PRO A 19 29.40 -36.32 9.01
N GLY A 20 28.26 -36.80 8.52
CA GLY A 20 27.30 -35.93 7.84
C GLY A 20 25.98 -36.63 7.60
N SER A 21 24.91 -35.85 7.47
CA SER A 21 23.57 -36.40 7.25
C SER A 21 22.67 -35.33 6.61
N MET A 22 21.44 -35.72 6.29
CA MET A 22 20.46 -34.81 5.67
C MET A 22 19.09 -35.00 6.30
N GLN A 23 18.61 -33.98 7.02
CA GLN A 23 17.32 -34.02 7.68
C GLN A 23 16.89 -32.62 8.08
N GLY A 24 15.60 -32.32 7.96
CA GLY A 24 15.09 -31.02 8.31
C GLY A 24 13.58 -30.91 8.13
N SER A 25 13.09 -29.68 7.98
CA SER A 25 11.66 -29.43 7.81
C SER A 25 11.43 -28.21 6.92
N MET A 26 10.18 -28.04 6.47
CA MET A 26 9.82 -26.93 5.58
C MET A 26 8.80 -26.02 6.26
N PRO A 27 8.87 -24.70 6.01
CA PRO A 27 7.94 -23.72 6.58
C PRO A 27 6.76 -23.43 5.65
N SER A 28 5.92 -22.48 6.06
CA SER A 28 4.76 -22.08 5.28
C SER A 28 4.36 -20.64 5.61
N SER A 29 3.27 -20.19 5.00
CA SER A 29 2.75 -18.85 5.25
C SER A 29 1.24 -18.83 4.95
N SER A 30 0.61 -17.72 5.29
CA SER A 30 -0.83 -17.55 5.07
C SER A 30 -1.14 -16.08 4.85
N GLU A 31 -0.12 -15.32 4.42
CA GLU A 31 -0.21 -13.88 4.24
C GLU A 31 -0.89 -13.52 2.93
N ASP A 32 -2.05 -14.11 2.68
CA ASP A 32 -2.83 -13.83 1.46
C ASP A 32 -3.41 -12.42 1.50
N VAL A 33 -3.54 -11.89 2.71
CA VAL A 33 -4.04 -10.54 2.89
C VAL A 33 -2.89 -9.54 2.84
N THR A 34 -2.81 -8.82 1.73
CA THR A 34 -1.82 -7.78 1.55
C THR A 34 -2.30 -6.49 2.21
N THR A 35 -1.37 -5.66 2.65
CA THR A 35 -1.70 -4.37 3.27
C THR A 35 -0.68 -3.32 2.86
N LEU A 36 -1.19 -2.19 2.36
CA LEU A 36 -0.36 -1.06 1.97
C LEU A 36 -1.04 0.24 2.40
N CYS A 37 -0.27 1.16 2.94
CA CYS A 37 -0.80 2.47 3.33
C CYS A 37 -0.74 3.43 2.15
N TYR A 38 -1.84 4.15 1.93
CA TYR A 38 -1.94 5.08 0.82
C TYR A 38 -1.97 6.51 1.32
N ARG A 39 -1.35 7.41 0.57
CA ARG A 39 -1.43 8.83 0.86
C ARG A 39 -1.21 9.63 -0.42
N VAL A 40 -2.26 10.28 -0.90
CA VAL A 40 -2.18 11.11 -2.09
C VAL A 40 -2.37 12.56 -1.69
N THR A 41 -1.69 13.45 -2.39
CA THR A 41 -1.81 14.88 -2.14
C THR A 41 -2.74 15.51 -3.17
N GLY A 42 -3.67 16.34 -2.71
CA GLY A 42 -4.66 16.91 -3.61
C GLY A 42 -4.34 18.33 -4.01
N LYS A 43 -4.73 18.71 -5.23
CA LYS A 43 -4.57 20.08 -5.70
C LYS A 43 -5.71 20.95 -5.16
N VAL A 44 -6.90 20.37 -5.05
CA VAL A 44 -8.08 21.07 -4.54
C VAL A 44 -8.33 20.68 -3.08
N GLN A 45 -7.52 21.26 -2.18
CA GLN A 45 -7.61 21.03 -0.75
C GLN A 45 -7.52 19.52 -0.41
N GLY A 46 -8.64 18.82 -0.53
CA GLY A 46 -8.66 17.40 -0.23
C GLY A 46 -10.00 16.78 -0.57
N VAL A 47 -10.67 17.32 -1.57
CA VAL A 47 -11.97 16.81 -1.99
C VAL A 47 -11.80 15.58 -2.88
N PHE A 48 -11.85 14.40 -2.27
CA PHE A 48 -11.65 13.15 -2.97
C PHE A 48 -13.02 12.54 -3.33
N PHE A 49 -13.15 12.10 -4.58
CA PHE A 49 -14.41 11.58 -5.10
C PHE A 49 -14.88 10.32 -4.36
N ARG A 50 -15.56 10.54 -3.23
CA ARG A 50 -16.09 9.45 -2.39
C ARG A 50 -16.89 8.44 -3.22
N LYS A 51 -17.68 8.93 -4.15
CA LYS A 51 -18.55 8.08 -4.97
C LYS A 51 -17.74 6.97 -5.65
N TYR A 52 -16.71 7.38 -6.38
CA TYR A 52 -15.87 6.45 -7.11
C TYR A 52 -15.05 5.60 -6.15
N THR A 53 -14.58 6.22 -5.06
CA THR A 53 -13.81 5.50 -4.05
C THR A 53 -14.64 4.38 -3.42
N LYS A 54 -15.92 4.68 -3.17
CA LYS A 54 -16.84 3.71 -2.59
C LYS A 54 -17.11 2.58 -3.56
N LYS A 55 -17.48 2.93 -4.79
CA LYS A 55 -17.78 1.96 -5.83
C LYS A 55 -16.58 1.03 -6.05
N GLU A 56 -15.42 1.63 -6.23
CA GLU A 56 -14.18 0.90 -6.49
C GLU A 56 -13.86 -0.07 -5.34
N ALA A 57 -13.76 0.50 -4.13
CA ALA A 57 -13.38 -0.26 -2.95
C ALA A 57 -14.39 -1.36 -2.65
N ASP A 58 -15.67 -1.04 -2.78
CA ASP A 58 -16.73 -2.01 -2.46
C ASP A 58 -16.73 -3.16 -3.45
N ALA A 59 -16.56 -2.83 -4.74
CA ALA A 59 -16.56 -3.83 -5.79
C ALA A 59 -15.37 -4.79 -5.64
N LEU A 60 -14.18 -4.22 -5.48
CA LEU A 60 -12.96 -5.03 -5.35
C LEU A 60 -12.80 -5.56 -3.93
N SER A 61 -13.61 -5.03 -3.01
CA SER A 61 -13.67 -5.51 -1.64
C SER A 61 -12.37 -5.21 -0.87
N LEU A 62 -11.92 -3.95 -0.96
CA LEU A 62 -10.78 -3.50 -0.14
C LEU A 62 -11.27 -3.07 1.23
N VAL A 63 -10.57 -3.51 2.27
CA VAL A 63 -10.86 -3.06 3.63
C VAL A 63 -9.71 -2.21 4.13
N GLY A 64 -9.95 -1.46 5.20
CA GLY A 64 -8.94 -0.57 5.73
C GLY A 64 -9.58 0.72 6.19
N TYR A 65 -9.03 1.86 5.75
CA TYR A 65 -9.61 3.16 6.11
C TYR A 65 -9.01 4.26 5.25
N VAL A 66 -9.79 5.30 4.99
CA VAL A 66 -9.28 6.46 4.26
C VAL A 66 -9.81 7.75 4.89
N THR A 67 -9.01 8.81 4.81
CA THR A 67 -9.38 10.12 5.35
C THR A 67 -8.51 11.21 4.73
N ASN A 68 -8.95 12.46 4.83
CA ASN A 68 -8.15 13.59 4.38
C ASN A 68 -7.39 14.17 5.58
N ASN A 69 -6.38 14.98 5.29
CA ASN A 69 -5.59 15.64 6.32
C ASN A 69 -5.48 17.12 6.00
N GLU A 70 -5.30 17.95 7.03
CA GLU A 70 -5.16 19.39 6.84
C GLU A 70 -3.92 19.72 6.00
N ASP A 71 -3.07 18.72 5.79
CA ASP A 71 -1.89 18.85 4.92
C ASP A 71 -2.32 19.09 3.48
N GLY A 72 -3.57 18.74 3.17
CA GLY A 72 -4.02 18.73 1.79
C GLY A 72 -3.69 17.41 1.13
N SER A 73 -3.94 16.33 1.86
CA SER A 73 -3.57 14.99 1.41
C SER A 73 -4.52 13.94 1.99
N VAL A 74 -5.00 13.04 1.15
CA VAL A 74 -5.87 11.95 1.58
C VAL A 74 -5.02 10.73 1.90
N SER A 75 -5.02 10.34 3.17
CA SER A 75 -4.22 9.21 3.64
C SER A 75 -5.12 8.08 4.13
N GLY A 76 -4.59 6.86 4.13
CA GLY A 76 -5.35 5.72 4.58
C GLY A 76 -4.59 4.43 4.41
N VAL A 77 -5.30 3.30 4.52
CA VAL A 77 -4.72 1.98 4.39
C VAL A 77 -5.66 1.07 3.62
N VAL A 78 -5.09 0.30 2.68
CA VAL A 78 -5.83 -0.69 1.90
C VAL A 78 -5.36 -2.10 2.25
N GLN A 79 -6.31 -3.00 2.42
CA GLN A 79 -6.01 -4.40 2.74
C GLN A 79 -6.81 -5.33 1.82
N GLY A 80 -6.26 -6.52 1.58
CA GLY A 80 -6.96 -7.51 0.78
C GLY A 80 -6.00 -8.25 -0.13
N PRO A 81 -6.51 -9.06 -1.07
CA PRO A 81 -5.67 -9.76 -2.05
C PRO A 81 -4.83 -8.78 -2.86
N LYS A 82 -3.57 -9.13 -3.10
CA LYS A 82 -2.61 -8.24 -3.73
C LYS A 82 -3.12 -7.68 -5.06
N GLU A 83 -3.92 -8.47 -5.77
CA GLU A 83 -4.47 -8.04 -7.06
C GLU A 83 -5.51 -6.94 -6.87
N GLN A 84 -6.26 -7.04 -5.76
CA GLN A 84 -7.28 -6.04 -5.44
C GLN A 84 -6.64 -4.75 -4.95
N VAL A 85 -5.64 -4.89 -4.09
CA VAL A 85 -4.84 -3.76 -3.64
C VAL A 85 -4.20 -3.09 -4.85
N ASP A 86 -3.74 -3.93 -5.78
CA ASP A 86 -3.19 -3.47 -7.05
C ASP A 86 -4.25 -2.69 -7.84
N ALA A 87 -5.47 -3.20 -7.84
CA ALA A 87 -6.59 -2.52 -8.51
C ALA A 87 -6.76 -1.12 -7.94
N PHE A 88 -6.76 -1.03 -6.61
CA PHE A 88 -6.97 0.24 -5.92
C PHE A 88 -5.82 1.21 -6.18
N VAL A 89 -4.59 0.70 -6.21
CA VAL A 89 -3.42 1.54 -6.43
C VAL A 89 -3.41 2.09 -7.87
N LYS A 90 -3.82 1.26 -8.82
CA LYS A 90 -3.97 1.71 -10.21
C LYS A 90 -5.00 2.83 -10.25
N TYR A 91 -6.12 2.59 -9.58
CA TYR A 91 -7.19 3.57 -9.43
C TYR A 91 -6.66 4.85 -8.80
N LEU A 92 -5.77 4.70 -7.83
CA LEU A 92 -5.20 5.84 -7.12
C LEU A 92 -4.30 6.65 -8.06
N HIS A 93 -3.58 5.95 -8.93
CA HIS A 93 -2.71 6.61 -9.91
C HIS A 93 -3.53 7.30 -10.99
N LYS A 94 -4.76 6.84 -11.18
CA LYS A 94 -5.68 7.46 -12.13
C LYS A 94 -6.04 8.87 -11.66
N GLY A 95 -6.29 9.00 -10.36
CA GLY A 95 -6.64 10.28 -9.78
C GLY A 95 -8.08 10.66 -10.02
N SER A 96 -8.51 11.79 -9.46
CA SER A 96 -9.87 12.27 -9.62
C SER A 96 -10.04 12.96 -10.99
N PRO A 97 -11.27 12.98 -11.53
CA PRO A 97 -11.55 13.54 -12.87
C PRO A 97 -10.99 14.95 -13.06
N LYS A 98 -11.36 15.87 -12.18
CA LYS A 98 -10.93 17.26 -12.28
C LYS A 98 -10.15 17.69 -11.04
N SER A 99 -10.43 17.05 -9.91
CA SER A 99 -9.63 17.26 -8.71
C SER A 99 -8.24 16.63 -8.90
N VAL A 100 -7.40 17.35 -9.64
CA VAL A 100 -6.08 16.85 -10.01
C VAL A 100 -5.26 16.44 -8.79
N VAL A 101 -4.54 15.34 -8.92
CA VAL A 101 -3.67 14.85 -7.87
C VAL A 101 -2.28 15.48 -7.99
N LYS A 102 -1.70 15.83 -6.85
CA LYS A 102 -0.40 16.45 -6.80
C LYS A 102 0.70 15.38 -6.87
N LYS A 103 0.58 14.37 -6.00
CA LYS A 103 1.50 13.24 -5.97
C LYS A 103 0.93 12.11 -5.11
N VAL A 104 1.17 10.88 -5.52
CA VAL A 104 0.75 9.71 -4.74
C VAL A 104 1.94 9.13 -3.96
N SER A 105 1.67 8.64 -2.76
CA SER A 105 2.69 8.04 -1.91
C SER A 105 2.13 6.78 -1.26
N ILE A 106 2.86 5.67 -1.37
CA ILE A 106 2.42 4.39 -0.81
C ILE A 106 3.44 3.88 0.21
N HIS A 107 2.98 3.09 1.18
CA HIS A 107 3.86 2.62 2.25
C HIS A 107 3.66 1.12 2.53
N ALA A 108 4.77 0.47 2.88
CA ALA A 108 4.87 -1.00 3.03
C ALA A 108 4.18 -1.54 4.29
N SER A 109 3.45 -0.71 5.03
CA SER A 109 2.98 -1.06 6.37
C SER A 109 2.08 -2.30 6.36
N SER A 110 2.30 -3.16 7.35
CA SER A 110 1.63 -4.45 7.46
C SER A 110 0.19 -4.31 7.95
N ARG A 111 -0.52 -5.45 8.04
CA ARG A 111 -1.94 -5.50 8.36
C ARG A 111 -2.30 -4.66 9.59
N VAL A 112 -3.23 -3.73 9.41
CA VAL A 112 -3.80 -2.96 10.50
C VAL A 112 -5.26 -3.35 10.68
N ASP A 113 -5.94 -2.81 11.69
CA ASP A 113 -7.36 -3.07 11.86
C ASP A 113 -8.17 -1.98 11.15
N ALA A 114 -9.09 -2.40 10.28
CA ALA A 114 -9.84 -1.50 9.42
C ALA A 114 -10.77 -0.57 10.22
N ASP A 115 -10.94 0.65 9.71
CA ASP A 115 -11.89 1.62 10.29
C ASP A 115 -13.01 1.91 9.29
N GLY A 116 -12.61 2.35 8.09
CA GLY A 116 -13.57 2.73 7.08
C GLY A 116 -13.02 3.80 6.13
N PHE A 117 -13.47 3.76 4.89
CA PHE A 117 -13.07 4.76 3.90
C PHE A 117 -14.06 5.92 3.89
N GLU A 118 -13.62 7.10 4.33
CA GLU A 118 -14.44 8.30 4.32
C GLU A 118 -13.58 9.55 4.47
N ILE A 119 -13.84 10.57 3.68
CA ILE A 119 -13.05 11.79 3.73
C ILE A 119 -13.36 12.57 5.00
N ARG A 120 -12.65 12.21 6.06
CA ARG A 120 -12.74 12.91 7.34
C ARG A 120 -11.82 14.12 7.32
N ARG A 121 -12.27 15.19 7.98
CA ARG A 121 -11.53 16.44 8.01
C ARG A 121 -10.95 16.68 9.40
N MET A 1 78.20 -45.71 33.98
CA MET A 1 77.41 -46.78 33.33
C MET A 1 75.92 -46.56 33.54
N ALA A 2 75.30 -45.83 32.63
CA ALA A 2 73.87 -45.55 32.67
C ALA A 2 73.14 -46.36 31.61
N HIS A 3 72.39 -47.35 32.05
CA HIS A 3 71.67 -48.23 31.13
C HIS A 3 70.43 -47.52 30.57
N HIS A 4 70.66 -46.67 29.58
CA HIS A 4 69.59 -45.94 28.91
C HIS A 4 68.75 -46.90 28.07
N HIS A 5 67.46 -47.02 28.39
CA HIS A 5 66.60 -48.00 27.71
C HIS A 5 66.47 -47.70 26.22
N HIS A 6 66.19 -46.44 25.87
CA HIS A 6 66.28 -45.95 24.48
C HIS A 6 65.21 -46.49 23.52
N HIS A 7 64.74 -47.73 23.74
CA HIS A 7 63.82 -48.39 22.80
C HIS A 7 62.58 -47.55 22.53
N HIS A 8 62.35 -47.22 21.26
CA HIS A 8 61.20 -46.42 20.83
C HIS A 8 60.37 -47.21 19.83
N MET A 9 59.16 -47.61 20.24
CA MET A 9 58.30 -48.45 19.41
C MET A 9 57.15 -47.64 18.82
N GLY A 10 56.67 -48.05 17.66
CA GLY A 10 55.51 -47.44 17.04
C GLY A 10 54.36 -48.43 16.88
N THR A 11 53.19 -47.94 16.49
CA THR A 11 52.01 -48.79 16.34
C THR A 11 51.43 -48.63 14.93
N LEU A 12 50.62 -49.60 14.51
CA LEU A 12 49.93 -49.54 13.21
C LEU A 12 48.44 -49.33 13.43
N GLU A 13 47.80 -48.58 12.54
CA GLU A 13 46.37 -48.30 12.62
C GLU A 13 45.70 -48.56 11.28
N ALA A 14 44.37 -48.41 11.24
CA ALA A 14 43.60 -48.59 10.01
C ALA A 14 42.33 -47.74 10.05
N GLN A 15 42.14 -46.91 9.04
CA GLN A 15 40.96 -46.05 8.95
C GLN A 15 40.06 -46.50 7.81
N THR A 16 38.82 -46.02 7.78
CA THR A 16 37.84 -46.44 6.79
C THR A 16 37.09 -45.24 6.19
N GLN A 17 36.12 -45.54 5.34
CA GLN A 17 35.30 -44.51 4.69
C GLN A 17 33.81 -44.88 4.84
N GLY A 18 32.95 -43.86 4.78
CA GLY A 18 31.51 -44.08 4.84
C GLY A 18 30.73 -42.93 4.24
N PRO A 19 29.64 -43.22 3.51
CA PRO A 19 28.81 -42.20 2.87
C PRO A 19 27.61 -41.83 3.75
N GLY A 20 26.58 -41.29 3.11
CA GLY A 20 25.37 -40.89 3.82
C GLY A 20 24.29 -40.44 2.85
N SER A 21 23.04 -40.47 3.30
CA SER A 21 21.91 -40.07 2.48
C SER A 21 21.57 -38.59 2.72
N MET A 22 20.65 -38.04 1.94
CA MET A 22 20.27 -36.64 2.07
C MET A 22 18.95 -36.37 1.36
N GLN A 23 18.04 -35.70 2.06
CA GLN A 23 16.77 -35.24 1.49
C GLN A 23 16.30 -34.00 2.23
N GLY A 24 15.97 -32.95 1.48
CA GLY A 24 15.58 -31.69 2.09
C GLY A 24 14.07 -31.53 2.22
N SER A 25 13.66 -30.51 2.97
CA SER A 25 12.26 -30.19 3.17
C SER A 25 12.12 -28.75 3.67
N MET A 26 11.65 -27.87 2.81
CA MET A 26 11.56 -26.44 3.12
C MET A 26 10.10 -26.00 3.26
N PRO A 27 9.83 -24.98 4.09
CA PRO A 27 8.49 -24.41 4.26
C PRO A 27 8.08 -23.55 3.07
N SER A 28 6.89 -22.97 3.13
CA SER A 28 6.36 -22.16 2.04
C SER A 28 5.40 -21.11 2.58
N SER A 29 4.71 -20.41 1.68
CA SER A 29 3.74 -19.37 2.03
C SER A 29 4.43 -18.15 2.64
N SER A 30 3.83 -16.97 2.47
CA SER A 30 4.41 -15.74 3.00
C SER A 30 3.31 -14.78 3.45
N GLU A 31 2.41 -14.44 2.53
CA GLU A 31 1.35 -13.47 2.79
C GLU A 31 -0.02 -14.11 2.64
N ASP A 32 -0.98 -13.67 3.45
CA ASP A 32 -2.39 -14.07 3.28
C ASP A 32 -3.21 -12.87 2.82
N VAL A 33 -2.79 -11.68 3.25
CA VAL A 33 -3.44 -10.43 2.88
C VAL A 33 -2.37 -9.37 2.60
N THR A 34 -2.49 -8.69 1.46
CA THR A 34 -1.61 -7.56 1.14
C THR A 34 -2.17 -6.29 1.78
N THR A 35 -1.30 -5.51 2.41
CA THR A 35 -1.72 -4.29 3.08
C THR A 35 -0.68 -3.19 2.89
N LEU A 36 -1.14 -1.99 2.55
CA LEU A 36 -0.26 -0.85 2.37
C LEU A 36 -0.98 0.45 2.77
N CYS A 37 -0.25 1.35 3.42
CA CYS A 37 -0.79 2.64 3.83
C CYS A 37 -0.75 3.62 2.66
N TYR A 38 -1.80 4.43 2.53
CA TYR A 38 -1.91 5.39 1.45
C TYR A 38 -1.83 6.82 1.98
N ARG A 39 -1.16 7.68 1.22
CA ARG A 39 -1.12 9.12 1.48
C ARG A 39 -1.02 9.86 0.16
N VAL A 40 -2.07 10.57 -0.23
CA VAL A 40 -2.07 11.30 -1.50
C VAL A 40 -2.38 12.78 -1.27
N THR A 41 -1.82 13.63 -2.13
CA THR A 41 -2.05 15.07 -2.04
C THR A 41 -2.98 15.54 -3.17
N GLY A 42 -3.95 16.39 -2.83
CA GLY A 42 -4.88 16.92 -3.81
C GLY A 42 -4.29 18.08 -4.58
N LYS A 43 -4.08 17.89 -5.89
CA LYS A 43 -3.52 18.94 -6.73
C LYS A 43 -4.58 19.99 -7.04
N VAL A 44 -5.79 19.52 -7.32
CA VAL A 44 -6.92 20.39 -7.63
C VAL A 44 -7.88 20.43 -6.46
N GLN A 45 -8.30 21.63 -6.06
CA GLN A 45 -9.27 21.78 -4.99
C GLN A 45 -10.65 21.27 -5.43
N GLY A 46 -10.87 19.98 -5.21
CA GLY A 46 -12.13 19.35 -5.55
C GLY A 46 -12.40 18.14 -4.69
N VAL A 47 -13.68 17.84 -4.48
CA VAL A 47 -14.08 16.75 -3.60
C VAL A 47 -13.57 15.41 -4.13
N PHE A 48 -12.76 14.73 -3.32
CA PHE A 48 -12.35 13.36 -3.60
C PHE A 48 -13.57 12.47 -3.45
N PHE A 49 -14.16 12.06 -4.57
CA PHE A 49 -15.43 11.34 -4.55
C PHE A 49 -15.34 10.03 -3.78
N ARG A 50 -15.65 10.10 -2.49
CA ARG A 50 -15.75 8.92 -1.63
C ARG A 50 -16.72 7.91 -2.23
N LYS A 51 -17.68 8.39 -3.03
CA LYS A 51 -18.68 7.52 -3.64
C LYS A 51 -18.01 6.56 -4.64
N TYR A 52 -17.12 7.09 -5.48
CA TYR A 52 -16.38 6.28 -6.44
C TYR A 52 -15.33 5.46 -5.72
N THR A 53 -14.74 6.03 -4.68
CA THR A 53 -13.79 5.32 -3.85
C THR A 53 -14.47 4.10 -3.20
N LYS A 54 -15.72 4.29 -2.79
CA LYS A 54 -16.50 3.21 -2.20
C LYS A 54 -16.90 2.18 -3.26
N LYS A 55 -17.24 2.66 -4.46
CA LYS A 55 -17.56 1.76 -5.57
C LYS A 55 -16.37 0.84 -5.85
N GLU A 56 -15.20 1.45 -6.01
CA GLU A 56 -13.97 0.73 -6.30
C GLU A 56 -13.66 -0.26 -5.17
N ALA A 57 -13.56 0.27 -3.96
CA ALA A 57 -13.20 -0.54 -2.79
C ALA A 57 -14.19 -1.68 -2.57
N ASP A 58 -15.47 -1.38 -2.66
CA ASP A 58 -16.51 -2.38 -2.39
C ASP A 58 -16.54 -3.47 -3.47
N ALA A 59 -16.46 -3.04 -4.73
CA ALA A 59 -16.49 -3.96 -5.86
C ALA A 59 -15.31 -4.93 -5.82
N LEU A 60 -14.12 -4.39 -5.59
CA LEU A 60 -12.90 -5.21 -5.51
C LEU A 60 -12.74 -5.81 -4.10
N SER A 61 -13.55 -5.32 -3.16
CA SER A 61 -13.62 -5.87 -1.80
C SER A 61 -12.33 -5.62 -1.01
N LEU A 62 -11.84 -4.38 -1.07
CA LEU A 62 -10.73 -3.94 -0.22
C LEU A 62 -11.27 -3.53 1.15
N VAL A 63 -10.55 -3.91 2.19
CA VAL A 63 -10.88 -3.46 3.54
C VAL A 63 -9.78 -2.52 4.02
N GLY A 64 -10.10 -1.69 5.00
CA GLY A 64 -9.15 -0.71 5.49
C GLY A 64 -9.85 0.56 5.91
N TYR A 65 -9.26 1.71 5.63
CA TYR A 65 -9.87 2.99 5.99
C TYR A 65 -9.18 4.16 5.31
N VAL A 66 -9.97 5.20 4.99
CA VAL A 66 -9.46 6.42 4.36
C VAL A 66 -10.13 7.64 4.99
N THR A 67 -9.39 8.76 5.04
CA THR A 67 -9.87 10.02 5.60
C THR A 67 -9.06 11.18 5.02
N ASN A 68 -9.59 12.40 5.13
CA ASN A 68 -8.93 13.59 4.60
C ASN A 68 -8.35 14.46 5.72
N ASN A 69 -7.09 14.83 5.58
CA ASN A 69 -6.43 15.69 6.56
C ASN A 69 -6.60 17.16 6.16
N GLU A 70 -6.51 18.05 7.16
CA GLU A 70 -6.71 19.49 6.95
C GLU A 70 -5.77 20.05 5.86
N ASP A 71 -4.64 19.36 5.67
CA ASP A 71 -3.62 19.81 4.71
C ASP A 71 -4.12 19.68 3.27
N GLY A 72 -5.24 19.02 3.08
CA GLY A 72 -5.74 18.75 1.74
C GLY A 72 -5.17 17.46 1.18
N SER A 73 -4.70 16.61 2.08
CA SER A 73 -4.14 15.31 1.72
C SER A 73 -5.06 14.19 2.21
N VAL A 74 -5.26 13.18 1.39
CA VAL A 74 -6.10 12.04 1.75
C VAL A 74 -5.21 10.86 2.15
N SER A 75 -5.39 10.37 3.38
CA SER A 75 -4.56 9.30 3.91
C SER A 75 -5.43 8.13 4.39
N GLY A 76 -4.79 6.97 4.59
CA GLY A 76 -5.50 5.79 5.05
C GLY A 76 -4.68 4.53 4.86
N VAL A 77 -5.36 3.38 4.89
CA VAL A 77 -4.70 2.08 4.69
C VAL A 77 -5.59 1.17 3.85
N VAL A 78 -4.97 0.40 2.94
CA VAL A 78 -5.70 -0.57 2.12
C VAL A 78 -5.25 -1.99 2.49
N GLN A 79 -6.20 -2.92 2.51
CA GLN A 79 -5.93 -4.31 2.88
C GLN A 79 -6.76 -5.25 2.00
N GLY A 80 -6.11 -6.26 1.44
CA GLY A 80 -6.80 -7.23 0.61
C GLY A 80 -5.85 -8.00 -0.27
N PRO A 81 -6.36 -8.78 -1.24
CA PRO A 81 -5.52 -9.51 -2.19
C PRO A 81 -4.72 -8.55 -3.08
N LYS A 82 -3.47 -8.90 -3.37
CA LYS A 82 -2.54 -8.00 -4.07
C LYS A 82 -3.11 -7.55 -5.42
N GLU A 83 -3.97 -8.39 -6.00
CA GLU A 83 -4.63 -8.07 -7.26
C GLU A 83 -5.56 -6.86 -7.08
N GLN A 84 -6.37 -6.93 -6.04
CA GLN A 84 -7.37 -5.89 -5.77
C GLN A 84 -6.70 -4.65 -5.18
N VAL A 85 -5.60 -4.86 -4.46
CA VAL A 85 -4.78 -3.75 -3.98
C VAL A 85 -4.18 -3.01 -5.18
N ASP A 86 -3.78 -3.79 -6.18
CA ASP A 86 -3.30 -3.24 -7.44
C ASP A 86 -4.39 -2.38 -8.09
N ALA A 87 -5.60 -2.95 -8.16
CA ALA A 87 -6.76 -2.21 -8.67
C ALA A 87 -6.91 -0.87 -7.95
N PHE A 88 -6.82 -0.92 -6.62
CA PHE A 88 -7.03 0.25 -5.78
C PHE A 88 -5.92 1.29 -6.00
N VAL A 89 -4.67 0.85 -6.03
CA VAL A 89 -3.55 1.76 -6.19
C VAL A 89 -3.60 2.44 -7.56
N LYS A 90 -4.05 1.70 -8.57
CA LYS A 90 -4.22 2.24 -9.91
C LYS A 90 -5.37 3.25 -9.94
N TYR A 91 -6.43 2.96 -9.18
CA TYR A 91 -7.52 3.93 -9.01
C TYR A 91 -6.97 5.20 -8.37
N LEU A 92 -6.09 5.02 -7.39
CA LEU A 92 -5.48 6.13 -6.69
C LEU A 92 -4.61 6.96 -7.62
N HIS A 93 -3.92 6.27 -8.54
CA HIS A 93 -3.11 6.95 -9.56
C HIS A 93 -3.99 7.87 -10.40
N LYS A 94 -5.26 7.51 -10.53
CA LYS A 94 -6.25 8.35 -11.21
C LYS A 94 -6.73 9.45 -10.26
N GLY A 95 -6.87 9.09 -8.99
CA GLY A 95 -7.31 10.03 -7.97
C GLY A 95 -8.81 10.23 -7.99
N SER A 96 -9.23 11.44 -8.26
CA SER A 96 -10.65 11.78 -8.33
C SER A 96 -10.93 12.47 -9.68
N PRO A 97 -12.11 12.23 -10.28
CA PRO A 97 -12.51 12.92 -11.50
C PRO A 97 -12.71 14.42 -11.27
N LYS A 98 -12.80 14.80 -9.99
CA LYS A 98 -12.99 16.20 -9.61
C LYS A 98 -11.66 16.85 -9.24
N SER A 99 -10.72 16.04 -8.78
CA SER A 99 -9.43 16.53 -8.29
C SER A 99 -8.29 15.58 -8.69
N VAL A 100 -7.24 16.14 -9.28
CA VAL A 100 -6.11 15.37 -9.74
C VAL A 100 -5.11 15.19 -8.60
N VAL A 101 -4.35 14.11 -8.64
CA VAL A 101 -3.34 13.84 -7.63
C VAL A 101 -2.09 14.68 -7.87
N LYS A 102 -1.60 15.34 -6.82
CA LYS A 102 -0.35 16.08 -6.88
C LYS A 102 0.80 15.09 -6.79
N LYS A 103 0.73 14.22 -5.79
CA LYS A 103 1.63 13.09 -5.67
C LYS A 103 1.05 12.07 -4.69
N VAL A 104 1.35 10.80 -4.92
CA VAL A 104 0.84 9.71 -4.09
C VAL A 104 1.99 9.00 -3.38
N SER A 105 1.75 8.57 -2.16
CA SER A 105 2.76 7.93 -1.32
C SER A 105 2.16 6.68 -0.68
N ILE A 106 2.83 5.54 -0.84
CA ILE A 106 2.36 4.28 -0.27
C ILE A 106 3.38 3.75 0.74
N HIS A 107 2.92 2.92 1.69
CA HIS A 107 3.82 2.36 2.71
C HIS A 107 3.50 0.87 2.95
N ALA A 108 4.55 0.10 3.22
CA ALA A 108 4.51 -1.38 3.27
C ALA A 108 3.77 -1.96 4.49
N SER A 109 3.13 -1.13 5.31
CA SER A 109 2.63 -1.57 6.62
C SER A 109 1.63 -2.73 6.51
N SER A 110 1.83 -3.75 7.35
CA SER A 110 1.06 -4.99 7.31
C SER A 110 -0.40 -4.79 7.77
N ARG A 111 -1.18 -5.88 7.74
CA ARG A 111 -2.62 -5.85 7.99
C ARG A 111 -2.95 -5.15 9.32
N VAL A 112 -3.99 -4.33 9.29
CA VAL A 112 -4.41 -3.53 10.45
C VAL A 112 -5.93 -3.64 10.66
N ASP A 113 -6.41 -3.02 11.73
CA ASP A 113 -7.85 -2.95 12.00
C ASP A 113 -8.52 -2.00 10.99
N ALA A 114 -9.53 -2.51 10.30
CA ALA A 114 -10.24 -1.73 9.29
C ALA A 114 -11.32 -0.86 9.94
N ASP A 115 -11.75 0.17 9.22
CA ASP A 115 -12.78 1.09 9.69
C ASP A 115 -13.73 1.47 8.54
N GLY A 116 -13.13 1.92 7.44
CA GLY A 116 -13.92 2.34 6.29
C GLY A 116 -13.23 3.41 5.47
N PHE A 117 -13.35 3.32 4.14
CA PHE A 117 -12.79 4.32 3.25
C PHE A 117 -13.79 5.46 3.08
N GLU A 118 -13.45 6.65 3.57
CA GLU A 118 -14.32 7.80 3.39
C GLU A 118 -13.52 9.10 3.50
N ILE A 119 -14.15 10.21 3.15
CA ILE A 119 -13.47 11.49 3.26
C ILE A 119 -13.97 12.24 4.49
N ARG A 120 -13.33 11.95 5.61
CA ARG A 120 -13.60 12.62 6.87
C ARG A 120 -12.74 13.88 6.98
N ARG A 121 -13.30 14.93 7.57
CA ARG A 121 -12.59 16.19 7.75
C ARG A 121 -12.79 16.72 9.16
N MET A 1 60.65 -36.55 -30.66
CA MET A 1 61.38 -35.27 -30.77
C MET A 1 61.41 -34.56 -29.43
N ALA A 2 62.56 -34.00 -29.06
CA ALA A 2 62.71 -33.28 -27.81
C ALA A 2 63.23 -31.87 -28.07
N HIS A 3 62.58 -30.88 -27.48
CA HIS A 3 63.03 -29.49 -27.56
C HIS A 3 63.40 -29.00 -26.16
N HIS A 4 64.69 -29.04 -25.86
CA HIS A 4 65.19 -28.72 -24.52
C HIS A 4 64.99 -27.24 -24.19
N HIS A 5 64.60 -26.98 -22.94
CA HIS A 5 64.45 -25.63 -22.40
C HIS A 5 64.52 -25.71 -20.88
N HIS A 6 64.64 -24.57 -20.22
CA HIS A 6 64.78 -24.55 -18.76
C HIS A 6 63.82 -23.56 -18.12
N HIS A 7 63.23 -23.97 -16.99
CA HIS A 7 62.37 -23.11 -16.19
C HIS A 7 62.71 -23.29 -14.71
N HIS A 8 63.22 -22.24 -14.08
CA HIS A 8 63.65 -22.29 -12.69
C HIS A 8 62.46 -22.50 -11.75
N MET A 9 62.73 -23.05 -10.56
CA MET A 9 61.70 -23.27 -9.54
C MET A 9 60.94 -21.97 -9.24
N GLY A 10 59.67 -21.93 -9.62
CA GLY A 10 58.83 -20.78 -9.35
C GLY A 10 57.37 -21.17 -9.34
N THR A 11 57.09 -22.32 -8.73
CA THR A 11 55.75 -22.89 -8.70
C THR A 11 55.16 -22.86 -7.30
N LEU A 12 53.83 -22.80 -7.23
CA LEU A 12 53.11 -22.86 -5.97
C LEU A 12 52.00 -23.90 -6.07
N GLU A 13 51.45 -24.32 -4.93
CA GLU A 13 50.40 -25.33 -4.92
C GLU A 13 49.33 -24.96 -3.88
N ALA A 14 48.08 -25.17 -4.23
CA ALA A 14 46.96 -24.84 -3.36
C ALA A 14 46.97 -25.70 -2.11
N GLN A 15 47.28 -25.09 -0.97
CA GLN A 15 47.37 -25.80 0.31
C GLN A 15 46.06 -25.74 1.06
N THR A 16 45.07 -25.38 0.31
CA THR A 16 43.70 -25.23 0.79
C THR A 16 42.72 -25.41 -0.37
N GLN A 17 41.44 -25.17 -0.12
CA GLN A 17 40.40 -25.33 -1.12
C GLN A 17 39.30 -24.29 -0.90
N GLY A 18 38.26 -24.36 -1.74
CA GLY A 18 37.11 -23.52 -1.55
C GLY A 18 36.42 -23.79 -0.22
N PRO A 19 36.22 -22.76 0.62
CA PRO A 19 35.67 -22.93 1.98
C PRO A 19 34.16 -23.15 1.99
N GLY A 20 33.58 -23.33 0.80
CA GLY A 20 32.15 -23.57 0.69
C GLY A 20 31.77 -24.98 1.11
N SER A 21 31.48 -25.83 0.12
CA SER A 21 31.05 -27.21 0.34
C SER A 21 29.96 -27.31 1.41
N MET A 22 29.11 -26.30 1.47
CA MET A 22 28.00 -26.24 2.42
C MET A 22 26.75 -25.75 1.71
N GLN A 23 25.62 -26.41 1.98
CA GLN A 23 24.34 -26.05 1.38
C GLN A 23 23.41 -25.44 2.44
N GLY A 24 22.21 -25.06 2.02
CA GLY A 24 21.25 -24.46 2.94
C GLY A 24 19.90 -24.23 2.28
N SER A 25 19.06 -25.26 2.31
CA SER A 25 17.69 -25.15 1.80
C SER A 25 16.83 -24.33 2.75
N MET A 26 15.81 -23.66 2.21
CA MET A 26 14.95 -22.79 3.00
C MET A 26 13.47 -23.11 2.77
N PRO A 27 12.67 -23.15 3.85
CA PRO A 27 11.21 -23.32 3.76
C PRO A 27 10.53 -22.06 3.20
N SER A 28 9.20 -22.06 3.16
CA SER A 28 8.45 -20.92 2.66
C SER A 28 7.10 -20.79 3.37
N SER A 29 6.53 -19.60 3.31
CA SER A 29 5.24 -19.30 3.93
C SER A 29 4.70 -17.97 3.40
N SER A 30 3.69 -18.04 2.54
CA SER A 30 3.11 -16.85 1.94
C SER A 30 2.08 -16.20 2.87
N GLU A 31 2.11 -14.87 2.95
CA GLU A 31 1.15 -14.12 3.76
C GLU A 31 -0.27 -14.26 3.21
N ASP A 32 -1.25 -14.31 4.09
CA ASP A 32 -2.63 -14.60 3.72
C ASP A 32 -3.34 -13.37 3.17
N VAL A 33 -2.96 -12.19 3.65
CA VAL A 33 -3.58 -10.94 3.23
C VAL A 33 -2.50 -9.88 2.97
N THR A 34 -2.67 -9.13 1.89
CA THR A 34 -1.76 -8.03 1.55
C THR A 34 -2.30 -6.74 2.12
N THR A 35 -1.43 -5.87 2.63
CA THR A 35 -1.84 -4.59 3.18
C THR A 35 -0.81 -3.51 2.86
N LEU A 36 -1.30 -2.35 2.48
CA LEU A 36 -0.46 -1.19 2.20
C LEU A 36 -1.17 0.07 2.65
N CYS A 37 -0.42 1.01 3.21
CA CYS A 37 -0.98 2.29 3.64
C CYS A 37 -0.85 3.29 2.50
N TYR A 38 -1.90 4.06 2.26
CA TYR A 38 -1.98 5.00 1.14
C TYR A 38 -1.95 6.44 1.62
N ARG A 39 -1.24 7.28 0.87
CA ARG A 39 -1.22 8.71 1.11
C ARG A 39 -1.01 9.45 -0.19
N VAL A 40 -2.03 10.15 -0.67
CA VAL A 40 -1.92 10.91 -1.91
C VAL A 40 -1.88 12.39 -1.59
N THR A 41 -1.15 13.13 -2.41
CA THR A 41 -1.07 14.58 -2.28
C THR A 41 -1.65 15.22 -3.54
N GLY A 42 -2.73 15.98 -3.37
CA GLY A 42 -3.42 16.53 -4.52
C GLY A 42 -4.23 17.77 -4.19
N LYS A 43 -4.84 18.32 -5.22
CA LYS A 43 -5.67 19.51 -5.12
C LYS A 43 -7.15 19.12 -5.07
N VAL A 44 -7.65 18.88 -3.87
CA VAL A 44 -9.04 18.46 -3.70
C VAL A 44 -9.98 19.68 -3.74
N GLN A 45 -10.53 19.96 -4.91
CA GLN A 45 -11.51 21.03 -5.06
C GLN A 45 -12.88 20.51 -4.65
N GLY A 46 -13.12 20.52 -3.34
CA GLY A 46 -14.34 19.98 -2.78
C GLY A 46 -14.05 18.81 -1.86
N VAL A 47 -14.43 17.61 -2.29
CA VAL A 47 -14.16 16.39 -1.52
C VAL A 47 -13.72 15.25 -2.44
N PHE A 48 -12.93 14.33 -1.90
CA PHE A 48 -12.53 13.13 -2.61
C PHE A 48 -13.75 12.22 -2.77
N PHE A 49 -14.16 12.02 -4.02
CA PHE A 49 -15.45 11.37 -4.33
C PHE A 49 -15.62 10.02 -3.65
N ARG A 50 -16.32 10.04 -2.51
CA ARG A 50 -16.70 8.83 -1.78
C ARG A 50 -17.46 7.86 -2.67
N LYS A 51 -18.17 8.40 -3.65
CA LYS A 51 -18.96 7.58 -4.57
C LYS A 51 -18.07 6.60 -5.32
N TYR A 52 -17.00 7.13 -5.91
CA TYR A 52 -16.08 6.32 -6.71
C TYR A 52 -15.17 5.50 -5.80
N THR A 53 -14.83 6.07 -4.64
CA THR A 53 -14.04 5.34 -3.64
C THR A 53 -14.80 4.09 -3.19
N LYS A 54 -16.08 4.28 -2.86
CA LYS A 54 -16.95 3.19 -2.44
C LYS A 54 -17.10 2.18 -3.56
N LYS A 55 -17.40 2.68 -4.76
CA LYS A 55 -17.55 1.81 -5.93
C LYS A 55 -16.33 0.90 -6.09
N GLU A 56 -15.15 1.50 -6.08
CA GLU A 56 -13.91 0.79 -6.33
C GLU A 56 -13.67 -0.26 -5.25
N ALA A 57 -13.60 0.20 -4.00
CA ALA A 57 -13.27 -0.66 -2.87
C ALA A 57 -14.34 -1.74 -2.67
N ASP A 58 -15.60 -1.35 -2.74
CA ASP A 58 -16.72 -2.28 -2.52
C ASP A 58 -16.78 -3.33 -3.62
N ALA A 59 -16.50 -2.91 -4.86
CA ALA A 59 -16.52 -3.83 -5.99
C ALA A 59 -15.37 -4.85 -5.93
N LEU A 60 -14.16 -4.34 -5.64
CA LEU A 60 -12.95 -5.18 -5.66
C LEU A 60 -12.65 -5.78 -4.28
N SER A 61 -13.43 -5.40 -3.27
CA SER A 61 -13.30 -5.94 -1.92
C SER A 61 -12.00 -5.50 -1.24
N LEU A 62 -11.72 -4.20 -1.28
CA LEU A 62 -10.65 -3.62 -0.47
C LEU A 62 -11.26 -3.02 0.78
N VAL A 63 -10.66 -3.31 1.94
CA VAL A 63 -11.11 -2.73 3.20
C VAL A 63 -9.96 -1.99 3.87
N GLY A 64 -10.25 -1.28 4.95
CA GLY A 64 -9.25 -0.48 5.63
C GLY A 64 -9.85 0.81 6.16
N TYR A 65 -9.31 1.95 5.72
CA TYR A 65 -9.87 3.25 6.12
C TYR A 65 -9.31 4.38 5.27
N VAL A 66 -10.10 5.44 5.08
CA VAL A 66 -9.67 6.63 4.32
C VAL A 66 -10.13 7.91 5.01
N THR A 67 -9.31 8.97 4.89
CA THR A 67 -9.61 10.29 5.42
C THR A 67 -8.83 11.34 4.63
N ASN A 68 -9.24 12.61 4.72
CA ASN A 68 -8.63 13.67 3.91
C ASN A 68 -8.08 14.77 4.81
N ASN A 69 -6.76 14.95 4.79
CA ASN A 69 -6.11 16.02 5.55
C ASN A 69 -6.55 17.38 5.01
N GLU A 70 -6.59 18.37 5.90
CA GLU A 70 -7.11 19.70 5.58
C GLU A 70 -6.48 20.28 4.31
N ASP A 71 -5.18 20.04 4.14
CA ASP A 71 -4.40 20.65 3.05
C ASP A 71 -4.78 20.07 1.70
N GLY A 72 -5.39 18.89 1.71
CA GLY A 72 -5.79 18.26 0.46
C GLY A 72 -5.31 16.83 0.34
N SER A 73 -4.19 16.52 1.01
CA SER A 73 -3.64 15.17 0.97
C SER A 73 -4.60 14.16 1.60
N VAL A 74 -4.85 13.05 0.90
CA VAL A 74 -5.73 12.00 1.40
C VAL A 74 -4.90 10.84 1.92
N SER A 75 -5.23 10.34 3.10
CA SER A 75 -4.47 9.26 3.72
C SER A 75 -5.40 8.15 4.19
N GLY A 76 -4.87 6.93 4.25
CA GLY A 76 -5.65 5.79 4.69
C GLY A 76 -4.87 4.50 4.56
N VAL A 77 -5.57 3.38 4.69
CA VAL A 77 -4.94 2.06 4.59
C VAL A 77 -5.85 1.10 3.82
N VAL A 78 -5.25 0.30 2.94
CA VAL A 78 -5.95 -0.74 2.18
C VAL A 78 -5.41 -2.11 2.57
N GLN A 79 -6.31 -3.07 2.73
CA GLN A 79 -5.95 -4.44 3.08
C GLN A 79 -6.87 -5.42 2.34
N GLY A 80 -6.26 -6.37 1.64
CA GLY A 80 -7.00 -7.37 0.88
C GLY A 80 -6.09 -8.16 -0.02
N PRO A 81 -6.54 -8.54 -1.23
CA PRO A 81 -5.72 -9.26 -2.20
C PRO A 81 -4.77 -8.31 -2.94
N LYS A 82 -3.49 -8.68 -2.98
CA LYS A 82 -2.46 -7.83 -3.59
C LYS A 82 -2.85 -7.29 -4.97
N GLU A 83 -3.60 -8.08 -5.74
CA GLU A 83 -4.00 -7.66 -7.08
C GLU A 83 -5.04 -6.54 -7.04
N GLN A 84 -6.02 -6.68 -6.16
CA GLN A 84 -7.05 -5.66 -5.98
C GLN A 84 -6.45 -4.42 -5.29
N VAL A 85 -5.49 -4.64 -4.38
CA VAL A 85 -4.74 -3.56 -3.77
C VAL A 85 -4.02 -2.75 -4.85
N ASP A 86 -3.39 -3.48 -5.78
CA ASP A 86 -2.76 -2.87 -6.95
C ASP A 86 -3.78 -2.03 -7.71
N ALA A 87 -4.94 -2.63 -7.98
CA ALA A 87 -6.03 -1.95 -8.66
C ALA A 87 -6.39 -0.64 -7.95
N PHE A 88 -6.36 -0.68 -6.62
CA PHE A 88 -6.70 0.49 -5.81
C PHE A 88 -5.61 1.55 -5.94
N VAL A 89 -4.36 1.10 -6.06
CA VAL A 89 -3.23 2.01 -6.32
C VAL A 89 -3.46 2.74 -7.64
N LYS A 90 -3.89 1.99 -8.66
CA LYS A 90 -4.20 2.56 -9.96
C LYS A 90 -5.36 3.56 -9.85
N TYR A 91 -6.34 3.22 -9.01
CA TYR A 91 -7.46 4.13 -8.74
C TYR A 91 -6.93 5.43 -8.14
N LEU A 92 -6.01 5.29 -7.20
CA LEU A 92 -5.38 6.44 -6.56
C LEU A 92 -4.61 7.27 -7.58
N HIS A 93 -4.00 6.59 -8.55
CA HIS A 93 -3.27 7.26 -9.63
C HIS A 93 -4.23 7.94 -10.61
N LYS A 94 -5.48 7.47 -10.63
CA LYS A 94 -6.52 8.10 -11.44
C LYS A 94 -7.12 9.31 -10.71
N GLY A 95 -7.19 9.20 -9.38
CA GLY A 95 -7.73 10.27 -8.56
C GLY A 95 -9.23 10.42 -8.73
N SER A 96 -9.68 11.65 -8.94
CA SER A 96 -11.10 11.93 -9.09
C SER A 96 -11.29 13.29 -9.77
N PRO A 97 -12.39 13.44 -10.56
CA PRO A 97 -12.65 14.63 -11.41
C PRO A 97 -12.21 15.97 -10.80
N LYS A 98 -12.71 16.27 -9.59
CA LYS A 98 -12.50 17.60 -8.98
C LYS A 98 -11.37 17.56 -7.95
N SER A 99 -10.56 16.51 -7.97
CA SER A 99 -9.41 16.40 -7.09
C SER A 99 -8.15 16.17 -7.94
N VAL A 100 -7.47 17.25 -8.29
CA VAL A 100 -6.31 17.18 -9.16
C VAL A 100 -5.09 16.68 -8.38
N VAL A 101 -4.92 15.37 -8.40
CA VAL A 101 -3.85 14.71 -7.67
C VAL A 101 -2.49 15.04 -8.28
N LYS A 102 -1.48 15.18 -7.42
CA LYS A 102 -0.12 15.52 -7.84
C LYS A 102 0.79 14.30 -7.74
N LYS A 103 0.87 13.74 -6.53
CA LYS A 103 1.76 12.60 -6.27
C LYS A 103 1.15 11.66 -5.23
N VAL A 104 1.09 10.38 -5.56
CA VAL A 104 0.59 9.36 -4.65
C VAL A 104 1.77 8.67 -3.95
N SER A 105 1.56 8.23 -2.71
CA SER A 105 2.61 7.62 -1.92
C SER A 105 2.04 6.42 -1.17
N ILE A 106 2.67 5.26 -1.32
CA ILE A 106 2.23 4.05 -0.66
C ILE A 106 3.27 3.61 0.38
N HIS A 107 2.83 2.91 1.43
CA HIS A 107 3.70 2.53 2.54
C HIS A 107 3.51 1.05 2.90
N ALA A 108 4.59 0.45 3.37
CA ALA A 108 4.72 -1.01 3.57
C ALA A 108 3.88 -1.59 4.72
N SER A 109 3.03 -0.78 5.35
CA SER A 109 2.41 -1.15 6.63
C SER A 109 1.58 -2.44 6.53
N SER A 110 1.70 -3.27 7.57
CA SER A 110 1.09 -4.58 7.64
C SER A 110 -0.42 -4.52 7.90
N ARG A 111 -1.06 -5.69 7.93
CA ARG A 111 -2.52 -5.78 8.09
C ARG A 111 -2.98 -5.06 9.37
N VAL A 112 -4.15 -4.42 9.27
CA VAL A 112 -4.65 -3.53 10.32
C VAL A 112 -6.14 -3.79 10.59
N ASP A 113 -6.69 -3.09 11.58
CA ASP A 113 -8.12 -3.10 11.84
C ASP A 113 -8.81 -2.09 10.93
N ALA A 114 -9.76 -2.57 10.12
CA ALA A 114 -10.50 -1.70 9.21
C ALA A 114 -11.39 -0.73 9.98
N ASP A 115 -11.25 0.56 9.69
CA ASP A 115 -12.02 1.61 10.37
C ASP A 115 -13.17 2.07 9.49
N GLY A 116 -12.87 2.38 8.23
CA GLY A 116 -13.87 2.87 7.31
C GLY A 116 -13.33 3.91 6.34
N PHE A 117 -13.82 3.88 5.11
CA PHE A 117 -13.44 4.88 4.12
C PHE A 117 -14.41 6.06 4.21
N GLU A 118 -13.92 7.22 4.64
CA GLU A 118 -14.77 8.40 4.73
C GLU A 118 -13.92 9.66 4.84
N ILE A 119 -14.28 10.66 4.05
CA ILE A 119 -13.49 11.89 3.97
C ILE A 119 -13.66 12.71 5.24
N ARG A 120 -12.84 12.40 6.24
CA ARG A 120 -12.82 13.13 7.49
C ARG A 120 -11.94 14.36 7.37
N ARG A 121 -12.38 15.43 7.98
CA ARG A 121 -11.67 16.70 7.96
C ARG A 121 -11.83 17.42 9.30
N MET A 1 14.45 37.56 -40.37
CA MET A 1 15.34 36.43 -40.00
C MET A 1 15.19 36.09 -38.52
N ALA A 2 14.06 36.46 -37.93
CA ALA A 2 13.83 36.26 -36.50
C ALA A 2 13.68 34.76 -36.17
N HIS A 3 14.73 34.19 -35.59
CA HIS A 3 14.70 32.81 -35.11
C HIS A 3 15.20 32.77 -33.66
N HIS A 4 14.28 32.94 -32.72
CA HIS A 4 14.61 32.91 -31.29
C HIS A 4 15.37 31.62 -30.97
N HIS A 5 16.62 31.77 -30.56
CA HIS A 5 17.53 30.64 -30.38
C HIS A 5 18.36 30.82 -29.11
N HIS A 6 18.60 29.72 -28.40
CA HIS A 6 19.38 29.75 -27.17
C HIS A 6 20.80 29.26 -27.44
N HIS A 7 21.77 29.88 -26.75
CA HIS A 7 23.17 29.49 -26.88
C HIS A 7 23.78 29.31 -25.49
N HIS A 8 24.34 28.13 -25.22
CA HIS A 8 24.92 27.83 -23.91
C HIS A 8 26.44 28.05 -23.88
N MET A 9 26.95 28.38 -22.71
CA MET A 9 28.38 28.41 -22.43
C MET A 9 28.59 27.86 -21.03
N GLY A 10 29.54 26.95 -20.87
CA GLY A 10 29.78 26.33 -19.57
C GLY A 10 31.20 25.86 -19.38
N THR A 11 31.51 25.40 -18.17
CA THR A 11 32.84 24.93 -17.83
C THR A 11 33.06 23.51 -18.37
N LEU A 12 34.14 23.32 -19.13
CA LEU A 12 34.46 22.01 -19.70
C LEU A 12 35.08 21.11 -18.63
N GLU A 13 35.44 21.70 -17.50
CA GLU A 13 36.09 20.99 -16.41
C GLU A 13 35.07 20.40 -15.45
N ALA A 14 35.52 19.44 -14.64
CA ALA A 14 34.68 18.81 -13.62
C ALA A 14 35.54 18.45 -12.41
N GLN A 15 35.02 18.73 -11.22
CA GLN A 15 35.75 18.45 -9.97
C GLN A 15 35.82 16.94 -9.71
N THR A 16 36.76 16.54 -8.87
CA THR A 16 36.90 15.15 -8.49
C THR A 16 35.70 14.70 -7.66
N GLN A 17 34.91 13.79 -8.23
CA GLN A 17 33.68 13.33 -7.59
C GLN A 17 33.98 12.12 -6.71
N GLY A 18 32.95 11.62 -6.02
CA GLY A 18 33.10 10.48 -5.15
C GLY A 18 33.14 9.16 -5.91
N PRO A 19 33.35 8.03 -5.20
CA PRO A 19 33.42 6.72 -5.83
C PRO A 19 32.06 6.24 -6.35
N GLY A 20 30.98 6.82 -5.81
CA GLY A 20 29.64 6.44 -6.23
C GLY A 20 28.89 5.74 -5.10
N SER A 21 28.36 4.55 -5.41
CA SER A 21 27.56 3.80 -4.45
C SER A 21 27.45 2.34 -4.88
N MET A 22 26.61 1.57 -4.18
CA MET A 22 26.40 0.15 -4.46
C MET A 22 24.91 -0.12 -4.66
N GLN A 23 24.59 -1.16 -5.43
CA GLN A 23 23.20 -1.53 -5.68
C GLN A 23 22.59 -2.16 -4.42
N GLY A 24 21.56 -1.50 -3.88
CA GLY A 24 20.87 -2.00 -2.72
C GLY A 24 19.98 -3.20 -3.04
N SER A 25 19.42 -3.82 -2.01
CA SER A 25 18.55 -4.98 -2.18
C SER A 25 17.31 -4.84 -1.30
N MET A 26 16.38 -5.79 -1.42
CA MET A 26 15.14 -5.76 -0.65
C MET A 26 14.60 -7.18 -0.45
N PRO A 27 14.17 -7.51 0.79
CA PRO A 27 13.62 -8.84 1.12
C PRO A 27 12.20 -9.03 0.60
N SER A 28 11.86 -10.27 0.26
CA SER A 28 10.53 -10.61 -0.23
C SER A 28 9.58 -10.92 0.94
N SER A 29 8.64 -10.02 1.20
CA SER A 29 7.67 -10.19 2.27
C SER A 29 6.34 -10.67 1.69
N SER A 30 6.10 -11.98 1.77
CA SER A 30 4.89 -12.59 1.23
C SER A 30 3.71 -12.38 2.18
N GLU A 31 3.22 -11.14 2.22
CA GLU A 31 2.09 -10.79 3.07
C GLU A 31 0.81 -11.40 2.50
N ASP A 32 0.23 -12.35 3.24
CA ASP A 32 -0.92 -13.13 2.76
C ASP A 32 -2.17 -12.25 2.67
N VAL A 33 -2.27 -11.27 3.57
CA VAL A 33 -3.27 -10.22 3.46
C VAL A 33 -2.54 -8.92 3.21
N THR A 34 -2.47 -8.53 1.96
CA THR A 34 -1.61 -7.45 1.53
C THR A 34 -2.19 -6.12 1.92
N THR A 35 -1.53 -5.46 2.86
CA THR A 35 -1.96 -4.19 3.37
C THR A 35 -0.96 -3.11 3.01
N LEU A 36 -1.46 -1.99 2.52
CA LEU A 36 -0.61 -0.86 2.15
C LEU A 36 -1.28 0.43 2.58
N CYS A 37 -0.51 1.30 3.23
CA CYS A 37 -1.02 2.60 3.65
C CYS A 37 -0.84 3.61 2.53
N TYR A 38 -1.89 4.38 2.26
CA TYR A 38 -1.89 5.33 1.15
C TYR A 38 -1.89 6.76 1.66
N ARG A 39 -1.28 7.63 0.88
CA ARG A 39 -1.34 9.07 1.10
C ARG A 39 -1.18 9.79 -0.23
N VAL A 40 -2.24 10.47 -0.67
CA VAL A 40 -2.18 11.26 -1.89
C VAL A 40 -2.39 12.72 -1.56
N THR A 41 -1.59 13.57 -2.17
CA THR A 41 -1.71 15.00 -1.99
C THR A 41 -2.39 15.61 -3.20
N GLY A 42 -3.09 16.72 -3.01
CA GLY A 42 -3.76 17.38 -4.12
C GLY A 42 -3.07 18.68 -4.50
N LYS A 43 -3.26 19.11 -5.75
CA LYS A 43 -2.70 20.37 -6.21
C LYS A 43 -3.32 21.53 -5.44
N VAL A 44 -4.64 21.52 -5.38
CA VAL A 44 -5.39 22.48 -4.57
C VAL A 44 -6.29 21.73 -3.59
N GLN A 45 -5.73 21.40 -2.42
CA GLN A 45 -6.44 20.64 -1.38
C GLN A 45 -6.69 19.19 -1.83
N GLY A 46 -7.29 18.41 -0.96
CA GLY A 46 -7.51 16.99 -1.23
C GLY A 46 -8.98 16.63 -1.32
N VAL A 47 -9.66 17.21 -2.30
CA VAL A 47 -11.06 16.89 -2.55
C VAL A 47 -11.18 15.59 -3.36
N PHE A 48 -11.07 14.47 -2.66
CA PHE A 48 -11.01 13.15 -3.30
C PHE A 48 -12.41 12.54 -3.39
N PHE A 49 -12.73 11.98 -4.56
CA PHE A 49 -14.04 11.37 -4.82
C PHE A 49 -14.30 10.13 -3.96
N ARG A 50 -14.77 10.39 -2.73
CA ARG A 50 -15.08 9.36 -1.74
C ARG A 50 -15.99 8.27 -2.31
N LYS A 51 -16.97 8.68 -3.11
CA LYS A 51 -17.96 7.74 -3.66
C LYS A 51 -17.29 6.68 -4.53
N TYR A 52 -16.58 7.14 -5.56
CA TYR A 52 -15.93 6.24 -6.50
C TYR A 52 -14.84 5.44 -5.80
N THR A 53 -14.22 6.03 -4.78
CA THR A 53 -13.27 5.30 -3.95
C THR A 53 -13.95 4.08 -3.33
N LYS A 54 -15.09 4.31 -2.70
CA LYS A 54 -15.86 3.26 -2.05
C LYS A 54 -16.38 2.27 -3.09
N LYS A 55 -16.69 2.76 -4.29
CA LYS A 55 -17.22 1.92 -5.34
C LYS A 55 -16.17 0.91 -5.81
N GLU A 56 -14.96 1.42 -6.09
CA GLU A 56 -13.82 0.57 -6.46
C GLU A 56 -13.59 -0.48 -5.36
N ALA A 57 -13.44 0.01 -4.13
CA ALA A 57 -13.18 -0.84 -2.98
C ALA A 57 -14.28 -1.89 -2.81
N ASP A 58 -15.53 -1.46 -2.89
CA ASP A 58 -16.69 -2.34 -2.72
C ASP A 58 -16.78 -3.36 -3.85
N ALA A 59 -16.35 -2.94 -5.04
CA ALA A 59 -16.41 -3.80 -6.22
C ALA A 59 -15.40 -4.95 -6.12
N LEU A 60 -14.17 -4.62 -5.76
CA LEU A 60 -13.11 -5.63 -5.67
C LEU A 60 -12.87 -6.12 -4.24
N SER A 61 -13.71 -5.63 -3.31
CA SER A 61 -13.74 -6.13 -1.94
C SER A 61 -12.46 -5.77 -1.17
N LEU A 62 -11.93 -4.57 -1.41
CA LEU A 62 -10.83 -4.06 -0.61
C LEU A 62 -11.39 -3.50 0.70
N VAL A 63 -10.75 -3.84 1.81
CA VAL A 63 -11.13 -3.30 3.12
C VAL A 63 -10.05 -2.34 3.59
N GLY A 64 -10.36 -1.56 4.62
CA GLY A 64 -9.42 -0.59 5.14
C GLY A 64 -10.13 0.66 5.59
N TYR A 65 -9.55 1.81 5.30
CA TYR A 65 -10.19 3.09 5.64
C TYR A 65 -9.48 4.24 4.93
N VAL A 66 -10.19 5.36 4.76
CA VAL A 66 -9.62 6.56 4.14
C VAL A 66 -10.08 7.80 4.90
N THR A 67 -9.18 8.79 5.00
CA THR A 67 -9.45 10.06 5.70
C THR A 67 -8.60 11.19 5.10
N ASN A 68 -9.00 12.42 5.34
CA ASN A 68 -8.24 13.60 4.90
C ASN A 68 -7.33 14.10 6.03
N ASN A 69 -6.26 14.80 5.66
CA ASN A 69 -5.31 15.32 6.64
C ASN A 69 -5.12 16.83 6.44
N GLU A 70 -4.62 17.48 7.48
CA GLU A 70 -4.39 18.93 7.46
C GLU A 70 -3.32 19.30 6.43
N ASP A 71 -2.61 18.28 5.93
CA ASP A 71 -1.65 18.47 4.84
C ASP A 71 -2.36 18.90 3.56
N GLY A 72 -3.68 18.72 3.54
CA GLY A 72 -4.45 18.90 2.32
C GLY A 72 -4.41 17.65 1.47
N SER A 73 -4.09 16.55 2.14
CA SER A 73 -3.93 15.26 1.49
C SER A 73 -4.99 14.28 1.99
N VAL A 74 -5.14 13.17 1.28
CA VAL A 74 -6.03 12.10 1.69
C VAL A 74 -5.21 10.84 1.96
N SER A 75 -5.21 10.40 3.20
CA SER A 75 -4.44 9.24 3.63
C SER A 75 -5.35 8.16 4.19
N GLY A 76 -4.96 6.91 4.01
CA GLY A 76 -5.74 5.80 4.50
C GLY A 76 -4.96 4.50 4.41
N VAL A 77 -5.65 3.37 4.52
CA VAL A 77 -5.03 2.06 4.43
C VAL A 77 -5.90 1.11 3.63
N VAL A 78 -5.28 0.33 2.75
CA VAL A 78 -5.98 -0.70 1.98
C VAL A 78 -5.50 -2.07 2.44
N GLN A 79 -6.41 -3.03 2.51
CA GLN A 79 -6.10 -4.36 3.01
C GLN A 79 -6.83 -5.42 2.18
N GLY A 80 -6.09 -6.38 1.63
CA GLY A 80 -6.71 -7.45 0.88
C GLY A 80 -5.70 -8.19 0.02
N PRO A 81 -6.15 -9.01 -0.95
CA PRO A 81 -5.26 -9.72 -1.88
C PRO A 81 -4.45 -8.75 -2.74
N LYS A 82 -3.15 -9.01 -2.90
CA LYS A 82 -2.22 -8.09 -3.54
C LYS A 82 -2.70 -7.70 -4.94
N GLU A 83 -3.43 -8.59 -5.59
CA GLU A 83 -3.96 -8.34 -6.94
C GLU A 83 -5.04 -7.24 -6.90
N GLN A 84 -6.02 -7.39 -6.01
CA GLN A 84 -7.06 -6.38 -5.85
C GLN A 84 -6.45 -5.09 -5.28
N VAL A 85 -5.42 -5.24 -4.47
CA VAL A 85 -4.69 -4.08 -3.94
C VAL A 85 -3.98 -3.35 -5.08
N ASP A 86 -3.42 -4.12 -6.00
CA ASP A 86 -2.81 -3.56 -7.22
C ASP A 86 -3.86 -2.84 -8.04
N ALA A 87 -5.07 -3.39 -8.06
CA ALA A 87 -6.19 -2.74 -8.71
C ALA A 87 -6.56 -1.45 -7.98
N PHE A 88 -6.43 -1.46 -6.66
CA PHE A 88 -6.74 -0.28 -5.86
C PHE A 88 -5.76 0.85 -6.18
N VAL A 89 -4.47 0.53 -6.22
CA VAL A 89 -3.44 1.51 -6.57
C VAL A 89 -3.62 1.97 -8.02
N LYS A 90 -4.06 1.03 -8.87
CA LYS A 90 -4.45 1.34 -10.25
C LYS A 90 -5.47 2.48 -10.25
N TYR A 91 -6.49 2.33 -9.42
CA TYR A 91 -7.53 3.34 -9.27
C TYR A 91 -6.94 4.66 -8.75
N LEU A 92 -6.05 4.56 -7.77
CA LEU A 92 -5.45 5.74 -7.15
C LEU A 92 -4.63 6.52 -8.18
N HIS A 93 -3.92 5.79 -9.04
CA HIS A 93 -3.09 6.38 -10.09
C HIS A 93 -3.93 7.09 -11.15
N LYS A 94 -5.25 6.93 -11.08
CA LYS A 94 -6.16 7.63 -11.99
C LYS A 94 -6.45 9.02 -11.44
N GLY A 95 -6.49 9.13 -10.11
CA GLY A 95 -6.74 10.40 -9.45
C GLY A 95 -8.17 10.89 -9.64
N SER A 96 -8.47 12.04 -9.06
CA SER A 96 -9.78 12.66 -9.18
C SER A 96 -9.95 13.29 -10.57
N PRO A 97 -11.16 13.17 -11.16
CA PRO A 97 -11.42 13.61 -12.55
C PRO A 97 -11.15 15.10 -12.77
N LYS A 98 -11.80 15.96 -11.98
CA LYS A 98 -11.71 17.40 -12.17
C LYS A 98 -10.64 18.03 -11.28
N SER A 99 -10.23 17.31 -10.26
CA SER A 99 -9.26 17.82 -9.29
C SER A 99 -7.86 17.27 -9.59
N VAL A 100 -6.89 18.16 -9.71
CA VAL A 100 -5.52 17.79 -10.02
C VAL A 100 -4.81 17.30 -8.77
N VAL A 101 -4.06 16.21 -8.95
CA VAL A 101 -3.34 15.56 -7.87
C VAL A 101 -1.90 16.09 -7.82
N LYS A 102 -1.32 16.12 -6.62
CA LYS A 102 0.04 16.59 -6.43
C LYS A 102 1.03 15.41 -6.47
N LYS A 103 0.78 14.41 -5.63
CA LYS A 103 1.68 13.26 -5.50
C LYS A 103 0.96 12.09 -4.84
N VAL A 104 1.27 10.87 -5.24
CA VAL A 104 0.74 9.68 -4.60
C VAL A 104 1.87 8.91 -3.91
N SER A 105 1.63 8.47 -2.68
CA SER A 105 2.63 7.77 -1.89
C SER A 105 2.01 6.58 -1.17
N ILE A 106 2.75 5.47 -1.12
CA ILE A 106 2.28 4.24 -0.48
C ILE A 106 3.24 3.84 0.64
N HIS A 107 2.80 2.98 1.56
CA HIS A 107 3.65 2.51 2.65
C HIS A 107 3.39 1.03 2.95
N ALA A 108 4.45 0.35 3.37
CA ALA A 108 4.47 -1.11 3.59
C ALA A 108 3.61 -1.57 4.79
N SER A 109 2.87 -0.66 5.42
CA SER A 109 2.23 -0.95 6.70
C SER A 109 1.27 -2.15 6.60
N SER A 110 1.42 -3.09 7.53
CA SER A 110 0.69 -4.36 7.53
C SER A 110 -0.74 -4.19 8.04
N ARG A 111 -1.48 -5.30 8.04
CA ARG A 111 -2.91 -5.32 8.36
C ARG A 111 -3.26 -4.52 9.62
N VAL A 112 -4.26 -3.66 9.49
CA VAL A 112 -4.71 -2.78 10.57
C VAL A 112 -6.22 -2.91 10.77
N ASP A 113 -6.74 -2.22 11.78
CA ASP A 113 -8.19 -2.16 12.00
C ASP A 113 -8.85 -1.25 10.97
N ALA A 114 -9.66 -1.84 10.11
CA ALA A 114 -10.40 -1.09 9.09
C ALA A 114 -11.66 -0.46 9.70
N ASP A 115 -12.31 0.42 8.94
CA ASP A 115 -13.58 1.01 9.39
C ASP A 115 -14.38 1.55 8.20
N GLY A 116 -13.71 2.25 7.28
CA GLY A 116 -14.41 2.80 6.13
C GLY A 116 -13.62 3.85 5.38
N PHE A 117 -13.92 4.01 4.11
CA PHE A 117 -13.27 5.00 3.26
C PHE A 117 -14.14 6.25 3.19
N GLU A 118 -13.69 7.36 3.77
CA GLU A 118 -14.44 8.61 3.70
C GLU A 118 -13.54 9.79 4.04
N ILE A 119 -13.69 10.86 3.28
CA ILE A 119 -12.84 12.03 3.45
C ILE A 119 -13.18 12.73 4.77
N ARG A 120 -12.53 12.26 5.83
CA ARG A 120 -12.71 12.81 7.17
C ARG A 120 -11.79 13.99 7.40
N ARG A 121 -12.32 15.02 8.03
CA ARG A 121 -11.57 16.23 8.30
C ARG A 121 -11.70 16.58 9.78
N MET A 1 -7.32 -97.48 -22.67
CA MET A 1 -5.87 -97.75 -22.62
C MET A 1 -5.15 -97.05 -23.77
N ALA A 2 -4.16 -96.23 -23.44
CA ALA A 2 -3.42 -95.45 -24.43
C ALA A 2 -2.42 -96.33 -25.17
N HIS A 3 -2.48 -96.30 -26.49
CA HIS A 3 -1.53 -97.03 -27.33
C HIS A 3 -0.23 -96.22 -27.44
N HIS A 4 0.77 -96.64 -26.67
CA HIS A 4 2.04 -95.91 -26.57
C HIS A 4 2.71 -95.71 -27.92
N HIS A 5 3.36 -94.55 -28.07
CA HIS A 5 4.06 -94.20 -29.30
C HIS A 5 5.04 -93.06 -28.99
N HIS A 6 5.79 -92.62 -30.00
CA HIS A 6 6.79 -91.58 -29.82
C HIS A 6 6.14 -90.25 -29.43
N HIS A 7 6.82 -89.52 -28.57
CA HIS A 7 6.34 -88.22 -28.10
C HIS A 7 7.53 -87.28 -27.90
N HIS A 8 7.70 -86.34 -28.83
CA HIS A 8 8.80 -85.40 -28.80
C HIS A 8 8.30 -83.98 -29.07
N MET A 9 8.74 -83.04 -28.24
CA MET A 9 8.30 -81.65 -28.35
C MET A 9 9.43 -80.69 -28.00
N GLY A 10 9.27 -79.43 -28.37
CA GLY A 10 10.24 -78.40 -28.05
C GLY A 10 9.66 -77.37 -27.11
N THR A 11 10.39 -77.03 -26.06
CA THR A 11 9.92 -76.06 -25.07
C THR A 11 10.43 -74.67 -25.42
N LEU A 12 9.80 -73.64 -24.84
CA LEU A 12 10.18 -72.26 -25.07
C LEU A 12 9.92 -71.44 -23.80
N GLU A 13 10.90 -70.64 -23.39
CA GLU A 13 10.79 -69.81 -22.20
C GLU A 13 11.21 -68.38 -22.49
N ALA A 14 10.47 -67.43 -21.93
CA ALA A 14 10.74 -66.01 -22.09
C ALA A 14 10.13 -65.24 -20.92
N GLN A 15 10.99 -64.67 -20.08
CA GLN A 15 10.54 -63.93 -18.91
C GLN A 15 11.40 -62.69 -18.68
N THR A 16 10.82 -61.69 -18.02
CA THR A 16 11.51 -60.44 -17.73
C THR A 16 10.78 -59.67 -16.62
N GLN A 17 11.25 -58.48 -16.30
CA GLN A 17 10.62 -57.64 -15.27
C GLN A 17 10.33 -56.25 -15.82
N GLY A 18 9.68 -55.43 -15.00
CA GLY A 18 9.39 -54.05 -15.36
C GLY A 18 9.91 -53.08 -14.31
N PRO A 19 9.97 -51.77 -14.61
CA PRO A 19 10.49 -50.76 -13.69
C PRO A 19 9.38 -50.13 -12.84
N GLY A 20 9.63 -48.91 -12.38
CA GLY A 20 8.68 -48.21 -11.53
C GLY A 20 8.82 -46.70 -11.68
N SER A 21 8.15 -45.95 -10.82
CA SER A 21 8.18 -44.48 -10.87
C SER A 21 8.03 -43.89 -9.46
N MET A 22 8.12 -42.56 -9.37
CA MET A 22 7.97 -41.85 -8.10
C MET A 22 7.30 -40.50 -8.34
N GLN A 23 6.85 -39.86 -7.27
CA GLN A 23 6.12 -38.59 -7.36
C GLN A 23 6.74 -37.55 -6.43
N GLY A 24 6.48 -36.27 -6.71
CA GLY A 24 6.98 -35.19 -5.87
C GLY A 24 5.84 -34.48 -5.15
N SER A 25 6.16 -33.33 -4.54
CA SER A 25 5.16 -32.52 -3.85
C SER A 25 5.58 -31.05 -3.84
N MET A 26 4.59 -30.15 -3.88
CA MET A 26 4.84 -28.71 -3.95
C MET A 26 4.28 -28.00 -2.72
N PRO A 27 5.09 -27.17 -2.04
CA PRO A 27 4.64 -26.40 -0.86
C PRO A 27 3.56 -25.38 -1.22
N SER A 28 2.93 -24.81 -0.20
CA SER A 28 1.87 -23.83 -0.38
C SER A 28 2.43 -22.40 -0.32
N SER A 29 1.65 -21.42 -0.78
CA SER A 29 2.05 -20.03 -0.75
C SER A 29 1.62 -19.36 0.57
N SER A 30 2.50 -18.52 1.12
CA SER A 30 2.23 -17.85 2.38
C SER A 30 1.68 -16.44 2.15
N GLU A 31 2.10 -15.82 1.04
CA GLU A 31 1.65 -14.47 0.71
C GLU A 31 0.27 -14.52 0.05
N ASP A 32 -0.76 -14.44 0.88
CA ASP A 32 -2.15 -14.41 0.39
C ASP A 32 -2.75 -13.03 0.61
N VAL A 33 -2.30 -12.37 1.66
CA VAL A 33 -2.83 -11.07 2.05
C VAL A 33 -1.78 -9.98 1.84
N THR A 34 -2.23 -8.80 1.48
CA THR A 34 -1.37 -7.64 1.31
C THR A 34 -2.03 -6.41 1.92
N THR A 35 -1.25 -5.51 2.49
CA THR A 35 -1.76 -4.29 3.08
C THR A 35 -0.81 -3.13 2.75
N LEU A 36 -1.38 -2.03 2.28
CA LEU A 36 -0.60 -0.87 1.90
C LEU A 36 -1.28 0.39 2.41
N CYS A 37 -0.51 1.29 3.00
CA CYS A 37 -1.02 2.57 3.47
C CYS A 37 -0.83 3.63 2.40
N TYR A 38 -1.89 4.39 2.12
CA TYR A 38 -1.89 5.37 1.04
C TYR A 38 -1.92 6.79 1.57
N ARG A 39 -1.35 7.70 0.80
CA ARG A 39 -1.46 9.12 1.06
C ARG A 39 -1.26 9.87 -0.26
N VAL A 40 -2.33 10.48 -0.76
CA VAL A 40 -2.26 11.26 -1.99
C VAL A 40 -2.41 12.74 -1.66
N THR A 41 -1.69 13.58 -2.39
CA THR A 41 -1.66 15.00 -2.12
C THR A 41 -2.54 15.77 -3.10
N GLY A 42 -3.46 16.57 -2.56
CA GLY A 42 -4.27 17.45 -3.40
C GLY A 42 -3.54 18.74 -3.66
N LYS A 43 -3.64 19.25 -4.89
CA LYS A 43 -2.93 20.46 -5.31
C LYS A 43 -3.32 21.63 -4.39
N VAL A 44 -4.61 21.90 -4.31
CA VAL A 44 -5.14 22.94 -3.43
C VAL A 44 -6.16 22.32 -2.47
N GLN A 45 -5.66 21.79 -1.35
CA GLN A 45 -6.47 21.08 -0.35
C GLN A 45 -7.54 20.22 -1.02
N GLY A 46 -7.09 19.40 -1.98
CA GLY A 46 -7.99 18.62 -2.81
C GLY A 46 -8.78 17.60 -2.01
N VAL A 47 -10.02 17.39 -2.44
CA VAL A 47 -10.89 16.37 -1.85
C VAL A 47 -10.77 15.07 -2.62
N PHE A 48 -11.59 14.08 -2.28
CA PHE A 48 -11.53 12.77 -2.92
C PHE A 48 -12.93 12.29 -3.28
N PHE A 49 -13.10 11.83 -4.52
CA PHE A 49 -14.40 11.39 -5.01
C PHE A 49 -14.94 10.17 -4.25
N ARG A 50 -15.75 10.44 -3.23
CA ARG A 50 -16.38 9.43 -2.39
C ARG A 50 -17.13 8.39 -3.25
N LYS A 51 -17.77 8.88 -4.30
CA LYS A 51 -18.52 8.03 -5.22
C LYS A 51 -17.66 6.87 -5.73
N TYR A 52 -16.56 7.23 -6.40
CA TYR A 52 -15.68 6.25 -7.01
C TYR A 52 -14.91 5.46 -5.96
N THR A 53 -14.65 6.09 -4.81
CA THR A 53 -13.96 5.41 -3.71
C THR A 53 -14.78 4.23 -3.22
N LYS A 54 -16.04 4.50 -2.89
CA LYS A 54 -16.94 3.48 -2.39
C LYS A 54 -17.17 2.43 -3.47
N LYS A 55 -17.44 2.88 -4.69
CA LYS A 55 -17.73 1.97 -5.80
C LYS A 55 -16.58 0.99 -6.02
N GLU A 56 -15.37 1.54 -6.14
CA GLU A 56 -14.18 0.75 -6.42
C GLU A 56 -13.90 -0.23 -5.29
N ALA A 57 -13.80 0.29 -4.07
CA ALA A 57 -13.49 -0.54 -2.91
C ALA A 57 -14.55 -1.61 -2.70
N ASP A 58 -15.81 -1.23 -2.87
CA ASP A 58 -16.93 -2.15 -2.70
C ASP A 58 -16.91 -3.25 -3.75
N ALA A 59 -16.55 -2.88 -4.98
CA ALA A 59 -16.53 -3.83 -6.09
C ALA A 59 -15.40 -4.85 -5.94
N LEU A 60 -14.20 -4.36 -5.68
CA LEU A 60 -13.03 -5.24 -5.56
C LEU A 60 -12.88 -5.77 -4.12
N SER A 61 -13.73 -5.28 -3.22
CA SER A 61 -13.82 -5.81 -1.86
C SER A 61 -12.54 -5.52 -1.05
N LEU A 62 -12.14 -4.25 -1.05
CA LEU A 62 -11.00 -3.81 -0.23
C LEU A 62 -11.50 -3.39 1.15
N VAL A 63 -10.69 -3.68 2.17
CA VAL A 63 -11.01 -3.26 3.54
C VAL A 63 -9.90 -2.34 4.05
N GLY A 64 -10.25 -1.49 5.01
CA GLY A 64 -9.28 -0.55 5.57
C GLY A 64 -9.96 0.73 6.02
N TYR A 65 -9.38 1.87 5.67
CA TYR A 65 -9.97 3.15 6.02
C TYR A 65 -9.31 4.30 5.24
N VAL A 66 -10.04 5.42 5.09
CA VAL A 66 -9.52 6.60 4.40
C VAL A 66 -9.94 7.85 5.17
N THR A 67 -9.10 8.90 5.09
CA THR A 67 -9.31 10.17 5.81
C THR A 67 -8.53 11.29 5.13
N ASN A 68 -8.88 12.54 5.41
CA ASN A 68 -8.21 13.69 4.80
C ASN A 68 -7.46 14.49 5.86
N ASN A 69 -6.24 14.90 5.54
CA ASN A 69 -5.40 15.66 6.46
C ASN A 69 -5.60 17.16 6.25
N GLU A 70 -5.21 17.96 7.24
CA GLU A 70 -5.27 19.42 7.15
C GLU A 70 -4.43 19.92 5.97
N ASP A 71 -3.44 19.10 5.58
CA ASP A 71 -2.56 19.39 4.45
C ASP A 71 -3.35 19.40 3.15
N GLY A 72 -4.54 18.80 3.16
CA GLY A 72 -5.30 18.60 1.95
C GLY A 72 -4.87 17.33 1.24
N SER A 73 -4.27 16.44 2.00
CA SER A 73 -3.81 15.15 1.48
C SER A 73 -4.70 14.03 2.02
N VAL A 74 -5.15 13.15 1.14
CA VAL A 74 -6.03 12.05 1.52
C VAL A 74 -5.20 10.81 1.86
N SER A 75 -5.24 10.39 3.11
CA SER A 75 -4.46 9.25 3.57
C SER A 75 -5.37 8.14 4.07
N GLY A 76 -4.83 6.93 4.15
CA GLY A 76 -5.60 5.79 4.63
C GLY A 76 -4.82 4.50 4.50
N VAL A 77 -5.50 3.37 4.68
CA VAL A 77 -4.87 2.05 4.58
C VAL A 77 -5.81 1.10 3.86
N VAL A 78 -5.24 0.26 2.99
CA VAL A 78 -6.02 -0.74 2.25
C VAL A 78 -5.47 -2.14 2.57
N GLN A 79 -6.36 -3.12 2.61
CA GLN A 79 -5.99 -4.50 2.94
C GLN A 79 -6.75 -5.46 2.02
N GLY A 80 -6.11 -6.58 1.68
CA GLY A 80 -6.75 -7.59 0.86
C GLY A 80 -5.76 -8.34 -0.01
N PRO A 81 -6.24 -9.16 -0.96
CA PRO A 81 -5.36 -9.88 -1.89
C PRO A 81 -4.57 -8.92 -2.77
N LYS A 82 -3.37 -9.34 -3.16
CA LYS A 82 -2.45 -8.51 -3.93
C LYS A 82 -3.13 -7.88 -5.14
N GLU A 83 -3.86 -8.69 -5.89
CA GLU A 83 -4.44 -8.24 -7.16
C GLU A 83 -5.56 -7.22 -6.94
N GLN A 84 -6.31 -7.36 -5.85
CA GLN A 84 -7.36 -6.41 -5.53
C GLN A 84 -6.76 -5.11 -5.01
N VAL A 85 -5.70 -5.23 -4.20
CA VAL A 85 -4.95 -4.05 -3.76
C VAL A 85 -4.32 -3.37 -4.96
N ASP A 86 -3.89 -4.17 -5.93
CA ASP A 86 -3.33 -3.67 -7.18
C ASP A 86 -4.41 -2.90 -7.95
N ALA A 87 -5.63 -3.42 -7.93
CA ALA A 87 -6.76 -2.73 -8.52
C ALA A 87 -6.97 -1.37 -7.85
N PHE A 88 -6.88 -1.37 -6.52
CA PHE A 88 -7.09 -0.17 -5.73
C PHE A 88 -6.00 0.88 -6.00
N VAL A 89 -4.75 0.44 -6.08
CA VAL A 89 -3.65 1.37 -6.33
C VAL A 89 -3.72 1.95 -7.75
N LYS A 90 -4.09 1.12 -8.72
CA LYS A 90 -4.32 1.60 -10.08
C LYS A 90 -5.44 2.64 -10.08
N TYR A 91 -6.46 2.38 -9.25
CA TYR A 91 -7.55 3.32 -9.04
C TYR A 91 -7.01 4.65 -8.49
N LEU A 92 -6.09 4.55 -7.54
CA LEU A 92 -5.49 5.73 -6.93
C LEU A 92 -4.67 6.51 -7.97
N HIS A 93 -4.07 5.77 -8.90
CA HIS A 93 -3.26 6.37 -9.97
C HIS A 93 -4.14 6.99 -11.06
N LYS A 94 -5.45 6.75 -10.97
CA LYS A 94 -6.39 7.39 -11.90
C LYS A 94 -6.45 8.88 -11.63
N GLY A 95 -6.54 9.24 -10.36
CA GLY A 95 -6.67 10.64 -9.97
C GLY A 95 -8.09 11.13 -10.09
N SER A 96 -8.47 12.08 -9.22
CA SER A 96 -9.81 12.65 -9.27
C SER A 96 -9.91 13.69 -10.38
N PRO A 97 -10.90 13.54 -11.29
CA PRO A 97 -11.05 14.45 -12.44
C PRO A 97 -11.22 15.92 -12.02
N LYS A 98 -11.83 16.12 -10.86
CA LYS A 98 -12.08 17.48 -10.36
C LYS A 98 -10.98 17.94 -9.40
N SER A 99 -10.33 16.97 -8.75
CA SER A 99 -9.32 17.28 -7.73
C SER A 99 -7.93 16.89 -8.24
N VAL A 100 -7.14 17.91 -8.62
CA VAL A 100 -5.79 17.70 -9.14
C VAL A 100 -4.86 17.16 -8.05
N VAL A 101 -4.15 16.08 -8.37
CA VAL A 101 -3.22 15.45 -7.45
C VAL A 101 -1.78 15.87 -7.73
N LYS A 102 -0.97 15.93 -6.68
CA LYS A 102 0.46 16.27 -6.81
C LYS A 102 1.32 15.01 -6.83
N LYS A 103 1.07 14.14 -5.86
CA LYS A 103 1.84 12.91 -5.71
C LYS A 103 1.05 11.89 -4.89
N VAL A 104 1.08 10.64 -5.31
CA VAL A 104 0.51 9.54 -4.53
C VAL A 104 1.65 8.79 -3.82
N SER A 105 1.49 8.59 -2.52
CA SER A 105 2.51 7.99 -1.69
C SER A 105 1.97 6.72 -1.04
N ILE A 106 2.75 5.65 -1.07
CA ILE A 106 2.32 4.37 -0.51
C ILE A 106 3.28 3.92 0.58
N HIS A 107 2.81 3.05 1.46
CA HIS A 107 3.64 2.49 2.52
C HIS A 107 3.36 1.00 2.72
N ALA A 108 4.37 0.32 3.24
CA ALA A 108 4.43 -1.15 3.31
C ALA A 108 3.70 -1.75 4.52
N SER A 109 3.01 -0.91 5.29
CA SER A 109 2.50 -1.31 6.60
C SER A 109 1.54 -2.50 6.51
N SER A 110 1.75 -3.47 7.40
CA SER A 110 1.01 -4.74 7.40
C SER A 110 -0.45 -4.56 7.84
N ARG A 111 -1.19 -5.67 7.83
CA ARG A 111 -2.63 -5.69 8.12
C ARG A 111 -2.98 -4.89 9.38
N VAL A 112 -4.08 -4.15 9.28
CA VAL A 112 -4.63 -3.34 10.37
C VAL A 112 -6.11 -3.66 10.55
N ASP A 113 -6.75 -3.08 11.55
CA ASP A 113 -8.19 -3.25 11.73
C ASP A 113 -8.95 -2.22 10.90
N ALA A 114 -9.80 -2.70 9.99
CA ALA A 114 -10.57 -1.82 9.12
C ALA A 114 -11.46 -0.87 9.94
N ASP A 115 -11.56 0.37 9.47
CA ASP A 115 -12.30 1.41 10.20
C ASP A 115 -13.38 2.03 9.32
N GLY A 116 -13.04 2.36 8.08
CA GLY A 116 -13.99 3.01 7.18
C GLY A 116 -13.35 4.00 6.23
N PHE A 117 -13.80 4.00 4.99
CA PHE A 117 -13.26 4.92 3.99
C PHE A 117 -14.12 6.18 3.93
N GLU A 118 -13.56 7.33 4.36
CA GLU A 118 -14.30 8.59 4.27
C GLU A 118 -13.36 9.77 4.40
N ILE A 119 -13.63 10.81 3.63
CA ILE A 119 -12.80 11.99 3.67
C ILE A 119 -13.10 12.77 4.96
N ARG A 120 -12.41 12.37 6.01
CA ARG A 120 -12.56 12.96 7.33
C ARG A 120 -11.92 14.35 7.36
N ARG A 121 -12.63 15.29 7.97
CA ARG A 121 -12.17 16.65 8.11
C ARG A 121 -12.17 17.02 9.59
N MET A 1 -2.49 -50.54 28.04
CA MET A 1 -3.96 -50.54 27.83
C MET A 1 -4.60 -49.37 28.58
N ALA A 2 -4.67 -49.48 29.90
CA ALA A 2 -5.31 -48.45 30.72
C ALA A 2 -4.25 -47.59 31.41
N HIS A 3 -4.38 -46.28 31.28
CA HIS A 3 -3.46 -45.33 31.91
C HIS A 3 -3.87 -45.09 33.36
N HIS A 4 -4.07 -46.18 34.09
CA HIS A 4 -4.56 -46.14 35.47
C HIS A 4 -3.42 -45.78 36.43
N HIS A 5 -3.03 -44.50 36.41
CA HIS A 5 -1.98 -43.98 37.28
C HIS A 5 -0.68 -44.77 37.14
N HIS A 6 -0.44 -45.28 35.94
CA HIS A 6 0.76 -46.04 35.63
C HIS A 6 1.19 -45.81 34.19
N HIS A 7 2.45 -46.09 33.91
CA HIS A 7 3.01 -46.01 32.57
C HIS A 7 4.35 -46.76 32.52
N HIS A 8 4.96 -46.83 31.34
CA HIS A 8 6.19 -47.59 31.17
C HIS A 8 7.35 -46.90 31.86
N MET A 9 7.71 -47.38 33.04
CA MET A 9 8.85 -46.87 33.79
C MET A 9 10.15 -47.38 33.17
N GLY A 10 10.59 -46.70 32.12
CA GLY A 10 11.84 -47.04 31.46
C GLY A 10 11.93 -46.47 30.06
N THR A 11 13.15 -46.43 29.53
CA THR A 11 13.39 -45.91 28.20
C THR A 11 14.72 -46.41 27.65
N LEU A 12 14.95 -46.19 26.36
CA LEU A 12 16.17 -46.64 25.69
C LEU A 12 16.98 -45.44 25.21
N GLU A 13 18.17 -45.71 24.71
CA GLU A 13 19.06 -44.68 24.18
C GLU A 13 20.02 -45.29 23.16
N ALA A 14 20.52 -44.45 22.27
CA ALA A 14 21.49 -44.89 21.26
C ALA A 14 22.38 -43.72 20.87
N GLN A 15 23.68 -43.98 20.71
CA GLN A 15 24.63 -42.94 20.30
C GLN A 15 24.51 -42.71 18.81
N THR A 16 23.70 -41.74 18.46
CA THR A 16 23.45 -41.40 17.07
C THR A 16 24.63 -40.64 16.47
N GLN A 17 25.59 -41.39 15.95
CA GLN A 17 26.78 -40.82 15.32
C GLN A 17 26.63 -40.87 13.80
N GLY A 18 26.63 -39.71 13.16
CA GLY A 18 26.38 -39.63 11.73
C GLY A 18 27.63 -39.20 10.96
N PRO A 19 27.79 -39.69 9.71
CA PRO A 19 28.94 -39.34 8.86
C PRO A 19 28.72 -38.02 8.13
N GLY A 20 27.57 -37.40 8.36
CA GLY A 20 27.23 -36.17 7.69
C GLY A 20 26.68 -36.41 6.30
N SER A 21 25.36 -36.52 6.21
CA SER A 21 24.68 -36.73 4.92
C SER A 21 23.35 -35.97 4.93
N MET A 22 23.42 -34.67 4.73
CA MET A 22 22.24 -33.81 4.69
C MET A 22 21.72 -33.71 3.25
N GLN A 23 20.56 -34.30 3.00
CA GLN A 23 19.96 -34.30 1.68
C GLN A 23 18.49 -33.89 1.76
N GLY A 24 18.03 -33.13 0.78
CA GLY A 24 16.64 -32.65 0.76
C GLY A 24 16.54 -31.18 1.10
N SER A 25 15.34 -30.72 1.43
CA SER A 25 15.09 -29.32 1.75
C SER A 25 13.65 -29.12 2.22
N MET A 26 13.34 -27.92 2.68
CA MET A 26 11.99 -27.58 3.14
C MET A 26 11.40 -26.44 2.29
N PRO A 27 10.10 -26.51 1.95
CA PRO A 27 9.41 -25.46 1.22
C PRO A 27 8.89 -24.37 2.14
N SER A 28 8.43 -23.27 1.56
CA SER A 28 7.86 -22.16 2.31
C SER A 28 6.41 -21.92 1.89
N SER A 29 5.83 -20.81 2.35
CA SER A 29 4.47 -20.43 2.00
C SER A 29 4.35 -18.90 2.04
N SER A 30 3.19 -18.37 1.64
CA SER A 30 3.00 -16.92 1.60
C SER A 30 1.53 -16.57 1.83
N GLU A 31 1.28 -15.29 2.04
CA GLU A 31 -0.06 -14.79 2.36
C GLU A 31 -0.69 -14.15 1.12
N ASP A 32 -1.96 -14.45 0.88
CA ASP A 32 -2.71 -13.87 -0.22
C ASP A 32 -3.13 -12.44 0.15
N VAL A 33 -3.22 -12.19 1.45
CA VAL A 33 -3.60 -10.88 1.97
C VAL A 33 -2.41 -9.94 1.99
N THR A 34 -2.63 -8.72 1.52
CA THR A 34 -1.60 -7.69 1.47
C THR A 34 -2.10 -6.43 2.18
N THR A 35 -1.17 -5.61 2.66
CA THR A 35 -1.54 -4.35 3.35
C THR A 35 -0.49 -3.28 3.09
N LEU A 36 -0.95 -2.10 2.67
CA LEU A 36 -0.10 -0.93 2.51
C LEU A 36 -0.91 0.33 2.80
N CYS A 37 -0.25 1.37 3.29
CA CYS A 37 -0.93 2.63 3.59
C CYS A 37 -0.86 3.57 2.38
N TYR A 38 -1.95 4.29 2.14
CA TYR A 38 -2.05 5.22 1.03
C TYR A 38 -2.14 6.65 1.53
N ARG A 39 -1.46 7.55 0.84
CA ARG A 39 -1.54 8.99 1.10
C ARG A 39 -1.31 9.76 -0.19
N VAL A 40 -2.34 10.43 -0.68
CA VAL A 40 -2.23 11.27 -1.87
C VAL A 40 -2.44 12.73 -1.47
N THR A 41 -1.71 13.61 -2.11
CA THR A 41 -1.80 15.03 -1.84
C THR A 41 -2.52 15.74 -2.98
N GLY A 42 -3.12 16.88 -2.70
CA GLY A 42 -3.83 17.64 -3.73
C GLY A 42 -3.10 18.91 -4.10
N LYS A 43 -3.43 19.46 -5.27
CA LYS A 43 -2.84 20.73 -5.70
C LYS A 43 -3.41 21.86 -4.86
N VAL A 44 -4.73 21.99 -4.89
CA VAL A 44 -5.46 22.93 -4.04
C VAL A 44 -6.48 22.18 -3.20
N GLN A 45 -6.00 21.52 -2.14
CA GLN A 45 -6.85 20.73 -1.24
C GLN A 45 -7.81 19.85 -2.05
N GLY A 46 -7.26 18.82 -2.67
CA GLY A 46 -8.01 17.97 -3.59
C GLY A 46 -9.15 17.23 -2.92
N VAL A 47 -10.39 17.65 -3.20
CA VAL A 47 -11.56 16.94 -2.71
C VAL A 47 -11.72 15.62 -3.45
N PHE A 48 -11.28 14.56 -2.80
CA PHE A 48 -11.28 13.22 -3.38
C PHE A 48 -12.70 12.65 -3.38
N PHE A 49 -13.14 12.20 -4.55
CA PHE A 49 -14.48 11.68 -4.75
C PHE A 49 -14.78 10.44 -3.87
N ARG A 50 -15.21 10.71 -2.64
CA ARG A 50 -15.51 9.64 -1.67
C ARG A 50 -16.48 8.61 -2.23
N LYS A 51 -17.46 9.06 -3.01
CA LYS A 51 -18.46 8.16 -3.60
C LYS A 51 -17.78 7.10 -4.47
N TYR A 52 -16.89 7.54 -5.37
CA TYR A 52 -16.17 6.63 -6.24
C TYR A 52 -15.17 5.80 -5.43
N THR A 53 -14.64 6.38 -4.36
CA THR A 53 -13.72 5.66 -3.48
C THR A 53 -14.40 4.43 -2.87
N LYS A 54 -15.56 4.65 -2.27
CA LYS A 54 -16.32 3.58 -1.65
C LYS A 54 -16.79 2.58 -2.71
N LYS A 55 -17.22 3.12 -3.85
CA LYS A 55 -17.68 2.30 -4.97
C LYS A 55 -16.59 1.33 -5.43
N GLU A 56 -15.40 1.89 -5.71
CA GLU A 56 -14.28 1.11 -6.21
C GLU A 56 -13.86 0.06 -5.19
N ALA A 57 -13.59 0.53 -3.98
CA ALA A 57 -13.10 -0.34 -2.91
C ALA A 57 -14.10 -1.46 -2.64
N ASP A 58 -15.39 -1.13 -2.65
CA ASP A 58 -16.45 -2.11 -2.41
C ASP A 58 -16.53 -3.11 -3.57
N ALA A 59 -16.31 -2.61 -4.78
CA ALA A 59 -16.37 -3.46 -5.98
C ALA A 59 -15.19 -4.41 -6.04
N LEU A 60 -14.01 -3.91 -5.71
CA LEU A 60 -12.78 -4.70 -5.74
C LEU A 60 -12.52 -5.38 -4.39
N SER A 61 -13.36 -5.07 -3.41
CA SER A 61 -13.36 -5.78 -2.12
C SER A 61 -12.09 -5.48 -1.31
N LEU A 62 -11.65 -4.22 -1.33
CA LEU A 62 -10.55 -3.79 -0.47
C LEU A 62 -11.10 -3.41 0.90
N VAL A 63 -10.44 -3.88 1.95
CA VAL A 63 -10.79 -3.51 3.32
C VAL A 63 -9.70 -2.61 3.88
N GLY A 64 -10.07 -1.73 4.80
CA GLY A 64 -9.13 -0.78 5.35
C GLY A 64 -9.83 0.48 5.78
N TYR A 65 -9.26 1.64 5.46
CA TYR A 65 -9.88 2.90 5.81
C TYR A 65 -9.21 4.07 5.09
N VAL A 66 -10.01 5.07 4.73
CA VAL A 66 -9.51 6.29 4.07
C VAL A 66 -10.21 7.52 4.63
N THR A 67 -9.47 8.64 4.69
CA THR A 67 -9.97 9.91 5.19
C THR A 67 -9.15 11.05 4.59
N ASN A 68 -9.69 12.25 4.64
CA ASN A 68 -9.00 13.43 4.11
C ASN A 68 -8.53 14.32 5.26
N ASN A 69 -7.61 15.22 4.95
CA ASN A 69 -7.10 16.18 5.92
C ASN A 69 -7.15 17.57 5.31
N GLU A 70 -7.49 18.58 6.12
CA GLU A 70 -7.52 19.97 5.68
C GLU A 70 -6.15 20.40 5.18
N ASP A 71 -5.14 19.60 5.52
CA ASP A 71 -3.77 19.82 5.08
C ASP A 71 -3.66 19.66 3.56
N GLY A 72 -4.68 19.08 2.96
CA GLY A 72 -4.69 18.84 1.53
C GLY A 72 -4.16 17.47 1.18
N SER A 73 -4.33 16.52 2.11
CA SER A 73 -3.85 15.17 1.93
C SER A 73 -4.92 14.14 2.29
N VAL A 74 -5.13 13.18 1.40
CA VAL A 74 -6.04 12.06 1.66
C VAL A 74 -5.23 10.83 2.05
N SER A 75 -5.44 10.33 3.26
CA SER A 75 -4.61 9.26 3.80
C SER A 75 -5.47 8.10 4.32
N GLY A 76 -4.87 6.91 4.35
CA GLY A 76 -5.56 5.73 4.85
C GLY A 76 -4.74 4.48 4.66
N VAL A 77 -5.38 3.32 4.82
CA VAL A 77 -4.71 2.03 4.67
C VAL A 77 -5.56 1.09 3.81
N VAL A 78 -4.90 0.33 2.93
CA VAL A 78 -5.56 -0.65 2.09
C VAL A 78 -5.10 -2.05 2.45
N GLN A 79 -6.04 -2.99 2.53
CA GLN A 79 -5.77 -4.37 2.89
C GLN A 79 -6.61 -5.30 2.02
N GLY A 80 -6.03 -6.42 1.59
CA GLY A 80 -6.74 -7.38 0.78
C GLY A 80 -5.81 -8.06 -0.21
N PRO A 81 -6.36 -8.86 -1.14
CA PRO A 81 -5.56 -9.55 -2.15
C PRO A 81 -4.70 -8.58 -2.98
N LYS A 82 -3.39 -8.85 -3.03
CA LYS A 82 -2.42 -7.98 -3.72
C LYS A 82 -2.89 -7.53 -5.10
N GLU A 83 -3.67 -8.37 -5.78
CA GLU A 83 -4.16 -8.04 -7.12
C GLU A 83 -5.21 -6.93 -7.06
N GLN A 84 -6.11 -7.02 -6.09
CA GLN A 84 -7.13 -5.99 -5.90
C GLN A 84 -6.49 -4.74 -5.28
N VAL A 85 -5.44 -4.94 -4.50
CA VAL A 85 -4.67 -3.84 -3.96
C VAL A 85 -4.03 -3.06 -5.12
N ASP A 86 -3.58 -3.82 -6.13
CA ASP A 86 -3.06 -3.22 -7.35
C ASP A 86 -4.17 -2.47 -8.08
N ALA A 87 -5.36 -3.08 -8.13
CA ALA A 87 -6.53 -2.41 -8.69
C ALA A 87 -6.76 -1.07 -8.00
N PHE A 88 -6.56 -1.05 -6.69
CA PHE A 88 -6.77 0.14 -5.88
C PHE A 88 -5.72 1.22 -6.20
N VAL A 89 -4.45 0.81 -6.33
CA VAL A 89 -3.39 1.76 -6.66
C VAL A 89 -3.61 2.30 -8.08
N LYS A 90 -4.12 1.45 -8.98
CA LYS A 90 -4.50 1.89 -10.32
C LYS A 90 -5.58 2.97 -10.20
N TYR A 91 -6.55 2.73 -9.32
CA TYR A 91 -7.61 3.69 -9.04
C TYR A 91 -7.02 4.99 -8.50
N LEU A 92 -6.07 4.86 -7.58
CA LEU A 92 -5.44 6.02 -6.95
C LEU A 92 -4.71 6.85 -7.98
N HIS A 93 -4.04 6.17 -8.93
CA HIS A 93 -3.31 6.84 -10.00
C HIS A 93 -4.25 7.67 -10.87
N LYS A 94 -5.54 7.29 -10.91
CA LYS A 94 -6.54 8.03 -11.67
C LYS A 94 -6.75 9.43 -11.06
N GLY A 95 -6.55 9.51 -9.75
CA GLY A 95 -6.65 10.78 -9.04
C GLY A 95 -8.07 11.30 -8.96
N SER A 96 -8.20 12.55 -8.54
CA SER A 96 -9.50 13.21 -8.45
C SER A 96 -10.02 13.53 -9.85
N PRO A 97 -11.35 13.51 -10.06
CA PRO A 97 -11.95 13.68 -11.39
C PRO A 97 -11.69 15.07 -11.98
N LYS A 98 -12.02 16.12 -11.21
CA LYS A 98 -11.89 17.49 -11.71
C LYS A 98 -10.96 18.31 -10.84
N SER A 99 -10.18 17.63 -9.99
CA SER A 99 -9.18 18.29 -9.16
C SER A 99 -7.81 17.68 -9.43
N VAL A 100 -6.77 18.51 -9.35
CA VAL A 100 -5.41 18.08 -9.69
C VAL A 100 -4.71 17.51 -8.45
N VAL A 101 -4.13 16.32 -8.60
CA VAL A 101 -3.35 15.70 -7.54
C VAL A 101 -1.93 16.27 -7.52
N LYS A 102 -1.33 16.32 -6.34
CA LYS A 102 0.02 16.82 -6.18
C LYS A 102 1.01 15.66 -6.35
N LYS A 103 0.81 14.61 -5.56
CA LYS A 103 1.66 13.42 -5.60
C LYS A 103 1.02 12.29 -4.81
N VAL A 104 1.17 11.05 -5.29
CA VAL A 104 0.67 9.87 -4.58
C VAL A 104 1.81 9.18 -3.82
N SER A 105 1.52 8.69 -2.62
CA SER A 105 2.52 8.06 -1.77
C SER A 105 1.93 6.80 -1.13
N ILE A 106 2.72 5.73 -1.09
CA ILE A 106 2.29 4.46 -0.50
C ILE A 106 3.27 4.05 0.60
N HIS A 107 2.83 3.23 1.55
CA HIS A 107 3.68 2.84 2.67
C HIS A 107 3.57 1.33 2.95
N ALA A 108 4.69 0.76 3.35
CA ALA A 108 4.85 -0.70 3.53
C ALA A 108 4.10 -1.27 4.76
N SER A 109 3.30 -0.45 5.44
CA SER A 109 2.77 -0.80 6.76
C SER A 109 1.94 -2.09 6.74
N SER A 110 2.02 -2.82 7.84
CA SER A 110 1.46 -4.16 7.96
C SER A 110 -0.03 -4.13 8.29
N ARG A 111 -0.62 -5.33 8.38
CA ARG A 111 -2.06 -5.51 8.59
C ARG A 111 -2.57 -4.75 9.83
N VAL A 112 -3.75 -4.16 9.69
CA VAL A 112 -4.42 -3.42 10.77
C VAL A 112 -5.91 -3.78 10.78
N ASP A 113 -6.65 -3.25 11.74
CA ASP A 113 -8.10 -3.44 11.77
C ASP A 113 -8.78 -2.39 10.89
N ALA A 114 -9.67 -2.85 10.01
CA ALA A 114 -10.34 -1.98 9.03
C ALA A 114 -11.37 -1.09 9.71
N ASP A 115 -11.83 -0.06 9.00
CA ASP A 115 -12.75 0.93 9.56
C ASP A 115 -13.70 1.47 8.48
N GLY A 116 -13.15 1.79 7.32
CA GLY A 116 -13.97 2.26 6.21
C GLY A 116 -13.27 3.29 5.34
N PHE A 117 -13.43 3.17 4.04
CA PHE A 117 -12.91 4.16 3.11
C PHE A 117 -13.96 5.26 2.92
N GLU A 118 -13.68 6.48 3.40
CA GLU A 118 -14.52 7.62 3.09
C GLU A 118 -13.79 8.91 3.40
N ILE A 119 -13.82 9.84 2.46
CA ILE A 119 -13.13 11.11 2.63
C ILE A 119 -13.76 11.90 3.78
N ARG A 120 -13.26 11.64 4.98
CA ARG A 120 -13.65 12.34 6.20
C ARG A 120 -12.86 13.62 6.35
N ARG A 121 -13.52 14.64 6.87
CA ARG A 121 -12.88 15.93 7.11
C ARG A 121 -12.94 16.30 8.59
N MET A 1 30.05 -22.85 -27.14
CA MET A 1 31.00 -21.71 -26.99
C MET A 1 30.24 -20.46 -26.55
N ALA A 2 30.49 -20.02 -25.32
CA ALA A 2 29.73 -18.90 -24.75
C ALA A 2 30.65 -17.75 -24.34
N HIS A 3 31.76 -17.57 -25.06
CA HIS A 3 32.66 -16.44 -24.80
C HIS A 3 31.93 -15.10 -24.91
N HIS A 4 31.45 -14.62 -23.76
CA HIS A 4 30.86 -13.28 -23.66
C HIS A 4 31.67 -12.45 -22.67
N HIS A 5 32.68 -11.76 -23.16
CA HIS A 5 33.57 -10.98 -22.31
C HIS A 5 32.91 -9.65 -21.96
N HIS A 6 32.04 -9.70 -20.97
CA HIS A 6 31.30 -8.52 -20.51
C HIS A 6 32.25 -7.42 -20.05
N HIS A 7 32.20 -6.27 -20.72
CA HIS A 7 33.10 -5.15 -20.43
C HIS A 7 32.30 -3.91 -20.04
N HIS A 8 32.89 -3.06 -19.22
CA HIS A 8 32.25 -1.80 -18.80
C HIS A 8 32.96 -0.60 -19.41
N MET A 9 32.22 0.18 -20.20
CA MET A 9 32.74 1.39 -20.82
C MET A 9 31.59 2.26 -21.31
N GLY A 10 31.75 3.58 -21.19
CA GLY A 10 30.72 4.49 -21.65
C GLY A 10 31.30 5.79 -22.14
N THR A 11 31.88 5.78 -23.34
CA THR A 11 32.43 6.98 -23.94
C THR A 11 31.31 7.98 -24.24
N LEU A 12 31.39 9.15 -23.60
CA LEU A 12 30.36 10.17 -23.74
C LEU A 12 30.45 10.83 -25.12
N GLU A 13 29.58 10.40 -26.02
CA GLU A 13 29.51 10.95 -27.37
C GLU A 13 28.09 10.86 -27.92
N ALA A 14 27.88 11.46 -29.09
CA ALA A 14 26.54 11.56 -29.68
C ALA A 14 26.02 10.19 -30.13
N GLN A 15 25.37 9.47 -29.22
CA GLN A 15 24.74 8.20 -29.56
C GLN A 15 23.28 8.42 -29.95
N THR A 16 22.77 7.59 -30.85
CA THR A 16 21.37 7.64 -31.26
C THR A 16 20.51 6.81 -30.29
N GLN A 17 19.21 6.77 -30.55
CA GLN A 17 18.28 6.02 -29.72
C GLN A 17 17.18 5.39 -30.59
N GLY A 18 16.13 4.89 -29.96
CA GLY A 18 15.03 4.28 -30.68
C GLY A 18 13.87 3.96 -29.77
N PRO A 19 13.32 2.74 -29.85
CA PRO A 19 12.23 2.29 -29.00
C PRO A 19 12.76 1.63 -27.73
N GLY A 20 11.93 0.81 -27.10
CA GLY A 20 12.32 0.14 -25.88
C GLY A 20 11.43 -1.05 -25.60
N SER A 21 11.86 -1.93 -24.71
CA SER A 21 11.09 -3.10 -24.34
C SER A 21 10.00 -2.72 -23.33
N MET A 22 8.93 -2.09 -23.84
CA MET A 22 7.82 -1.66 -23.01
C MET A 22 6.80 -2.78 -22.83
N GLN A 23 7.18 -3.79 -22.06
CA GLN A 23 6.29 -4.89 -21.68
C GLN A 23 7.05 -5.86 -20.76
N GLY A 24 6.40 -6.96 -20.40
CA GLY A 24 7.04 -7.94 -19.53
C GLY A 24 6.17 -8.26 -18.33
N SER A 25 4.93 -8.67 -18.60
CA SER A 25 3.99 -9.02 -17.54
C SER A 25 4.38 -10.33 -16.88
N MET A 26 4.85 -10.26 -15.64
CA MET A 26 5.29 -11.44 -14.90
C MET A 26 4.70 -11.43 -13.49
N PRO A 27 3.72 -12.32 -13.21
CA PRO A 27 3.04 -12.39 -11.91
C PRO A 27 4.01 -12.61 -10.75
N SER A 28 4.15 -11.60 -9.90
CA SER A 28 5.07 -11.65 -8.78
C SER A 28 4.38 -12.24 -7.55
N SER A 29 4.87 -13.41 -7.12
CA SER A 29 4.33 -14.09 -5.95
C SER A 29 4.42 -13.20 -4.72
N SER A 30 3.27 -12.82 -4.17
CA SER A 30 3.20 -11.94 -3.01
C SER A 30 2.06 -12.34 -2.08
N GLU A 31 2.00 -11.68 -0.92
CA GLU A 31 1.03 -12.00 0.13
C GLU A 31 -0.40 -11.96 -0.40
N ASP A 32 -1.21 -12.93 0.03
CA ASP A 32 -2.61 -12.99 -0.34
C ASP A 32 -3.38 -11.85 0.34
N VAL A 33 -2.91 -11.49 1.53
CA VAL A 33 -3.46 -10.35 2.24
C VAL A 33 -2.39 -9.28 2.37
N THR A 34 -2.48 -8.30 1.50
CA THR A 34 -1.53 -7.20 1.46
C THR A 34 -2.17 -5.95 2.07
N THR A 35 -1.54 -5.41 3.11
CA THR A 35 -1.99 -4.16 3.71
C THR A 35 -0.99 -3.05 3.41
N LEU A 36 -1.47 -1.98 2.80
CA LEU A 36 -0.65 -0.83 2.48
C LEU A 36 -1.41 0.46 2.80
N CYS A 37 -0.73 1.40 3.43
CA CYS A 37 -1.33 2.69 3.74
C CYS A 37 -1.15 3.64 2.57
N TYR A 38 -2.19 4.39 2.24
CA TYR A 38 -2.17 5.30 1.11
C TYR A 38 -2.22 6.74 1.60
N ARG A 39 -1.56 7.63 0.86
CA ARG A 39 -1.61 9.06 1.13
C ARG A 39 -1.39 9.83 -0.16
N VAL A 40 -2.43 10.48 -0.64
CA VAL A 40 -2.35 11.26 -1.87
C VAL A 40 -2.61 12.73 -1.57
N THR A 41 -1.91 13.62 -2.25
CA THR A 41 -2.09 15.05 -2.06
C THR A 41 -2.97 15.63 -3.16
N GLY A 42 -4.14 16.16 -2.78
CA GLY A 42 -5.03 16.79 -3.74
C GLY A 42 -4.69 18.25 -3.92
N LYS A 43 -4.04 18.57 -5.04
CA LYS A 43 -3.52 19.91 -5.29
C LYS A 43 -4.58 20.98 -5.06
N VAL A 44 -5.77 20.76 -5.62
CA VAL A 44 -6.86 21.71 -5.48
C VAL A 44 -7.89 21.21 -4.47
N GLN A 45 -7.63 21.49 -3.19
CA GLN A 45 -8.59 21.24 -2.10
C GLN A 45 -8.95 19.74 -2.01
N GLY A 46 -8.12 18.90 -2.61
CA GLY A 46 -8.38 17.47 -2.60
C GLY A 46 -9.48 17.07 -3.57
N VAL A 47 -10.73 17.38 -3.20
CA VAL A 47 -11.90 17.03 -4.00
C VAL A 47 -11.87 15.54 -4.41
N PHE A 48 -11.54 14.70 -3.44
CA PHE A 48 -11.38 13.26 -3.69
C PHE A 48 -12.75 12.59 -3.74
N PHE A 49 -12.91 11.68 -4.69
CA PHE A 49 -14.20 11.02 -4.95
C PHE A 49 -14.52 9.94 -3.90
N ARG A 50 -15.22 10.35 -2.83
CA ARG A 50 -15.63 9.42 -1.77
C ARG A 50 -16.47 8.29 -2.34
N LYS A 51 -17.53 8.66 -3.06
CA LYS A 51 -18.46 7.71 -3.65
C LYS A 51 -17.73 6.66 -4.48
N TYR A 52 -16.87 7.13 -5.38
CA TYR A 52 -16.16 6.24 -6.31
C TYR A 52 -15.21 5.33 -5.56
N THR A 53 -14.52 5.87 -4.55
CA THR A 53 -13.57 5.09 -3.76
C THR A 53 -14.27 3.91 -3.06
N LYS A 54 -15.41 4.20 -2.43
CA LYS A 54 -16.19 3.17 -1.73
C LYS A 54 -16.71 2.14 -2.73
N LYS A 55 -17.21 2.62 -3.88
CA LYS A 55 -17.72 1.75 -4.92
C LYS A 55 -16.61 0.82 -5.44
N GLU A 56 -15.46 1.41 -5.70
CA GLU A 56 -14.31 0.67 -6.23
C GLU A 56 -13.89 -0.45 -5.27
N ALA A 57 -13.62 -0.06 -4.04
CA ALA A 57 -13.20 -0.99 -3.01
C ALA A 57 -14.23 -2.11 -2.85
N ASP A 58 -15.51 -1.71 -2.70
CA ASP A 58 -16.61 -2.66 -2.53
C ASP A 58 -16.68 -3.61 -3.74
N ALA A 59 -16.39 -3.09 -4.92
CA ALA A 59 -16.50 -3.85 -6.15
C ALA A 59 -15.39 -4.90 -6.28
N LEU A 60 -14.17 -4.53 -5.89
CA LEU A 60 -13.02 -5.43 -6.00
C LEU A 60 -12.65 -6.07 -4.65
N SER A 61 -13.48 -5.81 -3.64
CA SER A 61 -13.33 -6.42 -2.32
C SER A 61 -12.08 -5.94 -1.58
N LEU A 62 -11.70 -4.68 -1.82
CA LEU A 62 -10.65 -4.06 -1.01
C LEU A 62 -11.26 -3.56 0.28
N VAL A 63 -10.61 -3.84 1.39
CA VAL A 63 -11.06 -3.35 2.70
C VAL A 63 -10.03 -2.39 3.26
N GLY A 64 -10.43 -1.62 4.24
CA GLY A 64 -9.55 -0.65 4.85
C GLY A 64 -10.30 0.60 5.27
N TYR A 65 -9.70 1.75 5.09
CA TYR A 65 -10.32 3.00 5.52
C TYR A 65 -9.71 4.19 4.78
N VAL A 66 -10.48 5.26 4.62
CA VAL A 66 -10.04 6.46 3.92
C VAL A 66 -10.44 7.70 4.72
N THR A 67 -9.56 8.70 4.73
CA THR A 67 -9.76 9.93 5.48
C THR A 67 -9.00 11.08 4.83
N ASN A 68 -9.37 12.31 5.17
CA ASN A 68 -8.71 13.51 4.65
C ASN A 68 -8.11 14.30 5.82
N ASN A 69 -7.10 15.11 5.53
CA ASN A 69 -6.48 15.95 6.56
C ASN A 69 -6.30 17.39 6.06
N GLU A 70 -6.00 18.27 7.01
CA GLU A 70 -5.89 19.70 6.75
C GLU A 70 -4.91 20.03 5.62
N ASP A 71 -3.94 19.14 5.42
CA ASP A 71 -2.91 19.33 4.39
C ASP A 71 -3.49 19.27 2.98
N GLY A 72 -4.74 18.82 2.88
CA GLY A 72 -5.36 18.62 1.58
C GLY A 72 -5.04 17.24 1.04
N SER A 73 -4.37 16.45 1.86
CA SER A 73 -3.99 15.09 1.49
C SER A 73 -5.02 14.09 2.01
N VAL A 74 -5.39 13.14 1.16
CA VAL A 74 -6.29 12.07 1.52
C VAL A 74 -5.49 10.80 1.80
N SER A 75 -5.58 10.31 3.03
CA SER A 75 -4.82 9.15 3.46
C SER A 75 -5.78 8.02 3.85
N GLY A 76 -5.22 6.84 4.09
CA GLY A 76 -6.03 5.69 4.45
C GLY A 76 -5.25 4.41 4.35
N VAL A 77 -5.93 3.28 4.36
CA VAL A 77 -5.29 1.96 4.27
C VAL A 77 -6.11 1.03 3.39
N VAL A 78 -5.43 0.29 2.51
CA VAL A 78 -6.05 -0.77 1.71
C VAL A 78 -5.49 -2.12 2.13
N GLN A 79 -6.36 -3.09 2.30
CA GLN A 79 -5.99 -4.42 2.78
C GLN A 79 -6.72 -5.47 1.94
N GLY A 80 -5.99 -6.42 1.37
CA GLY A 80 -6.64 -7.47 0.58
C GLY A 80 -5.71 -8.09 -0.45
N PRO A 81 -6.25 -8.81 -1.45
CA PRO A 81 -5.46 -9.49 -2.49
C PRO A 81 -4.56 -8.50 -3.23
N LYS A 82 -3.27 -8.86 -3.34
CA LYS A 82 -2.26 -8.00 -3.95
C LYS A 82 -2.72 -7.45 -5.31
N GLU A 83 -3.46 -8.25 -6.06
CA GLU A 83 -3.88 -7.86 -7.41
C GLU A 83 -4.94 -6.74 -7.37
N GLN A 84 -5.91 -6.87 -6.47
CA GLN A 84 -6.94 -5.84 -6.33
C GLN A 84 -6.37 -4.60 -5.64
N VAL A 85 -5.40 -4.81 -4.73
CA VAL A 85 -4.66 -3.70 -4.14
C VAL A 85 -3.91 -2.95 -5.24
N ASP A 86 -3.26 -3.72 -6.12
CA ASP A 86 -2.57 -3.19 -7.29
C ASP A 86 -3.55 -2.38 -8.14
N ALA A 87 -4.74 -2.97 -8.35
CA ALA A 87 -5.82 -2.31 -9.07
C ALA A 87 -6.22 -1.00 -8.41
N PHE A 88 -6.27 -1.02 -7.08
CA PHE A 88 -6.68 0.15 -6.31
C PHE A 88 -5.62 1.24 -6.44
N VAL A 89 -4.35 0.83 -6.50
CA VAL A 89 -3.25 1.77 -6.74
C VAL A 89 -3.40 2.42 -8.11
N LYS A 90 -3.71 1.59 -9.12
CA LYS A 90 -3.91 2.07 -10.49
C LYS A 90 -5.14 2.97 -10.57
N TYR A 91 -6.11 2.70 -9.70
CA TYR A 91 -7.29 3.54 -9.56
C TYR A 91 -6.93 4.85 -8.86
N LEU A 92 -6.09 4.75 -7.84
CA LEU A 92 -5.66 5.91 -7.05
C LEU A 92 -4.88 6.87 -7.94
N HIS A 93 -4.08 6.29 -8.85
CA HIS A 93 -3.25 7.07 -9.77
C HIS A 93 -4.09 7.79 -10.82
N LYS A 94 -5.41 7.54 -10.83
CA LYS A 94 -6.31 8.27 -11.73
C LYS A 94 -6.48 9.70 -11.23
N GLY A 95 -6.48 9.84 -9.91
CA GLY A 95 -6.64 11.15 -9.29
C GLY A 95 -8.09 11.57 -9.18
N SER A 96 -8.32 12.67 -8.46
CA SER A 96 -9.66 13.22 -8.30
C SER A 96 -10.26 13.60 -9.66
N PRO A 97 -11.60 13.49 -9.83
CA PRO A 97 -12.26 13.69 -11.13
C PRO A 97 -11.91 15.05 -11.76
N LYS A 98 -12.07 16.11 -10.98
CA LYS A 98 -11.90 17.47 -11.48
C LYS A 98 -10.67 18.16 -10.86
N SER A 99 -10.00 17.45 -9.96
CA SER A 99 -8.86 18.03 -9.24
C SER A 99 -7.60 17.21 -9.52
N VAL A 100 -6.47 17.90 -9.67
CA VAL A 100 -5.21 17.25 -9.99
C VAL A 100 -4.50 16.80 -8.70
N VAL A 101 -3.94 15.60 -8.74
CA VAL A 101 -3.16 15.08 -7.61
C VAL A 101 -1.69 15.44 -7.79
N LYS A 102 -1.03 15.77 -6.67
CA LYS A 102 0.36 16.18 -6.70
C LYS A 102 1.27 14.97 -6.50
N LYS A 103 1.03 14.20 -5.44
CA LYS A 103 1.90 13.08 -5.09
C LYS A 103 1.09 11.97 -4.43
N VAL A 104 1.29 10.74 -4.89
CA VAL A 104 0.70 9.56 -4.26
C VAL A 104 1.79 8.81 -3.50
N SER A 105 1.51 8.49 -2.24
CA SER A 105 2.50 7.88 -1.35
C SER A 105 1.91 6.66 -0.67
N ILE A 106 2.57 5.52 -0.81
CA ILE A 106 2.12 4.28 -0.21
C ILE A 106 3.08 3.85 0.89
N HIS A 107 2.58 3.19 1.94
CA HIS A 107 3.41 2.83 3.08
C HIS A 107 3.18 1.36 3.47
N ALA A 108 4.22 0.77 4.05
CA ALA A 108 4.29 -0.67 4.39
C ALA A 108 3.36 -1.09 5.54
N SER A 109 2.48 -0.20 6.00
CA SER A 109 1.82 -0.36 7.30
C SER A 109 1.00 -1.64 7.38
N SER A 110 1.04 -2.27 8.56
CA SER A 110 0.47 -3.60 8.79
C SER A 110 -1.06 -3.54 8.87
N ARG A 111 -1.67 -4.72 8.97
CA ARG A 111 -3.13 -4.88 8.98
C ARG A 111 -3.77 -4.04 10.09
N VAL A 112 -4.87 -3.38 9.75
CA VAL A 112 -5.60 -2.52 10.70
C VAL A 112 -7.10 -2.83 10.66
N ASP A 113 -7.87 -2.18 11.54
CA ASP A 113 -9.33 -2.27 11.53
C ASP A 113 -9.89 -1.52 10.33
N ALA A 114 -10.68 -2.20 9.52
CA ALA A 114 -11.19 -1.64 8.27
C ALA A 114 -12.61 -1.08 8.43
N ASP A 115 -13.23 -0.78 7.28
CA ASP A 115 -14.60 -0.29 7.20
C ASP A 115 -14.70 1.15 7.67
N GLY A 116 -13.76 1.97 7.21
CA GLY A 116 -13.74 3.39 7.55
C GLY A 116 -13.49 4.27 6.36
N PHE A 117 -14.03 3.88 5.24
CA PHE A 117 -13.88 4.63 4.00
C PHE A 117 -14.72 5.91 4.03
N GLU A 118 -14.05 7.07 4.05
CA GLU A 118 -14.75 8.35 3.95
C GLU A 118 -13.78 9.45 3.58
N ILE A 119 -14.28 10.62 3.24
CA ILE A 119 -13.43 11.80 3.13
C ILE A 119 -13.67 12.66 4.36
N ARG A 120 -12.92 12.32 5.40
CA ARG A 120 -13.05 12.93 6.70
C ARG A 120 -12.33 14.27 6.75
N ARG A 121 -13.07 15.35 6.86
CA ARG A 121 -12.48 16.67 7.00
C ARG A 121 -12.75 17.21 8.39
N MET A 1 44.22 -2.12 -33.03
CA MET A 1 43.80 -3.42 -33.59
C MET A 1 42.42 -3.29 -34.24
N ALA A 2 42.30 -3.76 -35.48
CA ALA A 2 41.06 -3.64 -36.25
C ALA A 2 40.05 -4.73 -35.86
N HIS A 3 40.25 -5.33 -34.70
CA HIS A 3 39.32 -6.32 -34.16
C HIS A 3 38.92 -5.92 -32.75
N HIS A 4 37.69 -5.43 -32.59
CA HIS A 4 37.17 -5.03 -31.29
C HIS A 4 36.81 -6.26 -30.46
N HIS A 5 37.83 -6.92 -29.93
CA HIS A 5 37.64 -8.10 -29.10
C HIS A 5 37.44 -7.70 -27.65
N HIS A 6 36.20 -7.82 -27.17
CA HIS A 6 35.88 -7.51 -25.78
C HIS A 6 36.17 -8.74 -24.91
N HIS A 7 36.58 -8.49 -23.67
CA HIS A 7 36.90 -9.58 -22.74
C HIS A 7 35.61 -10.14 -22.13
N HIS A 8 34.71 -10.61 -22.97
CA HIS A 8 33.45 -11.20 -22.51
C HIS A 8 33.65 -12.68 -22.19
N MET A 9 34.38 -12.91 -21.10
CA MET A 9 34.69 -14.25 -20.60
C MET A 9 35.44 -14.13 -19.29
N GLY A 10 34.75 -14.38 -18.19
CA GLY A 10 35.33 -14.19 -16.87
C GLY A 10 35.33 -15.47 -16.05
N THR A 11 35.62 -15.34 -14.77
CA THR A 11 35.66 -16.49 -13.87
C THR A 11 34.24 -16.85 -13.41
N LEU A 12 34.06 -18.10 -13.03
CA LEU A 12 32.74 -18.63 -12.65
C LEU A 12 32.26 -18.08 -11.31
N GLU A 13 33.14 -17.41 -10.57
CA GLU A 13 32.81 -16.90 -9.24
C GLU A 13 32.32 -15.45 -9.32
N ALA A 14 31.01 -15.28 -9.25
CA ALA A 14 30.41 -13.94 -9.29
C ALA A 14 30.45 -13.30 -7.91
N GLN A 15 31.60 -12.73 -7.56
CA GLN A 15 31.81 -12.08 -6.27
C GLN A 15 31.65 -10.57 -6.38
N THR A 16 31.48 -9.92 -5.23
CA THR A 16 31.45 -8.45 -5.14
C THR A 16 30.17 -7.85 -5.80
N GLN A 17 29.36 -8.71 -6.41
CA GLN A 17 28.13 -8.26 -7.07
C GLN A 17 27.14 -7.68 -6.04
N GLY A 18 26.49 -6.59 -6.41
CA GLY A 18 25.53 -5.95 -5.52
C GLY A 18 24.10 -6.33 -5.87
N PRO A 19 23.15 -6.13 -4.93
CA PRO A 19 21.75 -6.47 -5.12
C PRO A 19 20.93 -5.27 -5.60
N GLY A 20 19.61 -5.41 -5.52
CA GLY A 20 18.71 -4.38 -6.01
C GLY A 20 17.73 -4.95 -7.03
N SER A 21 18.23 -5.23 -8.22
CA SER A 21 17.42 -5.86 -9.26
C SER A 21 17.16 -7.33 -8.90
N MET A 22 16.08 -7.55 -8.14
CA MET A 22 15.75 -8.89 -7.67
C MET A 22 15.21 -9.74 -8.81
N GLN A 23 16.13 -10.31 -9.59
CA GLN A 23 15.76 -11.18 -10.71
C GLN A 23 15.56 -12.62 -10.23
N GLY A 24 14.54 -12.82 -9.41
CA GLY A 24 14.25 -14.13 -8.87
C GLY A 24 12.77 -14.41 -8.75
N SER A 25 12.37 -14.99 -7.64
CA SER A 25 10.97 -15.32 -7.39
C SER A 25 10.63 -15.10 -5.91
N MET A 26 9.35 -14.89 -5.63
CA MET A 26 8.88 -14.71 -4.26
C MET A 26 8.64 -16.07 -3.60
N PRO A 27 8.71 -16.14 -2.26
CA PRO A 27 8.47 -17.40 -1.52
C PRO A 27 6.99 -17.80 -1.56
N SER A 28 6.68 -18.92 -0.90
CA SER A 28 5.31 -19.42 -0.83
C SER A 28 4.36 -18.33 -0.32
N SER A 29 3.17 -18.26 -0.92
CA SER A 29 2.19 -17.26 -0.58
C SER A 29 1.84 -17.30 0.91
N SER A 30 2.53 -16.47 1.68
CA SER A 30 2.31 -16.36 3.12
C SER A 30 1.71 -14.99 3.47
N GLU A 31 1.57 -14.15 2.46
CA GLU A 31 1.03 -12.80 2.62
C GLU A 31 -0.10 -12.59 1.63
N ASP A 32 -1.14 -13.40 1.74
CA ASP A 32 -2.26 -13.36 0.80
C ASP A 32 -3.06 -12.09 0.98
N VAL A 33 -3.10 -11.60 2.22
CA VAL A 33 -3.77 -10.35 2.52
C VAL A 33 -2.74 -9.24 2.61
N THR A 34 -2.57 -8.56 1.50
CA THR A 34 -1.59 -7.50 1.39
C THR A 34 -2.14 -6.21 1.98
N THR A 35 -1.33 -5.53 2.78
CA THR A 35 -1.71 -4.26 3.38
C THR A 35 -0.69 -3.19 3.06
N LEU A 36 -1.17 -2.05 2.59
CA LEU A 36 -0.33 -0.91 2.25
C LEU A 36 -1.04 0.37 2.65
N CYS A 37 -0.32 1.31 3.24
CA CYS A 37 -0.90 2.58 3.63
C CYS A 37 -0.84 3.56 2.46
N TYR A 38 -1.93 4.28 2.22
CA TYR A 38 -2.03 5.20 1.11
C TYR A 38 -2.07 6.64 1.59
N ARG A 39 -1.36 7.50 0.87
CA ARG A 39 -1.37 8.92 1.13
C ARG A 39 -1.11 9.69 -0.16
N VAL A 40 -2.13 10.39 -0.64
CA VAL A 40 -1.99 11.23 -1.82
C VAL A 40 -2.02 12.69 -1.38
N THR A 41 -1.18 13.49 -2.01
CA THR A 41 -0.98 14.88 -1.62
C THR A 41 -1.93 15.79 -2.38
N GLY A 42 -2.66 16.62 -1.64
CA GLY A 42 -3.61 17.52 -2.25
C GLY A 42 -3.05 18.92 -2.41
N LYS A 43 -3.03 19.42 -3.64
CA LYS A 43 -2.62 20.79 -3.92
C LYS A 43 -3.63 21.73 -3.25
N VAL A 44 -4.89 21.39 -3.41
CA VAL A 44 -6.00 22.08 -2.76
C VAL A 44 -6.79 21.05 -1.95
N GLN A 45 -7.84 21.48 -1.24
CA GLN A 45 -8.73 20.54 -0.56
C GLN A 45 -9.26 19.52 -1.56
N GLY A 46 -8.54 18.41 -1.70
CA GLY A 46 -8.85 17.41 -2.69
C GLY A 46 -10.24 16.84 -2.56
N VAL A 47 -11.13 17.20 -3.48
CA VAL A 47 -12.46 16.61 -3.53
C VAL A 47 -12.35 15.23 -4.18
N PHE A 48 -11.80 14.30 -3.41
CA PHE A 48 -11.58 12.93 -3.87
C PHE A 48 -12.91 12.20 -3.96
N PHE A 49 -13.14 11.52 -5.08
CA PHE A 49 -14.41 10.86 -5.35
C PHE A 49 -14.69 9.71 -4.38
N ARG A 50 -15.21 10.06 -3.20
CA ARG A 50 -15.55 9.07 -2.16
C ARG A 50 -16.43 7.97 -2.73
N LYS A 51 -17.44 8.37 -3.50
CA LYS A 51 -18.44 7.45 -4.05
C LYS A 51 -17.77 6.37 -4.90
N TYR A 52 -16.85 6.79 -5.76
CA TYR A 52 -16.18 5.87 -6.67
C TYR A 52 -15.20 4.98 -5.92
N THR A 53 -14.44 5.58 -5.00
CA THR A 53 -13.49 4.83 -4.20
C THR A 53 -14.23 3.80 -3.33
N LYS A 54 -15.40 4.20 -2.84
CA LYS A 54 -16.24 3.33 -2.04
C LYS A 54 -16.72 2.14 -2.88
N LYS A 55 -17.20 2.44 -4.07
CA LYS A 55 -17.67 1.40 -4.99
C LYS A 55 -16.55 0.43 -5.32
N GLU A 56 -15.42 0.97 -5.77
CA GLU A 56 -14.26 0.19 -6.18
C GLU A 56 -13.84 -0.74 -5.06
N ALA A 57 -13.54 -0.15 -3.90
CA ALA A 57 -13.04 -0.90 -2.76
C ALA A 57 -14.05 -1.95 -2.30
N ASP A 58 -15.32 -1.55 -2.18
CA ASP A 58 -16.36 -2.44 -1.67
C ASP A 58 -16.53 -3.67 -2.57
N ALA A 59 -16.58 -3.41 -3.88
CA ALA A 59 -16.81 -4.48 -4.87
C ALA A 59 -15.61 -5.43 -4.94
N LEU A 60 -14.41 -4.88 -5.01
CA LEU A 60 -13.19 -5.68 -5.08
C LEU A 60 -12.81 -6.21 -3.70
N SER A 61 -13.49 -5.69 -2.68
CA SER A 61 -13.34 -6.13 -1.31
C SER A 61 -11.98 -5.76 -0.73
N LEU A 62 -11.53 -4.54 -1.04
CA LEU A 62 -10.41 -3.95 -0.32
C LEU A 62 -10.94 -3.38 1.00
N VAL A 63 -10.26 -3.67 2.10
CA VAL A 63 -10.67 -3.18 3.40
C VAL A 63 -9.63 -2.22 3.95
N GLY A 64 -9.95 -1.58 5.06
CA GLY A 64 -9.07 -0.58 5.64
C GLY A 64 -9.85 0.68 5.96
N TYR A 65 -9.30 1.84 5.60
CA TYR A 65 -10.01 3.10 5.85
C TYR A 65 -9.34 4.26 5.10
N VAL A 66 -10.14 5.27 4.75
CA VAL A 66 -9.63 6.46 4.07
C VAL A 66 -10.28 7.72 4.65
N THR A 67 -9.50 8.80 4.74
CA THR A 67 -9.94 10.08 5.29
C THR A 67 -9.16 11.24 4.67
N ASN A 68 -9.70 12.46 4.78
CA ASN A 68 -9.07 13.65 4.21
C ASN A 68 -8.43 14.47 5.33
N ASN A 69 -7.13 14.74 5.21
CA ASN A 69 -6.41 15.57 6.18
C ASN A 69 -6.75 17.04 5.96
N GLU A 70 -6.71 17.81 7.04
CA GLU A 70 -7.06 19.23 7.00
C GLU A 70 -6.18 20.01 6.03
N ASP A 71 -4.95 19.54 5.80
CA ASP A 71 -4.02 20.22 4.90
C ASP A 71 -4.44 20.04 3.45
N GLY A 72 -5.28 19.03 3.19
CA GLY A 72 -5.77 18.78 1.85
C GLY A 72 -5.50 17.37 1.37
N SER A 73 -4.37 16.80 1.80
CA SER A 73 -3.96 15.46 1.38
C SER A 73 -4.94 14.40 1.88
N VAL A 74 -5.14 13.36 1.07
CA VAL A 74 -6.01 12.24 1.45
C VAL A 74 -5.15 11.05 1.86
N SER A 75 -5.54 10.36 2.92
CA SER A 75 -4.72 9.27 3.45
C SER A 75 -5.60 8.13 3.96
N GLY A 76 -4.98 6.98 4.21
CA GLY A 76 -5.68 5.84 4.72
C GLY A 76 -4.86 4.57 4.58
N VAL A 77 -5.50 3.41 4.76
CA VAL A 77 -4.82 2.13 4.63
C VAL A 77 -5.70 1.14 3.86
N VAL A 78 -5.06 0.32 3.01
CA VAL A 78 -5.78 -0.68 2.21
C VAL A 78 -5.27 -2.08 2.58
N GLN A 79 -6.18 -3.05 2.59
CA GLN A 79 -5.85 -4.44 2.93
C GLN A 79 -6.67 -5.38 2.06
N GLY A 80 -6.07 -6.47 1.60
CA GLY A 80 -6.81 -7.46 0.83
C GLY A 80 -5.95 -8.21 -0.16
N PRO A 81 -6.56 -8.94 -1.11
CA PRO A 81 -5.83 -9.67 -2.16
C PRO A 81 -4.92 -8.73 -2.96
N LYS A 82 -3.72 -9.19 -3.26
CA LYS A 82 -2.68 -8.33 -3.83
C LYS A 82 -3.06 -7.89 -5.24
N GLU A 83 -3.90 -8.67 -5.90
CA GLU A 83 -4.40 -8.34 -7.22
C GLU A 83 -5.37 -7.16 -7.14
N GLN A 84 -6.21 -7.17 -6.11
CA GLN A 84 -7.15 -6.08 -5.88
C GLN A 84 -6.42 -4.86 -5.33
N VAL A 85 -5.35 -5.09 -4.58
CA VAL A 85 -4.50 -3.99 -4.10
C VAL A 85 -3.80 -3.34 -5.29
N ASP A 86 -3.37 -4.16 -6.24
CA ASP A 86 -2.80 -3.67 -7.50
C ASP A 86 -3.85 -2.87 -8.26
N ALA A 87 -5.09 -3.38 -8.24
CA ALA A 87 -6.22 -2.69 -8.84
C ALA A 87 -6.45 -1.34 -8.17
N PHE A 88 -6.32 -1.32 -6.85
CA PHE A 88 -6.57 -0.13 -6.07
C PHE A 88 -5.48 0.93 -6.33
N VAL A 89 -4.22 0.50 -6.30
CA VAL A 89 -3.09 1.41 -6.54
C VAL A 89 -3.15 1.96 -7.98
N LYS A 90 -3.49 1.08 -8.91
CA LYS A 90 -3.67 1.45 -10.31
C LYS A 90 -4.77 2.50 -10.42
N TYR A 91 -5.88 2.22 -9.74
CA TYR A 91 -7.02 3.14 -9.65
C TYR A 91 -6.59 4.48 -9.05
N LEU A 92 -5.76 4.41 -8.01
CA LEU A 92 -5.31 5.59 -7.29
C LEU A 92 -4.40 6.45 -8.19
N HIS A 93 -3.63 5.77 -9.05
CA HIS A 93 -2.72 6.46 -9.97
C HIS A 93 -3.48 7.39 -10.93
N LYS A 94 -4.78 7.12 -11.09
CA LYS A 94 -5.64 7.92 -11.96
C LYS A 94 -5.67 9.38 -11.47
N GLY A 95 -5.77 9.54 -10.16
CA GLY A 95 -5.86 10.88 -9.58
C GLY A 95 -7.29 11.34 -9.43
N SER A 96 -7.53 12.65 -9.53
CA SER A 96 -8.87 13.21 -9.41
C SER A 96 -9.14 14.23 -10.51
N PRO A 97 -10.33 14.19 -11.14
CA PRO A 97 -10.70 15.12 -12.22
C PRO A 97 -11.08 16.52 -11.70
N LYS A 98 -11.73 16.55 -10.53
CA LYS A 98 -12.23 17.80 -9.97
C LYS A 98 -11.17 18.51 -9.11
N SER A 99 -10.13 17.78 -8.73
CA SER A 99 -9.09 18.33 -7.86
C SER A 99 -7.71 17.89 -8.34
N VAL A 100 -6.72 18.76 -8.12
CA VAL A 100 -5.36 18.52 -8.58
C VAL A 100 -4.56 17.78 -7.50
N VAL A 101 -4.18 16.54 -7.80
CA VAL A 101 -3.31 15.77 -6.93
C VAL A 101 -1.85 16.10 -7.25
N LYS A 102 -1.04 16.22 -6.22
CA LYS A 102 0.37 16.57 -6.40
C LYS A 102 1.22 15.31 -6.58
N LYS A 103 0.99 14.32 -5.75
CA LYS A 103 1.76 13.07 -5.77
C LYS A 103 1.09 11.99 -4.92
N VAL A 104 1.09 10.76 -5.43
CA VAL A 104 0.59 9.62 -4.66
C VAL A 104 1.76 8.94 -3.94
N SER A 105 1.54 8.51 -2.71
CA SER A 105 2.58 7.87 -1.91
C SER A 105 2.00 6.67 -1.16
N ILE A 106 2.73 5.56 -1.19
CA ILE A 106 2.30 4.32 -0.55
C ILE A 106 3.33 3.91 0.50
N HIS A 107 2.90 3.26 1.58
CA HIS A 107 3.81 2.86 2.65
C HIS A 107 3.63 1.38 3.00
N ALA A 108 4.69 0.79 3.52
CA ALA A 108 4.81 -0.65 3.76
C ALA A 108 3.95 -1.17 4.94
N SER A 109 3.11 -0.30 5.50
CA SER A 109 2.44 -0.61 6.77
C SER A 109 1.57 -1.87 6.67
N SER A 110 1.76 -2.76 7.63
CA SER A 110 1.17 -4.09 7.60
C SER A 110 -0.28 -4.08 8.11
N ARG A 111 -0.89 -5.28 8.08
CA ARG A 111 -2.31 -5.48 8.37
C ARG A 111 -2.80 -4.69 9.58
N VAL A 112 -3.86 -3.89 9.37
CA VAL A 112 -4.47 -3.06 10.40
C VAL A 112 -5.94 -3.42 10.59
N ASP A 113 -6.60 -2.79 11.56
CA ASP A 113 -8.04 -2.95 11.73
C ASP A 113 -8.77 -1.94 10.83
N ALA A 114 -9.79 -2.42 10.12
CA ALA A 114 -10.51 -1.60 9.15
C ALA A 114 -11.55 -0.69 9.82
N ASP A 115 -11.75 0.49 9.24
CA ASP A 115 -12.77 1.43 9.72
C ASP A 115 -13.78 1.73 8.61
N GLY A 116 -13.26 2.15 7.46
CA GLY A 116 -14.12 2.52 6.34
C GLY A 116 -13.49 3.56 5.44
N PHE A 117 -13.83 3.51 4.16
CA PHE A 117 -13.32 4.47 3.18
C PHE A 117 -14.29 5.63 3.05
N GLU A 118 -13.87 6.83 3.48
CA GLU A 118 -14.72 8.02 3.37
C GLU A 118 -13.87 9.28 3.44
N ILE A 119 -14.02 10.15 2.46
CA ILE A 119 -13.30 11.42 2.47
C ILE A 119 -13.80 12.27 3.62
N ARG A 120 -13.23 12.04 4.79
CA ARG A 120 -13.64 12.68 6.03
C ARG A 120 -12.87 13.97 6.23
N ARG A 121 -13.58 15.07 6.41
CA ARG A 121 -12.96 16.36 6.68
C ARG A 121 -13.40 16.87 8.05
#